data_7B2Q
#
_entry.id   7B2Q
#
_cell.length_a   1.00
_cell.length_b   1.00
_cell.length_c   1.00
_cell.angle_alpha   90.00
_cell.angle_beta   90.00
_cell.angle_gamma   90.00
#
_symmetry.space_group_name_H-M   'P 1'
#
loop_
_entity.id
_entity.type
_entity.pdbx_description
1 polymer 'Complement C4 beta chain'
2 polymer 'Complement C4 alpha chain'
3 polymer 'Complement C4 gamma chain'
4 polymer 'Anti-C4b nanobody B12'
5 branched 2-acetamido-2-deoxy-beta-D-glucopyranose-(1-4)-2-acetamido-2-deoxy-beta-D-glucopyranose
6 non-polymer 2-acetamido-2-deoxy-beta-D-glucopyranose
#
loop_
_entity_poly.entity_id
_entity_poly.type
_entity_poly.pdbx_seq_one_letter_code
_entity_poly.pdbx_strand_id
1 'polypeptide(L)'
;KPRLLLFSPSVVHLGVPLSVGVQLQDVPRGQVVKGSVFLRNPSRNNVPCSPKVDFTLSSERDFALLSLQVPLKDAKSCGL
HQLLRGPEVQLVAHSPWLKDSLSRTTNIQGINLLFSSRRGHLFLQTDQPIYNPGQRVRYRVFALDQKMRPSTDTITVMVE
NSHGLRVRKKEVYMPSSIFQDDFVIPDISEPGTWKISARFSDGLESNSSTQFEVKKYVLPNFEVKITPGKPYILTVPGHL
DEMQLDIQARYIYGKPVQGVAYVRFGLLDEDGKKTFFRGLESQTKLVNGQSHISLSKAEFQDALEKLNMGITDLQGLRLY
VAAAIIESPGGEMEEAELTSWYFVSSPFSLDLSKTKRHLVPGAPFLLQALVREMSGSPASGIPVKVSATVSSPGSVPEVQ
DIQQNTDGSGQVSIPIIIPQTISELQLSVSAGSPHPAIARLTVAAPPSGGPGFLSIERPDSRPPRVGDTLNLNLRAVGSG
ATFSHYYYMILSRGQIVFMNREPKRTLTSVSVFVDHHLAPSFYFVAFYYHGDHPVANSLRVDVQAGACEGKLELSVDGAK
QYRNGESVKLHLETDSLALVALGALDTALYAAGSKSHKPLNMGKVFEAMNSYDLGCGPGGGDSALQVFQAAGLAFSDGDQ
WTLSRKRLSCPKEKTT
;
A
2 'polypeptide(L)'
;NVNFQKAINEKLGQYASPTAKRCCQDGVTRLPMMRSCEQRAARVQQPDCREPFLSCCQFAESLRKKSRDKGQAGLQRALE
ILQEEDLIDEDDIPVRSFFPENWLWRVETVDRFQILTLWLPDSLTTWEIHGLSLSKTKGLCVATPVQLRVFREFHLHLRL
PMSVRRFEQLELRPVLYNYLDKNLTVSVHVSPVEGLCLAGGGGLAQQVLVPAGSARPVAFSVVPTAAAAVSLKVVARGSF
EFPVGDAVSKVLQIEKEGAIHREELVYELNPLDHRGRTLEIPGNSDPNMIPDGDFNSYVRVTASDPLDTLGSEGALSPGG
VASLLRLPRGCGEQTMIYLAPTLAASRYLDKTEQWSTLPPETKDHAVDLIQKGYMRIQQFRKADGSYAAWLSRDSSTWLT
AFVLKVLSLAQEQVGGSPEKLQETSNWLLSQQQADGSFQDPCPVLDRSMQGGLVGNDETVALTAFVTIALHHGLAVFQDE
GAEPLKQRVEASISKANSFLGEKASAGLLGAHAAAITAYALSLTKAPVDLLGVAHNNLMAMAQETGDNLYWGSVTGSQSN
AVSPTPAPRNPSDPMPQAPALWIETTAYALLHLLLHEGKAEMADQASAWLTRQGSFQGGFRSTQDTVIALDALSAYWIAS
HTTEERGLNVTLSSTGRNGFKSHALQLNNRQIRGLEEELQFSLGSKINVKVGGNSKGTLKVLRTYNVLDMKNTTCQDLQI
EVTVKGHVEYTMEANEDYEDYEYDELPAKDDPDAPLQPVTPLQLFEG
;
B
3 'polypeptide(L)'
;EAPKVVEEQESRVHYTVCIWRNGKVGLSGMAIADVTLLSGFHALRADLEKLTSLSDRYVSHFETEGPHVLLYFDSVPTSR
ECVGFEAVQEVPVGLVQPASATLYDYYNPERRCSVFYGAPSKSRLLATLCSAEVCQCAEGKCPRQRRALERGLQDEDGYR
MKFACYYPRVEYGFQVKVLREDSRAAFRLFETKITQVLHFTKDVKAAANQMRNFLVRASCRLRLEPGKEYLIMGLDGATY
DLEGHPQYLLDSNSWIEEMPSERLCRSTRQRAACAQLNDFLQEYGTQGCQV
;
C
4 'polypeptide(L)'
;EVQLVESGGGLVQAGGSLRLSCVASERTYMAWFRQAPGKEREFVAAITSSGMMTEYAPSVKGRFTISRDNAKNTVYLQMN
SLKPEDTAVYYCAADLRQRFGERVTEYDYWGQGTQVTVSSHGSGLVPRGSGGGHHHHHH
;
D
#
# COMPACT_ATOMS: atom_id res chain seq x y z
N LYS A 1 -5.34 -40.85 36.40
CA LYS A 1 -5.77 -39.50 36.08
C LYS A 1 -5.87 -39.32 34.57
N PRO A 2 -6.80 -40.03 33.94
CA PRO A 2 -6.97 -39.88 32.49
C PRO A 2 -7.42 -38.48 32.14
N ARG A 3 -7.04 -38.04 30.95
CA ARG A 3 -7.43 -36.72 30.47
C ARG A 3 -7.83 -36.79 29.01
N LEU A 4 -8.67 -35.85 28.61
CA LEU A 4 -9.10 -35.69 27.22
C LEU A 4 -8.50 -34.41 26.69
N LEU A 5 -7.55 -34.54 25.77
CA LEU A 5 -6.82 -33.41 25.22
C LEU A 5 -7.55 -32.88 24.00
N LEU A 6 -7.74 -31.56 23.94
CA LEU A 6 -8.47 -30.93 22.85
C LEU A 6 -7.55 -29.92 22.17
N PHE A 7 -7.28 -30.13 20.89
CA PHE A 7 -6.36 -29.30 20.12
C PHE A 7 -7.09 -28.75 18.90
N SER A 8 -6.84 -27.49 18.58
CA SER A 8 -7.39 -26.88 17.36
C SER A 8 -6.67 -25.57 17.14
N PRO A 9 -6.61 -25.08 15.90
CA PRO A 9 -5.97 -23.80 15.64
C PRO A 9 -6.67 -22.70 16.43
N SER A 10 -5.88 -21.74 16.92
CA SER A 10 -6.42 -20.68 17.76
C SER A 10 -7.22 -19.64 16.99
N VAL A 11 -7.53 -19.88 15.72
CA VAL A 11 -8.42 -19.03 14.95
C VAL A 11 -9.22 -19.90 14.00
N VAL A 12 -10.51 -19.62 13.86
CA VAL A 12 -11.40 -20.37 13.01
C VAL A 12 -12.00 -19.44 11.96
N HIS A 13 -11.94 -19.83 10.71
CA HIS A 13 -12.43 -19.02 9.59
C HIS A 13 -13.80 -19.53 9.19
N LEU A 14 -14.81 -18.67 9.31
CA LEU A 14 -16.18 -19.08 9.06
C LEU A 14 -16.40 -19.36 7.58
N GLY A 15 -16.98 -20.52 7.29
CA GLY A 15 -17.28 -20.92 5.93
C GLY A 15 -16.33 -21.97 5.38
N VAL A 16 -15.24 -22.29 6.07
CA VAL A 16 -14.29 -23.28 5.60
C VAL A 16 -14.11 -24.34 6.67
N PRO A 17 -13.82 -25.59 6.30
CA PRO A 17 -13.75 -26.66 7.30
C PRO A 17 -12.71 -26.37 8.35
N LEU A 18 -13.02 -26.74 9.59
CA LEU A 18 -12.10 -26.62 10.71
C LEU A 18 -11.64 -28.01 11.12
N SER A 19 -10.38 -28.13 11.54
CA SER A 19 -9.81 -29.38 11.99
C SER A 19 -9.50 -29.29 13.47
N VAL A 20 -10.00 -30.26 14.24
CA VAL A 20 -9.83 -30.29 15.69
C VAL A 20 -9.10 -31.56 16.06
N GLY A 21 -8.04 -31.44 16.84
CA GLY A 21 -7.26 -32.56 17.28
C GLY A 21 -7.63 -32.94 18.70
N VAL A 22 -8.13 -34.16 18.86
CA VAL A 22 -8.53 -34.68 20.16
C VAL A 22 -7.90 -36.04 20.35
N GLN A 23 -7.49 -36.34 21.58
CA GLN A 23 -6.90 -37.63 21.89
C GLN A 23 -7.06 -37.89 23.37
N LEU A 24 -6.73 -39.12 23.77
CA LEU A 24 -6.77 -39.55 25.15
C LEU A 24 -5.37 -39.92 25.61
N GLN A 25 -5.11 -39.73 26.89
CA GLN A 25 -3.86 -40.15 27.49
C GLN A 25 -4.14 -40.73 28.86
N ASP A 26 -3.33 -41.71 29.27
CA ASP A 26 -3.50 -42.39 30.54
C ASP A 26 -4.88 -43.05 30.61
N VAL A 27 -5.09 -44.01 29.72
CA VAL A 27 -6.36 -44.74 29.66
C VAL A 27 -6.15 -46.14 30.24
N PRO A 28 -7.12 -46.70 30.95
CA PRO A 28 -6.98 -48.08 31.43
C PRO A 28 -6.96 -49.14 30.33
N ARG A 29 -7.05 -48.74 29.05
CA ARG A 29 -6.96 -49.64 27.90
C ARG A 29 -8.16 -50.57 27.78
N GLY A 30 -9.23 -50.32 28.52
CA GLY A 30 -10.39 -51.21 28.48
C GLY A 30 -11.70 -50.49 28.28
N GLN A 31 -11.65 -49.22 27.90
CA GLN A 31 -12.85 -48.42 27.70
C GLN A 31 -12.77 -47.65 26.39
N VAL A 32 -13.94 -47.39 25.82
CA VAL A 32 -14.07 -46.58 24.61
C VAL A 32 -14.85 -45.33 24.97
N VAL A 33 -14.30 -44.17 24.60
CA VAL A 33 -14.89 -42.88 24.93
C VAL A 33 -15.47 -42.28 23.65
N LYS A 34 -16.75 -41.93 23.70
CA LYS A 34 -17.45 -41.33 22.58
C LYS A 34 -18.04 -40.00 23.02
N GLY A 35 -17.97 -39.02 22.13
CA GLY A 35 -18.46 -37.70 22.46
C GLY A 35 -18.65 -36.87 21.20
N SER A 36 -18.95 -35.61 21.40
CA SER A 36 -19.22 -34.70 20.30
C SER A 36 -18.47 -33.39 20.50
N VAL A 37 -18.01 -32.81 19.40
CA VAL A 37 -17.38 -31.49 19.38
C VAL A 37 -18.18 -30.60 18.44
N PHE A 38 -18.51 -29.41 18.93
CA PHE A 38 -19.31 -28.47 18.16
C PHE A 38 -18.96 -27.05 18.60
N LEU A 39 -19.25 -26.09 17.73
CA LEU A 39 -18.95 -24.69 17.99
C LEU A 39 -20.19 -24.03 18.58
N ARG A 40 -20.10 -23.64 19.85
CA ARG A 40 -21.16 -22.93 20.53
C ARG A 40 -20.62 -21.59 21.01
N ASN A 41 -21.37 -20.52 20.76
CA ASN A 41 -21.03 -19.21 21.30
C ASN A 41 -21.79 -18.96 22.59
N PRO A 42 -21.15 -18.48 23.65
CA PRO A 42 -21.82 -18.46 24.96
C PRO A 42 -22.88 -17.37 25.07
N SER A 43 -22.69 -16.24 24.40
CA SER A 43 -23.53 -15.07 24.64
C SER A 43 -24.97 -15.28 24.19
N ARG A 44 -25.27 -16.33 23.44
CA ARG A 44 -26.62 -16.53 22.91
C ARG A 44 -27.20 -17.87 23.34
N ASN A 45 -27.08 -18.19 24.62
CA ASN A 45 -27.68 -19.40 25.18
C ASN A 45 -27.06 -20.66 24.59
N ASN A 46 -25.78 -20.59 24.25
CA ASN A 46 -25.00 -21.76 23.87
C ASN A 46 -25.55 -22.44 22.62
N VAL A 47 -26.27 -21.71 21.79
CA VAL A 47 -26.79 -22.33 20.57
C VAL A 47 -25.63 -22.74 19.69
N PRO A 48 -25.67 -23.92 19.05
CA PRO A 48 -24.53 -24.33 18.22
C PRO A 48 -24.40 -23.44 16.98
N CYS A 49 -23.15 -23.23 16.56
CA CYS A 49 -22.84 -22.49 15.35
C CYS A 49 -22.37 -23.41 14.23
N SER A 50 -22.43 -24.72 14.43
CA SER A 50 -21.93 -25.68 13.44
C SER A 50 -22.60 -27.02 13.71
N PRO A 51 -22.65 -27.90 12.70
CA PRO A 51 -23.23 -29.22 12.94
C PRO A 51 -22.42 -30.03 13.95
N LYS A 52 -23.12 -30.91 14.66
CA LYS A 52 -22.46 -31.74 15.66
C LYS A 52 -21.52 -32.72 14.98
N VAL A 53 -20.36 -32.94 15.58
CA VAL A 53 -19.37 -33.89 15.08
C VAL A 53 -18.91 -34.75 16.25
N ASP A 54 -18.93 -36.06 16.06
CA ASP A 54 -18.55 -37.03 17.08
C ASP A 54 -17.28 -37.75 16.65
N PHE A 55 -16.50 -38.18 17.64
CA PHE A 55 -15.23 -38.84 17.39
C PHE A 55 -15.25 -40.33 17.70
N THR A 56 -15.95 -40.75 18.74
CA THR A 56 -16.10 -42.16 19.10
C THR A 56 -14.79 -42.94 18.88
N LEU A 57 -13.74 -42.51 19.56
CA LEU A 57 -12.46 -43.19 19.50
C LEU A 57 -12.27 -44.05 20.76
N SER A 58 -11.31 -44.95 20.68
CA SER A 58 -11.02 -45.91 21.75
C SER A 58 -9.56 -45.78 22.19
N SER A 59 -9.16 -46.66 23.11
CA SER A 59 -7.80 -46.61 23.63
C SER A 59 -6.78 -47.13 22.62
N GLU A 60 -7.12 -48.21 21.91
CA GLU A 60 -6.19 -48.73 20.91
C GLU A 60 -5.90 -47.72 19.81
N ARG A 61 -6.81 -46.78 19.58
CA ARG A 61 -6.59 -45.65 18.68
C ARG A 61 -6.99 -44.39 19.45
N ASP A 62 -6.06 -43.84 20.23
CA ASP A 62 -6.35 -42.70 21.09
C ASP A 62 -6.18 -41.36 20.40
N PHE A 63 -5.67 -41.34 19.16
CA PHE A 63 -5.52 -40.11 18.40
C PHE A 63 -6.56 -40.07 17.28
N ALA A 64 -7.20 -38.92 17.12
CA ALA A 64 -8.22 -38.77 16.09
C ALA A 64 -8.21 -37.35 15.56
N LEU A 65 -8.28 -37.21 14.24
CA LEU A 65 -8.35 -35.91 13.58
C LEU A 65 -9.76 -35.73 13.03
N LEU A 66 -10.47 -34.73 13.52
CA LEU A 66 -11.86 -34.50 13.17
C LEU A 66 -11.95 -33.31 12.22
N SER A 67 -12.58 -33.52 11.06
CA SER A 67 -12.82 -32.46 10.10
C SER A 67 -14.16 -31.82 10.43
N LEU A 68 -14.13 -30.74 11.21
CA LEU A 68 -15.33 -30.07 11.66
C LEU A 68 -15.74 -29.02 10.64
N GLN A 69 -16.95 -29.16 10.11
CA GLN A 69 -17.52 -28.17 9.21
C GLN A 69 -18.17 -27.06 10.03
N VAL A 70 -17.93 -25.82 9.65
CA VAL A 70 -18.48 -24.66 10.36
C VAL A 70 -19.17 -23.75 9.35
N PRO A 71 -20.34 -24.14 8.82
CA PRO A 71 -21.01 -23.28 7.84
C PRO A 71 -21.33 -21.91 8.42
N LEU A 72 -21.26 -20.91 7.55
CA LEU A 72 -21.52 -19.53 7.93
C LEU A 72 -22.98 -19.26 8.24
N LYS A 73 -23.90 -20.02 7.65
CA LYS A 73 -25.31 -19.80 7.91
C LYS A 73 -25.63 -19.99 9.39
N ASP A 74 -25.05 -21.03 10.01
CA ASP A 74 -25.26 -21.23 11.43
C ASP A 74 -24.67 -20.09 12.26
N ALA A 75 -23.56 -19.49 11.80
CA ALA A 75 -22.98 -18.38 12.53
C ALA A 75 -23.97 -17.23 12.66
N LYS A 76 -24.69 -16.94 11.57
CA LYS A 76 -25.78 -15.97 11.66
C LYS A 76 -26.86 -16.46 12.61
N SER A 77 -27.19 -17.75 12.55
CA SER A 77 -28.24 -18.29 13.39
C SER A 77 -27.90 -18.14 14.87
N CYS A 78 -26.65 -18.42 15.24
CA CYS A 78 -26.23 -18.28 16.62
C CYS A 78 -25.81 -16.85 16.97
N GLY A 79 -25.98 -15.91 16.06
CA GLY A 79 -25.72 -14.51 16.35
C GLY A 79 -24.27 -14.17 16.60
N LEU A 80 -23.36 -14.73 15.80
CA LEU A 80 -21.95 -14.36 15.95
C LEU A 80 -21.67 -12.98 15.38
N HIS A 81 -22.38 -12.59 14.32
CA HIS A 81 -22.21 -11.25 13.76
C HIS A 81 -22.79 -10.17 14.65
N GLN A 82 -23.53 -10.54 15.70
CA GLN A 82 -24.18 -9.58 16.58
C GLN A 82 -23.39 -9.32 17.86
N LEU A 83 -22.17 -9.85 17.96
CA LEU A 83 -21.34 -9.55 19.11
C LEU A 83 -20.96 -8.07 19.12
N LEU A 84 -20.69 -7.56 20.33
CA LEU A 84 -20.36 -6.16 20.49
C LEU A 84 -18.93 -5.89 20.94
N ARG A 85 -18.14 -6.94 21.20
CA ARG A 85 -16.73 -6.77 21.58
C ARG A 85 -15.96 -8.03 21.16
N GLY A 86 -15.31 -7.96 20.01
CA GLY A 86 -14.42 -9.01 19.58
C GLY A 86 -15.16 -10.24 19.09
N PRO A 87 -14.63 -10.91 18.07
CA PRO A 87 -15.28 -12.14 17.54
C PRO A 87 -14.86 -13.42 18.28
N GLU A 88 -15.43 -13.61 19.47
CA GLU A 88 -15.04 -14.70 20.36
C GLU A 88 -16.09 -15.81 20.30
N VAL A 89 -15.71 -16.94 19.71
CA VAL A 89 -16.54 -18.14 19.70
C VAL A 89 -15.85 -19.18 20.55
N GLN A 90 -16.63 -20.18 20.98
CA GLN A 90 -16.12 -21.26 21.82
C GLN A 90 -16.31 -22.60 21.12
N LEU A 91 -15.30 -23.44 21.21
CA LEU A 91 -15.35 -24.81 20.73
C LEU A 91 -15.32 -25.73 21.94
N VAL A 92 -16.31 -26.61 22.04
CA VAL A 92 -16.44 -27.49 23.20
C VAL A 92 -16.56 -28.92 22.75
N ALA A 93 -16.14 -29.84 23.62
CA ALA A 93 -16.26 -31.26 23.41
C ALA A 93 -17.22 -31.82 24.47
N HIS A 94 -18.36 -32.32 24.03
CA HIS A 94 -19.37 -32.84 24.95
C HIS A 94 -19.32 -34.36 24.92
N SER A 95 -19.20 -34.96 26.09
CA SER A 95 -19.20 -36.42 26.21
C SER A 95 -19.58 -36.80 27.63
N PRO A 96 -20.54 -37.72 27.83
CA PRO A 96 -20.88 -38.11 29.20
C PRO A 96 -19.73 -38.77 29.94
N TRP A 97 -18.72 -39.26 29.21
CA TRP A 97 -17.62 -39.96 29.85
C TRP A 97 -16.85 -39.08 30.83
N LEU A 98 -16.88 -37.75 30.64
CA LEU A 98 -16.10 -36.88 31.52
C LEU A 98 -16.70 -36.81 32.93
N LYS A 99 -18.03 -36.86 33.03
CA LYS A 99 -18.66 -36.74 34.35
C LYS A 99 -18.73 -38.08 35.06
N ASP A 100 -19.12 -39.13 34.35
CA ASP A 100 -19.31 -40.43 34.99
C ASP A 100 -17.97 -41.05 35.39
N SER A 101 -16.96 -40.97 34.51
CA SER A 101 -15.68 -41.64 34.76
C SER A 101 -14.72 -40.73 35.52
N LEU A 102 -14.39 -39.58 34.95
CA LEU A 102 -13.42 -38.68 35.56
C LEU A 102 -14.00 -37.89 36.74
N SER A 103 -15.31 -37.93 36.94
CA SER A 103 -15.95 -37.21 38.04
C SER A 103 -15.58 -35.73 38.01
N ARG A 104 -15.57 -35.16 36.80
CA ARG A 104 -15.30 -33.73 36.64
C ARG A 104 -16.54 -32.93 37.02
N THR A 105 -16.41 -31.60 36.96
CA THR A 105 -17.53 -30.74 37.28
C THR A 105 -18.66 -30.90 36.27
N THR A 106 -18.32 -30.98 34.99
CA THR A 106 -19.33 -31.04 33.93
C THR A 106 -18.87 -32.03 32.85
N ASN A 107 -19.85 -32.54 32.11
CA ASN A 107 -19.57 -33.47 31.02
C ASN A 107 -19.32 -32.73 29.72
N ILE A 108 -18.41 -31.76 29.75
CA ILE A 108 -18.08 -30.97 28.57
C ILE A 108 -16.73 -30.33 28.80
N GLN A 109 -15.90 -30.34 27.76
CA GLN A 109 -14.57 -29.75 27.80
C GLN A 109 -14.35 -28.99 26.51
N GLY A 110 -13.80 -27.78 26.62
CA GLY A 110 -13.71 -26.91 25.47
C GLY A 110 -12.57 -25.92 25.57
N ILE A 111 -12.57 -24.98 24.62
CA ILE A 111 -11.52 -23.98 24.46
C ILE A 111 -12.17 -22.68 23.97
N ASN A 112 -11.35 -21.63 23.91
CA ASN A 112 -11.78 -20.31 23.44
C ASN A 112 -11.07 -20.01 22.13
N LEU A 113 -11.84 -19.68 21.10
CA LEU A 113 -11.30 -19.41 19.78
C LEU A 113 -11.74 -18.04 19.30
N LEU A 114 -10.84 -17.34 18.62
CA LEU A 114 -11.15 -16.07 17.98
C LEU A 114 -11.49 -16.34 16.52
N PHE A 115 -12.76 -16.28 16.17
CA PHE A 115 -13.15 -16.48 14.79
C PHE A 115 -12.97 -15.19 14.00
N SER A 116 -12.99 -15.34 12.68
CA SER A 116 -12.85 -14.19 11.79
C SER A 116 -13.33 -14.59 10.41
N SER A 117 -14.02 -13.67 9.75
CA SER A 117 -14.63 -13.98 8.46
C SER A 117 -13.61 -14.17 7.35
N ARG A 118 -12.34 -13.82 7.58
CA ARG A 118 -11.34 -13.93 6.53
C ARG A 118 -11.30 -15.36 6.01
N ARG A 119 -11.39 -15.51 4.69
CA ARG A 119 -11.40 -16.84 4.09
C ARG A 119 -11.14 -16.70 2.59
N GLY A 120 -10.79 -17.82 1.98
CA GLY A 120 -10.55 -17.85 0.55
C GLY A 120 -9.36 -17.00 0.16
N HIS A 121 -8.80 -17.25 -1.02
CA HIS A 121 -7.66 -16.51 -1.54
C HIS A 121 -8.11 -15.76 -2.78
N LEU A 122 -7.86 -14.45 -2.79
CA LEU A 122 -8.29 -13.57 -3.88
C LEU A 122 -7.07 -12.90 -4.49
N PHE A 123 -6.81 -13.17 -5.76
CA PHE A 123 -5.68 -12.61 -6.48
C PHE A 123 -6.21 -11.66 -7.55
N LEU A 124 -5.69 -10.44 -7.55
CA LEU A 124 -6.12 -9.41 -8.50
C LEU A 124 -5.02 -9.18 -9.54
N GLN A 125 -5.43 -9.09 -10.80
CA GLN A 125 -4.51 -8.87 -11.90
C GLN A 125 -5.04 -7.71 -12.74
N THR A 126 -4.28 -6.62 -12.80
CA THR A 126 -4.68 -5.44 -13.57
C THR A 126 -4.04 -5.47 -14.97
N ASP A 127 -4.56 -4.63 -15.84
CA ASP A 127 -4.15 -4.66 -17.24
C ASP A 127 -2.66 -4.31 -17.38
N GLN A 128 -2.26 -3.17 -16.83
CA GLN A 128 -0.87 -2.74 -16.88
C GLN A 128 -0.57 -1.99 -15.61
N PRO A 129 0.69 -2.00 -15.16
CA PRO A 129 0.99 -1.47 -13.83
C PRO A 129 0.73 0.02 -13.66
N ILE A 130 0.69 0.80 -14.74
CA ILE A 130 0.59 2.25 -14.64
C ILE A 130 -0.35 2.76 -15.73
N TYR A 131 -1.13 3.79 -15.40
CA TYR A 131 -2.12 4.34 -16.32
C TYR A 131 -1.99 5.85 -16.40
N ASN A 132 -2.18 6.40 -17.61
CA ASN A 132 -2.33 7.84 -17.73
C ASN A 132 -3.80 8.18 -17.89
N PRO A 133 -4.26 9.29 -17.30
CA PRO A 133 -5.70 9.53 -17.25
C PRO A 133 -6.33 9.50 -18.63
N GLY A 134 -7.53 8.91 -18.70
CA GLY A 134 -8.23 8.73 -19.95
C GLY A 134 -8.18 7.33 -20.52
N GLN A 135 -7.41 6.44 -19.91
CA GLN A 135 -7.25 5.09 -20.42
C GLN A 135 -8.28 4.14 -19.80
N ARG A 136 -8.59 3.07 -20.54
CA ARG A 136 -9.55 2.07 -20.10
C ARG A 136 -8.83 1.02 -19.28
N VAL A 137 -9.17 0.92 -18.00
CA VAL A 137 -8.52 0.00 -17.08
C VAL A 137 -9.27 -1.32 -17.12
N ARG A 138 -8.55 -2.40 -17.44
CA ARG A 138 -9.06 -3.75 -17.34
C ARG A 138 -8.47 -4.41 -16.11
N TYR A 139 -9.09 -5.50 -15.67
CA TYR A 139 -8.57 -6.24 -14.53
C TYR A 139 -9.42 -7.48 -14.35
N ARG A 140 -8.93 -8.38 -13.50
CA ARG A 140 -9.69 -9.58 -13.14
C ARG A 140 -9.20 -10.06 -11.79
N VAL A 141 -10.09 -10.68 -11.03
CA VAL A 141 -9.80 -11.20 -9.71
C VAL A 141 -10.09 -12.68 -9.70
N PHE A 142 -9.16 -13.45 -9.14
CA PHE A 142 -9.29 -14.90 -9.03
C PHE A 142 -9.83 -15.25 -7.65
N ALA A 143 -10.86 -16.09 -7.61
CA ALA A 143 -11.45 -16.56 -6.37
C ALA A 143 -10.95 -17.97 -6.10
N LEU A 144 -10.28 -18.16 -4.98
CA LEU A 144 -9.74 -19.46 -4.60
C LEU A 144 -10.05 -19.73 -3.13
N ASP A 145 -10.49 -20.94 -2.84
CA ASP A 145 -10.83 -21.33 -1.48
C ASP A 145 -9.54 -21.55 -0.70
N GLN A 146 -9.65 -22.06 0.53
CA GLN A 146 -8.46 -22.31 1.34
C GLN A 146 -7.55 -23.33 0.65
N LYS A 147 -8.13 -24.39 0.09
CA LYS A 147 -7.36 -25.45 -0.55
C LYS A 147 -6.83 -25.07 -1.92
N MET A 148 -6.87 -23.78 -2.28
CA MET A 148 -6.33 -23.31 -3.55
C MET A 148 -6.95 -24.03 -4.73
N ARG A 149 -8.26 -24.26 -4.64
CA ARG A 149 -9.05 -24.72 -5.77
C ARG A 149 -10.05 -23.64 -6.16
N PRO A 150 -10.47 -23.58 -7.42
CA PRO A 150 -11.40 -22.52 -7.84
C PRO A 150 -12.67 -22.54 -7.02
N SER A 151 -13.10 -21.36 -6.60
CA SER A 151 -14.34 -21.18 -5.85
C SER A 151 -15.39 -20.53 -6.76
N THR A 152 -16.64 -20.58 -6.31
CA THR A 152 -17.76 -20.05 -7.07
C THR A 152 -18.66 -19.17 -6.21
N ASP A 153 -18.10 -18.56 -5.17
CA ASP A 153 -18.87 -17.71 -4.27
C ASP A 153 -19.12 -16.35 -4.93
N THR A 154 -19.64 -15.41 -4.15
CA THR A 154 -19.94 -14.06 -4.63
C THR A 154 -19.02 -13.07 -3.92
N ILE A 155 -18.52 -12.10 -4.67
CA ILE A 155 -17.55 -11.14 -4.16
C ILE A 155 -18.01 -9.72 -4.51
N THR A 156 -17.49 -8.75 -3.76
CA THR A 156 -17.81 -7.35 -3.93
C THR A 156 -16.56 -6.62 -4.41
N VAL A 157 -16.44 -6.45 -5.72
CA VAL A 157 -15.30 -5.75 -6.30
C VAL A 157 -15.44 -4.26 -6.01
N MET A 158 -14.39 -3.68 -5.45
CA MET A 158 -14.39 -2.28 -5.04
C MET A 158 -13.16 -1.59 -5.60
N VAL A 159 -13.35 -0.42 -6.21
CA VAL A 159 -12.28 0.31 -6.87
C VAL A 159 -12.12 1.65 -6.17
N GLU A 160 -11.12 1.75 -5.30
CA GLU A 160 -10.91 2.96 -4.52
C GLU A 160 -10.15 3.99 -5.34
N ASN A 161 -10.06 5.21 -4.81
CA ASN A 161 -9.40 6.33 -5.47
C ASN A 161 -8.15 6.72 -4.69
N SER A 162 -7.38 7.65 -5.27
CA SER A 162 -6.13 8.06 -4.64
C SER A 162 -6.36 8.69 -3.28
N HIS A 163 -7.37 9.56 -3.16
CA HIS A 163 -7.66 10.18 -1.88
C HIS A 163 -8.22 9.20 -0.86
N GLY A 164 -8.59 8.01 -1.28
CA GLY A 164 -9.25 7.05 -0.43
C GLY A 164 -10.76 7.02 -0.57
N LEU A 165 -11.27 7.20 -1.77
CA LEU A 165 -12.71 7.30 -2.02
C LEU A 165 -13.14 6.21 -2.99
N ARG A 166 -14.24 5.54 -2.67
CA ARG A 166 -14.76 4.51 -3.55
C ARG A 166 -15.20 5.13 -4.88
N VAL A 167 -15.05 4.38 -5.96
CA VAL A 167 -15.37 4.89 -7.29
C VAL A 167 -16.26 3.91 -8.04
N ARG A 168 -16.25 2.65 -7.65
CA ARG A 168 -17.00 1.63 -8.38
C ARG A 168 -17.14 0.39 -7.51
N LYS A 169 -18.37 -0.03 -7.27
CA LYS A 169 -18.65 -1.25 -6.53
C LYS A 169 -19.46 -2.18 -7.42
N LYS A 170 -19.02 -3.43 -7.52
CA LYS A 170 -19.72 -4.44 -8.30
C LYS A 170 -19.81 -5.73 -7.51
N GLU A 171 -21.02 -6.26 -7.39
CA GLU A 171 -21.24 -7.57 -6.80
C GLU A 171 -21.64 -8.54 -7.90
N VAL A 172 -21.04 -9.71 -7.92
CA VAL A 172 -21.26 -10.69 -8.97
C VAL A 172 -20.97 -12.08 -8.44
N TYR A 173 -21.73 -13.05 -8.94
CA TYR A 173 -21.48 -14.46 -8.67
C TYR A 173 -20.80 -15.07 -9.88
N MET A 174 -19.65 -15.71 -9.67
CA MET A 174 -18.84 -16.23 -10.75
C MET A 174 -18.88 -17.75 -10.75
N PRO A 175 -19.56 -18.39 -11.70
CA PRO A 175 -19.51 -19.85 -11.77
C PRO A 175 -18.21 -20.40 -12.36
N SER A 176 -17.38 -19.55 -12.97
CA SER A 176 -16.13 -19.99 -13.55
C SER A 176 -14.91 -19.58 -12.73
N SER A 177 -15.10 -18.84 -11.65
CA SER A 177 -14.06 -18.44 -10.71
C SER A 177 -13.17 -17.32 -11.24
N ILE A 178 -13.32 -16.90 -12.49
CA ILE A 178 -12.59 -15.78 -13.05
C ILE A 178 -13.59 -14.68 -13.38
N PHE A 179 -13.39 -13.50 -12.82
CA PHE A 179 -14.27 -12.37 -13.03
C PHE A 179 -13.51 -11.29 -13.79
N GLN A 180 -13.92 -11.05 -15.04
CA GLN A 180 -13.31 -10.05 -15.89
C GLN A 180 -14.14 -8.77 -15.86
N ASP A 181 -13.45 -7.64 -15.85
CA ASP A 181 -14.12 -6.35 -15.69
C ASP A 181 -13.23 -5.26 -16.27
N ASP A 182 -13.88 -4.23 -16.83
CA ASP A 182 -13.20 -3.07 -17.39
C ASP A 182 -13.73 -1.80 -16.76
N PHE A 183 -12.82 -0.93 -16.33
CA PHE A 183 -13.16 0.30 -15.64
C PHE A 183 -12.40 1.45 -16.29
N VAL A 184 -13.04 2.62 -16.33
CA VAL A 184 -12.53 3.77 -17.07
C VAL A 184 -12.14 4.86 -16.09
N ILE A 185 -10.93 5.39 -16.23
CA ILE A 185 -10.41 6.44 -15.36
C ILE A 185 -11.01 7.77 -15.79
N PRO A 186 -11.25 8.71 -14.87
CA PRO A 186 -11.61 10.06 -15.29
C PRO A 186 -10.47 10.72 -16.05
N ASP A 187 -10.83 11.62 -16.97
CA ASP A 187 -9.81 12.33 -17.74
C ASP A 187 -9.15 13.43 -16.94
N ILE A 188 -9.63 13.72 -15.73
CA ILE A 188 -9.09 14.80 -14.92
C ILE A 188 -8.33 14.30 -13.69
N SER A 189 -8.43 13.01 -13.37
CA SER A 189 -7.86 12.53 -12.12
C SER A 189 -6.38 12.86 -12.01
N GLU A 190 -5.99 13.42 -10.88
CA GLU A 190 -4.61 13.79 -10.66
C GLU A 190 -3.76 12.53 -10.49
N PRO A 191 -2.45 12.61 -10.77
CA PRO A 191 -1.60 11.44 -10.58
C PRO A 191 -1.62 10.96 -9.14
N GLY A 192 -1.59 9.64 -8.97
CA GLY A 192 -1.62 9.06 -7.66
C GLY A 192 -1.68 7.55 -7.75
N THR A 193 -1.78 6.93 -6.58
CA THR A 193 -1.82 5.47 -6.46
C THR A 193 -3.24 5.04 -6.11
N TRP A 194 -3.94 4.48 -7.08
CA TRP A 194 -5.31 4.02 -6.89
C TRP A 194 -5.29 2.68 -6.17
N LYS A 195 -6.40 1.95 -6.18
CA LYS A 195 -6.46 0.67 -5.53
C LYS A 195 -7.71 -0.08 -5.96
N ILE A 196 -7.58 -1.38 -6.15
CA ILE A 196 -8.70 -2.28 -6.39
C ILE A 196 -8.78 -3.23 -5.22
N SER A 197 -9.97 -3.44 -4.68
CA SER A 197 -10.18 -4.34 -3.56
C SER A 197 -11.37 -5.25 -3.86
N ALA A 198 -11.18 -6.54 -3.58
CA ALA A 198 -12.23 -7.54 -3.75
C ALA A 198 -12.30 -8.40 -2.51
N ARG A 199 -13.51 -8.66 -2.04
CA ARG A 199 -13.73 -9.49 -0.87
C ARG A 199 -14.96 -10.35 -1.09
N PHE A 200 -14.98 -11.51 -0.44
CA PHE A 200 -16.12 -12.40 -0.56
C PHE A 200 -17.37 -11.74 0.02
N SER A 201 -18.48 -11.80 -0.72
CA SER A 201 -19.66 -11.05 -0.35
C SER A 201 -20.17 -11.46 1.02
N ASP A 202 -20.34 -12.76 1.25
CA ASP A 202 -20.84 -13.23 2.53
C ASP A 202 -19.88 -12.88 3.66
N GLY A 203 -18.58 -13.07 3.42
CA GLY A 203 -17.59 -12.65 4.38
C GLY A 203 -17.44 -11.14 4.41
N LEU A 204 -16.73 -10.67 5.44
CA LEU A 204 -16.60 -9.24 5.68
C LEU A 204 -15.18 -8.74 5.50
N GLU A 205 -14.20 -9.41 6.10
CA GLU A 205 -12.82 -8.95 6.09
C GLU A 205 -11.90 -9.91 5.32
N SER A 206 -12.41 -10.48 4.23
CA SER A 206 -11.62 -11.33 3.36
C SER A 206 -11.11 -10.57 2.13
N ASN A 207 -10.85 -9.27 2.28
CA ASN A 207 -10.45 -8.44 1.16
C ASN A 207 -8.99 -8.64 0.81
N SER A 208 -8.70 -8.58 -0.49
CA SER A 208 -7.34 -8.57 -1.00
C SER A 208 -7.19 -7.38 -1.94
N SER A 209 -6.16 -6.58 -1.73
CA SER A 209 -6.02 -5.27 -2.36
C SER A 209 -4.83 -5.25 -3.30
N THR A 210 -5.03 -4.78 -4.52
CA THR A 210 -3.97 -4.50 -5.47
C THR A 210 -4.02 -3.03 -5.86
N GLN A 211 -2.84 -2.45 -6.06
CA GLN A 211 -2.73 -1.01 -6.32
C GLN A 211 -2.14 -0.79 -7.70
N PHE A 212 -2.91 -0.15 -8.57
CA PHE A 212 -2.43 0.28 -9.87
C PHE A 212 -2.28 1.80 -9.85
N GLU A 213 -1.11 2.28 -10.24
CA GLU A 213 -0.78 3.70 -10.12
C GLU A 213 -1.22 4.44 -11.38
N VAL A 214 -1.85 5.59 -11.20
CA VAL A 214 -2.22 6.47 -12.30
C VAL A 214 -1.29 7.66 -12.28
N LYS A 215 -0.54 7.83 -13.37
CA LYS A 215 0.41 8.93 -13.49
C LYS A 215 0.39 9.44 -14.92
N LYS A 216 0.78 10.71 -15.08
CA LYS A 216 0.84 11.34 -16.39
C LYS A 216 2.16 10.96 -17.03
N TYR A 217 2.09 10.20 -18.11
CA TYR A 217 3.29 9.64 -18.72
C TYR A 217 3.05 9.39 -20.20
N VAL A 218 4.15 9.21 -20.92
CA VAL A 218 4.13 8.68 -22.27
C VAL A 218 5.21 7.60 -22.36
N LEU A 219 4.97 6.61 -23.22
CA LEU A 219 5.78 5.40 -23.19
C LEU A 219 7.21 5.72 -23.64
N PRO A 220 8.22 5.51 -22.78
CA PRO A 220 9.61 5.77 -23.21
C PRO A 220 10.11 4.73 -24.19
N ASN A 221 11.33 4.92 -24.70
CA ASN A 221 11.93 3.97 -25.63
C ASN A 221 13.28 3.44 -25.19
N PHE A 222 13.88 4.00 -24.15
CA PHE A 222 15.10 3.43 -23.58
C PHE A 222 15.02 3.53 -22.07
N GLU A 223 15.37 2.44 -21.40
CA GLU A 223 15.34 2.36 -19.95
C GLU A 223 16.76 2.31 -19.43
N VAL A 224 17.11 3.26 -18.58
CA VAL A 224 18.45 3.37 -18.01
C VAL A 224 18.38 2.99 -16.55
N LYS A 225 19.32 2.13 -16.13
CA LYS A 225 19.46 1.76 -14.73
C LYS A 225 20.90 1.95 -14.32
N ILE A 226 21.09 2.33 -13.06
CA ILE A 226 22.40 2.60 -12.51
C ILE A 226 22.77 1.45 -11.60
N THR A 227 23.88 0.77 -11.92
CA THR A 227 24.33 -0.39 -11.16
C THR A 227 25.67 -0.08 -10.51
N PRO A 228 25.71 0.30 -9.23
CA PRO A 228 26.99 0.58 -8.59
C PRO A 228 27.85 -0.66 -8.46
N GLY A 229 29.16 -0.46 -8.50
CA GLY A 229 30.07 -1.60 -8.43
C GLY A 229 29.88 -2.41 -7.17
N LYS A 230 29.77 -1.75 -6.03
CA LYS A 230 29.50 -2.42 -4.74
C LYS A 230 28.31 -1.71 -4.12
N PRO A 231 27.21 -2.41 -3.81
CA PRO A 231 26.00 -1.74 -3.32
C PRO A 231 26.11 -1.15 -1.92
N TYR A 232 27.29 -1.08 -1.32
CA TYR A 232 27.46 -0.47 -0.01
C TYR A 232 28.77 0.30 0.04
N ILE A 233 28.85 1.26 0.95
CA ILE A 233 30.06 2.04 1.18
C ILE A 233 30.54 1.78 2.60
N LEU A 234 31.81 1.41 2.72
CA LEU A 234 32.44 1.29 4.03
C LEU A 234 32.89 2.68 4.49
N THR A 235 32.55 3.03 5.73
CA THR A 235 32.76 4.38 6.23
C THR A 235 33.29 4.39 7.66
N VAL A 236 33.92 3.30 8.10
CA VAL A 236 34.55 3.28 9.41
C VAL A 236 35.74 4.23 9.37
N PRO A 237 36.16 4.80 10.51
CA PRO A 237 37.28 5.74 10.47
C PRO A 237 38.54 5.09 9.93
N GLY A 238 39.37 5.92 9.27
CA GLY A 238 40.61 5.46 8.71
C GLY A 238 40.50 5.06 7.25
N HIS A 239 39.72 4.04 6.96
CA HIS A 239 39.56 3.52 5.59
C HIS A 239 38.20 3.91 5.05
N LEU A 240 38.19 4.52 3.86
CA LEU A 240 36.97 4.90 3.18
C LEU A 240 36.91 4.18 1.84
N ASP A 241 35.80 3.49 1.59
CA ASP A 241 35.65 2.73 0.35
C ASP A 241 35.59 3.66 -0.84
N GLU A 242 36.18 3.22 -1.95
CA GLU A 242 36.04 3.94 -3.21
C GLU A 242 34.61 3.85 -3.72
N MET A 243 34.09 4.96 -4.22
CA MET A 243 32.71 5.07 -4.67
C MET A 243 32.70 5.19 -6.19
N GLN A 244 32.42 4.08 -6.85
CA GLN A 244 32.31 4.03 -8.31
C GLN A 244 31.02 3.33 -8.69
N LEU A 245 30.45 3.76 -9.81
CA LEU A 245 29.20 3.20 -10.30
C LEU A 245 29.20 3.24 -11.82
N ASP A 246 28.43 2.33 -12.41
CA ASP A 246 28.36 2.19 -13.86
C ASP A 246 26.95 2.51 -14.33
N ILE A 247 26.85 3.38 -15.32
CA ILE A 247 25.56 3.79 -15.87
C ILE A 247 25.33 3.05 -17.17
N GLN A 248 24.21 2.34 -17.27
CA GLN A 248 23.88 1.51 -18.41
C GLN A 248 22.57 2.02 -19.02
N ALA A 249 22.62 2.41 -20.28
CA ALA A 249 21.43 2.85 -21.02
C ALA A 249 21.24 1.90 -22.19
N ARG A 250 20.13 1.16 -22.17
CA ARG A 250 19.79 0.24 -23.25
C ARG A 250 18.34 0.47 -23.65
N TYR A 251 18.08 0.27 -24.94
CA TYR A 251 16.73 0.46 -25.44
C TYR A 251 15.80 -0.60 -24.84
N ILE A 252 14.50 -0.32 -24.89
CA ILE A 252 13.53 -1.28 -24.37
C ILE A 252 13.62 -2.59 -25.13
N TYR A 253 14.07 -2.55 -26.39
CA TYR A 253 14.22 -3.75 -27.20
C TYR A 253 15.64 -4.30 -27.16
N GLY A 254 16.48 -3.84 -26.23
CA GLY A 254 17.75 -4.48 -25.96
C GLY A 254 18.98 -3.77 -26.48
N LYS A 255 18.91 -3.21 -27.67
CA LYS A 255 20.11 -2.67 -28.30
C LYS A 255 20.69 -1.54 -27.46
N PRO A 256 22.01 -1.35 -27.47
CA PRO A 256 22.59 -0.24 -26.71
C PRO A 256 22.28 1.08 -27.36
N VAL A 257 22.33 2.14 -26.55
CA VAL A 257 22.04 3.49 -27.01
C VAL A 257 23.29 4.34 -26.80
N GLN A 258 23.47 5.32 -27.68
CA GLN A 258 24.61 6.23 -27.63
C GLN A 258 24.13 7.64 -27.37
N GLY A 259 24.77 8.33 -26.44
CA GLY A 259 24.38 9.69 -26.13
C GLY A 259 25.24 10.25 -25.03
N VAL A 260 24.63 11.13 -24.25
CA VAL A 260 25.29 11.76 -23.12
C VAL A 260 24.69 11.20 -21.85
N ALA A 261 25.40 11.35 -20.74
CA ALA A 261 24.90 10.86 -19.46
C ALA A 261 25.36 11.82 -18.36
N TYR A 262 24.53 12.80 -18.05
CA TYR A 262 24.79 13.69 -16.93
C TYR A 262 24.48 12.98 -15.63
N VAL A 263 25.20 13.35 -14.58
CA VAL A 263 25.06 12.71 -13.29
C VAL A 263 25.18 13.79 -12.21
N ARG A 264 24.28 13.74 -11.24
CA ARG A 264 24.34 14.63 -10.09
C ARG A 264 24.24 13.80 -8.82
N PHE A 265 25.14 14.06 -7.88
CA PHE A 265 25.21 13.32 -6.64
C PHE A 265 24.54 14.12 -5.52
N GLY A 266 24.31 13.45 -4.40
CA GLY A 266 23.65 14.10 -3.28
C GLY A 266 23.57 13.16 -2.10
N LEU A 267 22.91 13.65 -1.04
CA LEU A 267 22.71 12.88 0.18
C LEU A 267 21.25 12.92 0.57
N LEU A 268 20.67 11.76 0.83
CA LEU A 268 19.30 11.65 1.30
C LEU A 268 19.30 11.19 2.76
N ASP A 269 18.65 11.97 3.62
CA ASP A 269 18.48 11.59 5.01
C ASP A 269 17.23 10.71 5.13
N GLU A 270 16.89 10.31 6.36
CA GLU A 270 15.85 9.31 6.55
C GLU A 270 14.50 9.81 6.05
N ASP A 271 14.14 11.06 6.37
CA ASP A 271 12.82 11.55 5.99
C ASP A 271 12.68 11.63 4.47
N GLY A 272 13.74 12.05 3.77
CA GLY A 272 13.73 12.05 2.32
C GLY A 272 14.24 13.33 1.68
N LYS A 273 14.63 14.31 2.49
CA LYS A 273 15.14 15.56 1.96
C LYS A 273 16.47 15.33 1.25
N LYS A 274 16.63 15.98 0.10
CA LYS A 274 17.84 15.86 -0.71
C LYS A 274 18.79 17.01 -0.41
N THR A 275 20.08 16.73 -0.61
CA THR A 275 21.13 17.73 -0.42
C THR A 275 22.23 17.43 -1.43
N PHE A 276 22.28 18.20 -2.51
CA PHE A 276 23.17 17.90 -3.61
C PHE A 276 24.57 18.47 -3.36
N PHE A 277 25.46 18.24 -4.30
CA PHE A 277 26.84 18.71 -4.25
C PHE A 277 27.14 19.59 -5.46
N ARG A 278 28.00 20.58 -5.25
CA ARG A 278 28.38 21.55 -6.28
C ARG A 278 29.79 21.27 -6.73
N GLY A 279 29.97 21.16 -8.05
CA GLY A 279 31.26 20.88 -8.65
C GLY A 279 31.54 19.41 -8.92
N LEU A 280 30.78 18.50 -8.32
CA LEU A 280 30.93 17.08 -8.54
C LEU A 280 30.07 16.57 -9.69
N GLU A 281 29.42 17.47 -10.42
CA GLU A 281 28.55 17.09 -11.53
C GLU A 281 29.40 16.51 -12.65
N SER A 282 29.42 15.19 -12.76
CA SER A 282 30.25 14.49 -13.72
C SER A 282 29.37 13.97 -14.85
N GLN A 283 29.65 14.42 -16.06
CA GLN A 283 28.92 14.01 -17.25
C GLN A 283 29.89 13.38 -18.25
N THR A 284 29.40 12.39 -18.98
CA THR A 284 30.28 11.59 -19.83
C THR A 284 29.63 11.33 -21.18
N LYS A 285 30.18 10.39 -21.95
CA LYS A 285 29.57 9.92 -23.18
C LYS A 285 29.49 8.40 -23.11
N LEU A 286 28.31 7.86 -23.42
CA LEU A 286 28.13 6.41 -23.38
C LEU A 286 28.92 5.76 -24.51
N VAL A 287 29.66 4.71 -24.16
CA VAL A 287 30.37 3.88 -25.14
C VAL A 287 29.77 2.48 -25.06
N ASN A 288 29.17 2.03 -26.15
CA ASN A 288 28.49 0.74 -26.19
C ASN A 288 27.49 0.62 -25.03
N GLY A 289 26.80 1.72 -24.76
CA GLY A 289 25.76 1.72 -23.76
C GLY A 289 26.24 1.65 -22.34
N GLN A 290 27.54 1.80 -22.10
CA GLN A 290 28.11 1.70 -20.77
C GLN A 290 28.99 2.92 -20.50
N SER A 291 28.96 3.40 -19.27
CA SER A 291 29.81 4.49 -18.84
C SER A 291 30.17 4.27 -17.38
N HIS A 292 31.43 4.54 -17.03
CA HIS A 292 31.91 4.34 -15.67
C HIS A 292 32.20 5.70 -15.04
N ILE A 293 31.64 5.91 -13.85
CA ILE A 293 31.79 7.15 -13.11
C ILE A 293 32.37 6.82 -11.75
N SER A 294 33.40 7.56 -11.34
CA SER A 294 34.10 7.30 -10.09
C SER A 294 34.34 8.61 -9.36
N LEU A 295 34.49 8.51 -8.04
CA LEU A 295 34.83 9.65 -7.19
C LEU A 295 36.08 9.29 -6.39
N SER A 296 37.17 9.99 -6.67
CA SER A 296 38.38 9.79 -5.90
C SER A 296 38.16 10.18 -4.45
N LYS A 297 38.81 9.45 -3.53
CA LYS A 297 38.62 9.71 -2.11
C LYS A 297 38.90 11.16 -1.77
N ALA A 298 39.98 11.72 -2.34
CA ALA A 298 40.29 13.12 -2.07
C ALA A 298 39.17 14.04 -2.54
N GLU A 299 38.63 13.78 -3.73
CA GLU A 299 37.56 14.63 -4.25
C GLU A 299 36.33 14.57 -3.35
N PHE A 300 35.99 13.39 -2.85
CA PHE A 300 34.87 13.27 -1.94
C PHE A 300 35.10 14.10 -0.68
N GLN A 301 36.32 14.08 -0.16
CA GLN A 301 36.62 14.84 1.04
C GLN A 301 36.38 16.33 0.82
N ASP A 302 36.74 16.84 -0.37
CA ASP A 302 36.54 18.25 -0.66
C ASP A 302 35.06 18.61 -0.63
N ALA A 303 34.21 17.74 -1.17
CA ALA A 303 32.78 18.04 -1.22
C ALA A 303 32.19 18.15 0.18
N LEU A 304 32.55 17.23 1.07
CA LEU A 304 31.96 17.23 2.40
C LEU A 304 32.45 18.41 3.23
N GLU A 305 33.75 18.67 3.24
CA GLU A 305 34.27 19.82 3.98
C GLU A 305 33.62 21.11 3.49
N LYS A 306 33.38 21.23 2.19
CA LYS A 306 32.63 22.37 1.67
C LYS A 306 31.24 22.41 2.27
N LEU A 307 30.56 21.26 2.31
CA LEU A 307 29.24 21.20 2.93
C LEU A 307 29.33 21.26 4.45
N ASN A 308 30.50 20.95 5.02
CA ASN A 308 30.73 20.98 6.46
C ASN A 308 29.95 19.90 7.19
N MET A 309 29.46 18.88 6.47
CA MET A 309 28.74 17.80 7.12
C MET A 309 29.69 16.85 7.84
N GLY A 310 30.87 16.63 7.28
CA GLY A 310 31.82 15.70 7.85
C GLY A 310 31.62 14.28 7.37
N ILE A 311 32.53 13.41 7.77
CA ILE A 311 32.51 12.01 7.37
C ILE A 311 31.87 11.12 8.44
N THR A 312 32.20 11.37 9.71
CA THR A 312 31.67 10.55 10.79
C THR A 312 30.16 10.70 10.95
N ASP A 313 29.57 11.74 10.38
CA ASP A 313 28.14 11.98 10.52
C ASP A 313 27.31 11.17 9.53
N LEU A 314 27.93 10.53 8.55
CA LEU A 314 27.20 9.75 7.53
C LEU A 314 26.80 8.39 8.10
N GLN A 315 25.98 8.43 9.15
CA GLN A 315 25.55 7.21 9.81
C GLN A 315 24.44 6.51 9.03
N GLY A 316 23.31 7.19 8.87
CA GLY A 316 22.18 6.62 8.14
C GLY A 316 21.82 7.43 6.92
N LEU A 317 22.82 8.05 6.30
CA LEU A 317 22.60 8.86 5.11
C LEU A 317 22.86 8.04 3.86
N ARG A 318 22.09 8.34 2.81
CA ARG A 318 22.09 7.58 1.58
C ARG A 318 22.67 8.42 0.47
N LEU A 319 23.53 7.80 -0.36
CA LEU A 319 24.21 8.52 -1.43
C LEU A 319 23.26 8.63 -2.61
N TYR A 320 22.60 9.79 -2.74
CA TYR A 320 21.72 10.04 -3.87
C TYR A 320 22.52 10.08 -5.16
N VAL A 321 21.91 9.55 -6.22
CA VAL A 321 22.47 9.66 -7.57
C VAL A 321 21.31 9.78 -8.53
N ALA A 322 21.44 10.66 -9.52
CA ALA A 322 20.45 10.81 -10.57
C ALA A 322 21.17 10.91 -11.89
N ALA A 323 20.49 10.55 -12.97
CA ALA A 323 21.06 10.65 -14.31
C ALA A 323 20.06 11.33 -15.23
N ALA A 324 20.56 11.88 -16.32
CA ALA A 324 19.74 12.62 -17.27
C ALA A 324 20.14 12.28 -18.69
N ILE A 325 20.32 10.99 -18.95
CA ILE A 325 20.84 10.51 -20.23
C ILE A 325 20.04 11.09 -21.38
N ILE A 326 20.70 11.87 -22.23
CA ILE A 326 20.09 12.48 -23.41
C ILE A 326 20.57 11.70 -24.62
N GLU A 327 19.66 11.03 -25.31
CA GLU A 327 20.03 10.23 -26.46
C GLU A 327 20.30 11.16 -27.64
N SER A 328 21.52 11.58 -27.79
CA SER A 328 21.86 12.29 -29.02
C SER A 328 21.90 11.30 -30.18
N PRO A 329 21.36 11.67 -31.34
CA PRO A 329 20.72 12.94 -31.69
C PRO A 329 19.19 12.99 -31.47
N GLY A 330 18.58 11.93 -30.94
CA GLY A 330 17.15 11.96 -30.73
C GLY A 330 16.72 13.04 -29.75
N GLY A 331 17.41 13.14 -28.62
CA GLY A 331 17.19 14.19 -27.65
C GLY A 331 16.33 13.81 -26.48
N GLU A 332 15.53 12.75 -26.58
CA GLU A 332 14.69 12.35 -25.48
C GLU A 332 15.55 11.95 -24.29
N MET A 333 15.21 12.47 -23.11
CA MET A 333 15.94 12.17 -21.88
C MET A 333 15.05 11.43 -20.91
N GLU A 334 15.61 10.40 -20.28
CA GLU A 334 14.87 9.57 -19.33
C GLU A 334 15.73 9.41 -18.08
N GLU A 335 15.36 10.13 -17.02
CA GLU A 335 16.18 10.17 -15.82
C GLU A 335 16.02 8.88 -15.01
N ALA A 336 17.01 8.63 -14.16
CA ALA A 336 17.00 7.51 -13.24
C ALA A 336 17.44 7.99 -11.86
N GLU A 337 17.28 7.14 -10.87
CA GLU A 337 17.70 7.43 -9.51
C GLU A 337 18.31 6.19 -8.89
N LEU A 338 19.09 6.40 -7.83
CA LEU A 338 19.76 5.33 -7.10
C LEU A 338 19.59 5.55 -5.60
N THR A 339 18.34 5.76 -5.18
CA THR A 339 18.08 6.10 -3.77
C THR A 339 18.65 5.06 -2.81
N SER A 340 18.74 3.79 -3.24
CA SER A 340 19.13 2.70 -2.34
C SER A 340 20.65 2.54 -2.37
N TRP A 341 21.33 3.29 -1.51
CA TRP A 341 22.77 3.17 -1.35
C TRP A 341 23.13 3.83 -0.04
N TYR A 342 23.60 3.05 0.94
CA TYR A 342 23.81 3.54 2.30
C TYR A 342 25.29 3.74 2.59
N PHE A 343 25.54 4.47 3.68
CA PHE A 343 26.88 4.66 4.23
C PHE A 343 26.96 3.81 5.49
N VAL A 344 27.42 2.57 5.33
CA VAL A 344 27.41 1.58 6.39
C VAL A 344 28.84 1.24 6.80
N SER A 345 28.98 0.79 8.03
CA SER A 345 30.29 0.48 8.60
C SER A 345 30.72 -0.96 8.36
N SER A 346 29.84 -1.83 7.88
CA SER A 346 30.14 -3.23 7.68
C SER A 346 29.56 -3.70 6.36
N PRO A 347 30.15 -4.74 5.76
CA PRO A 347 29.64 -5.23 4.47
C PRO A 347 28.58 -6.31 4.60
N PHE A 348 28.23 -6.75 5.81
CA PHE A 348 27.31 -7.86 6.01
C PHE A 348 26.23 -7.49 7.02
N SER A 349 25.08 -8.13 6.87
CA SER A 349 23.94 -7.95 7.75
C SER A 349 23.62 -9.27 8.44
N LEU A 350 23.30 -9.18 9.73
CA LEU A 350 23.02 -10.35 10.55
C LEU A 350 21.50 -10.54 10.67
N ASP A 351 21.02 -11.69 10.22
CA ASP A 351 19.61 -12.06 10.31
C ASP A 351 19.48 -13.22 11.28
N LEU A 352 19.15 -12.92 12.53
CA LEU A 352 19.02 -13.93 13.58
C LEU A 352 17.57 -14.14 13.98
N SER A 353 16.64 -13.96 13.04
CA SER A 353 15.24 -14.23 13.34
C SER A 353 14.93 -15.71 13.45
N LYS A 354 15.85 -16.58 13.02
CA LYS A 354 15.58 -18.01 12.97
C LYS A 354 16.01 -18.74 14.24
N THR A 355 16.97 -18.22 14.98
CA THR A 355 17.40 -18.87 16.22
C THR A 355 16.26 -18.82 17.23
N LYS A 356 15.82 -19.99 17.67
CA LYS A 356 14.70 -20.05 18.61
C LYS A 356 15.15 -19.62 19.99
N ARG A 357 14.36 -18.76 20.62
CA ARG A 357 14.64 -18.31 21.98
C ARG A 357 14.29 -19.44 22.95
N HIS A 358 14.45 -19.19 24.24
CA HIS A 358 14.10 -20.15 25.29
C HIS A 358 14.86 -21.46 25.09
N LEU A 359 16.18 -21.34 25.26
CA LEU A 359 17.07 -22.49 25.20
C LEU A 359 16.62 -23.57 26.19
N VAL A 360 16.83 -24.83 25.81
CA VAL A 360 16.43 -25.99 26.59
C VAL A 360 17.69 -26.58 27.22
N PRO A 361 17.90 -26.45 28.53
CA PRO A 361 19.13 -26.97 29.13
C PRO A 361 19.29 -28.46 28.93
N GLY A 362 20.55 -28.87 28.78
CA GLY A 362 20.89 -30.29 28.65
C GLY A 362 20.89 -30.82 27.25
N ALA A 363 20.51 -30.03 26.25
CA ALA A 363 20.47 -30.47 24.87
C ALA A 363 21.17 -29.45 23.99
N PRO A 364 21.68 -29.87 22.83
CA PRO A 364 22.47 -28.95 22.00
C PRO A 364 21.63 -27.82 21.43
N PHE A 365 21.82 -26.61 21.94
CA PHE A 365 21.12 -25.44 21.43
C PHE A 365 21.74 -25.01 20.11
N LEU A 366 20.90 -24.82 19.10
CA LEU A 366 21.35 -24.49 17.76
C LEU A 366 21.14 -23.00 17.50
N LEU A 367 22.09 -22.40 16.79
CA LEU A 367 22.03 -20.99 16.44
C LEU A 367 21.95 -20.87 14.92
N GLN A 368 20.79 -20.47 14.42
CA GLN A 368 20.56 -20.30 12.99
C GLN A 368 20.67 -18.83 12.65
N ALA A 369 21.53 -18.50 11.70
CA ALA A 369 21.74 -17.13 11.28
C ALA A 369 21.89 -17.08 9.77
N LEU A 370 21.44 -15.97 9.18
CA LEU A 370 21.54 -15.75 7.74
C LEU A 370 22.33 -14.47 7.51
N VAL A 371 23.51 -14.62 6.89
CA VAL A 371 24.39 -13.49 6.63
C VAL A 371 24.26 -13.11 5.16
N ARG A 372 23.87 -11.87 4.91
CA ARG A 372 23.60 -11.39 3.57
C ARG A 372 24.30 -10.05 3.37
N GLU A 373 25.03 -9.92 2.27
CA GLU A 373 25.62 -8.64 1.91
C GLU A 373 24.50 -7.62 1.74
N MET A 374 24.66 -6.46 2.38
CA MET A 374 23.57 -5.50 2.44
C MET A 374 23.13 -5.10 1.04
N SER A 375 21.82 -5.12 0.80
CA SER A 375 21.25 -4.85 -0.51
C SER A 375 21.86 -5.78 -1.56
N GLY A 376 21.82 -7.07 -1.26
CA GLY A 376 22.35 -8.06 -2.17
C GLY A 376 21.88 -9.45 -1.78
N SER A 377 22.17 -10.41 -2.65
CA SER A 377 21.76 -11.78 -2.44
C SER A 377 22.57 -12.41 -1.31
N PRO A 378 22.08 -13.50 -0.72
CA PRO A 378 22.86 -14.18 0.32
C PRO A 378 24.21 -14.63 -0.22
N ALA A 379 25.23 -14.51 0.61
CA ALA A 379 26.60 -14.75 0.21
C ALA A 379 27.16 -15.98 0.91
N SER A 380 28.06 -16.67 0.21
CA SER A 380 28.68 -17.89 0.69
C SER A 380 30.13 -17.64 1.06
N GLY A 381 30.68 -18.54 1.86
CA GLY A 381 32.05 -18.43 2.28
C GLY A 381 32.34 -17.24 3.19
N ILE A 382 31.47 -16.99 4.16
CA ILE A 382 31.71 -15.95 5.16
C ILE A 382 31.91 -16.61 6.51
N PRO A 383 33.14 -16.80 6.98
CA PRO A 383 33.33 -17.37 8.32
C PRO A 383 32.60 -16.53 9.36
N VAL A 384 31.87 -17.21 10.25
CA VAL A 384 31.12 -16.56 11.31
C VAL A 384 31.60 -17.13 12.64
N LYS A 385 31.94 -16.25 13.57
CA LYS A 385 32.41 -16.63 14.89
C LYS A 385 31.35 -16.24 15.91
N VAL A 386 31.17 -17.09 16.92
CA VAL A 386 30.20 -16.84 17.98
C VAL A 386 30.89 -17.03 19.32
N SER A 387 30.55 -16.18 20.28
CA SER A 387 31.09 -16.24 21.62
C SER A 387 29.93 -16.44 22.59
N ALA A 388 29.53 -17.70 22.76
CA ALA A 388 28.47 -18.02 23.70
C ALA A 388 28.99 -17.86 25.12
N THR A 389 28.18 -17.24 25.97
CA THR A 389 28.53 -17.00 27.38
C THR A 389 27.48 -17.70 28.23
N VAL A 390 27.72 -18.97 28.52
CA VAL A 390 26.82 -19.74 29.38
C VAL A 390 26.88 -19.17 30.79
N SER A 391 25.71 -18.88 31.35
CA SER A 391 25.60 -18.26 32.66
C SER A 391 25.11 -19.32 33.66
N SER A 392 26.05 -20.04 34.24
CA SER A 392 25.73 -20.99 35.30
C SER A 392 25.70 -20.26 36.64
N PRO A 393 24.58 -20.24 37.35
CA PRO A 393 24.53 -19.47 38.61
C PRO A 393 25.55 -19.92 39.64
N GLY A 394 25.83 -21.21 39.71
CA GLY A 394 26.71 -21.76 40.72
C GLY A 394 28.19 -21.74 40.39
N SER A 395 28.57 -21.22 39.22
CA SER A 395 29.97 -21.22 38.81
C SER A 395 30.21 -20.01 37.92
N VAL A 396 31.48 -19.77 37.62
CA VAL A 396 31.84 -18.63 36.78
C VAL A 396 31.21 -18.80 35.40
N PRO A 397 30.58 -17.77 34.84
CA PRO A 397 30.01 -17.90 33.48
C PRO A 397 31.07 -18.36 32.48
N GLU A 398 30.84 -19.51 31.88
CA GLU A 398 31.78 -20.05 30.92
C GLU A 398 31.57 -19.40 29.55
N VAL A 399 32.63 -19.42 28.75
CA VAL A 399 32.62 -18.84 27.42
C VAL A 399 33.06 -19.90 26.43
N GLN A 400 32.30 -20.07 25.35
CA GLN A 400 32.58 -21.05 24.31
C GLN A 400 32.64 -20.34 22.97
N ASP A 401 33.75 -20.53 22.26
CA ASP A 401 33.97 -19.92 20.96
C ASP A 401 33.98 -21.02 19.90
N ILE A 402 33.20 -20.83 18.84
CA ILE A 402 33.13 -21.77 17.74
C ILE A 402 32.84 -20.99 16.47
N GLN A 403 33.32 -21.49 15.35
CA GLN A 403 33.17 -20.84 14.06
C GLN A 403 32.74 -21.84 13.01
N GLN A 404 32.12 -21.32 11.96
CA GLN A 404 31.64 -22.17 10.87
C GLN A 404 31.53 -21.31 9.62
N ASN A 405 31.59 -21.97 8.47
CA ASN A 405 31.59 -21.30 7.18
C ASN A 405 30.25 -21.50 6.48
N THR A 406 29.76 -20.44 5.84
CA THR A 406 28.43 -20.46 5.26
C THR A 406 28.27 -21.64 4.30
N ASP A 407 27.12 -22.30 4.39
CA ASP A 407 26.90 -23.50 3.58
C ASP A 407 26.92 -23.19 2.10
N GLY A 408 26.35 -22.06 1.70
CA GLY A 408 26.24 -21.72 0.30
C GLY A 408 24.97 -20.97 -0.03
N SER A 409 23.98 -21.07 0.85
CA SER A 409 22.75 -20.30 0.73
C SER A 409 22.68 -19.15 1.72
N GLY A 410 23.70 -18.97 2.55
CA GLY A 410 23.72 -17.90 3.53
C GLY A 410 23.37 -18.32 4.95
N GLN A 411 22.99 -19.58 5.16
CA GLN A 411 22.58 -20.04 6.48
C GLN A 411 23.72 -20.77 7.17
N VAL A 412 23.76 -20.66 8.50
CA VAL A 412 24.75 -21.32 9.31
C VAL A 412 24.06 -21.95 10.52
N SER A 413 24.49 -23.14 10.90
CA SER A 413 23.94 -23.85 12.04
C SER A 413 25.10 -24.43 12.84
N ILE A 414 25.33 -23.88 14.03
CA ILE A 414 26.45 -24.26 14.88
C ILE A 414 25.92 -24.70 16.23
N PRO A 415 25.95 -26.00 16.55
CA PRO A 415 25.39 -26.47 17.83
C PRO A 415 26.34 -26.15 18.98
N ILE A 416 25.83 -25.42 19.96
CA ILE A 416 26.58 -25.09 21.17
C ILE A 416 25.94 -25.85 22.33
N ILE A 417 26.75 -26.64 23.02
CA ILE A 417 26.25 -27.48 24.10
C ILE A 417 26.12 -26.64 25.36
N ILE A 418 24.98 -26.75 26.03
CA ILE A 418 24.67 -25.97 27.22
C ILE A 418 24.38 -26.95 28.35
N PRO A 419 24.87 -26.73 29.57
CA PRO A 419 24.64 -27.66 30.66
C PRO A 419 23.29 -27.40 31.32
N GLN A 420 23.04 -28.13 32.41
CA GLN A 420 21.80 -27.99 33.13
C GLN A 420 21.89 -26.81 34.12
N THR A 421 20.74 -26.43 34.65
CA THR A 421 20.61 -25.35 35.63
C THR A 421 21.50 -24.17 35.28
N ILE A 422 21.22 -23.57 34.13
CA ILE A 422 21.93 -22.41 33.64
C ILE A 422 21.01 -21.19 33.73
N SER A 423 21.53 -20.11 34.29
CA SER A 423 20.71 -18.92 34.48
C SER A 423 20.21 -18.37 33.15
N GLU A 424 21.09 -18.26 32.17
CA GLU A 424 20.74 -17.72 30.87
C GLU A 424 21.93 -17.95 29.94
N LEU A 425 21.75 -17.57 28.67
CA LEU A 425 22.81 -17.65 27.68
C LEU A 425 22.88 -16.33 26.93
N GLN A 426 24.07 -15.74 26.88
CA GLN A 426 24.30 -14.50 26.16
C GLN A 426 25.44 -14.73 25.18
N LEU A 427 25.19 -14.44 23.90
CA LEU A 427 26.17 -14.70 22.86
C LEU A 427 26.27 -13.49 21.94
N SER A 428 27.41 -13.39 21.26
CA SER A 428 27.64 -12.39 20.23
C SER A 428 28.05 -13.09 18.95
N VAL A 429 27.39 -12.73 17.85
CA VAL A 429 27.65 -13.33 16.55
C VAL A 429 28.41 -12.31 15.71
N SER A 430 29.57 -12.71 15.20
CA SER A 430 30.39 -11.86 14.35
C SER A 430 30.59 -12.57 13.02
N ALA A 431 30.21 -11.91 11.93
CA ALA A 431 30.32 -12.46 10.60
C ALA A 431 30.96 -11.42 9.69
N GLY A 432 32.09 -11.77 9.11
CA GLY A 432 32.80 -10.87 8.21
C GLY A 432 34.30 -11.06 8.34
N SER A 433 35.00 -10.59 7.31
CA SER A 433 36.46 -10.70 7.27
C SER A 433 37.03 -9.67 6.29
N PRO A 434 37.42 -8.47 6.74
CA PRO A 434 37.35 -7.91 8.09
C PRO A 434 36.07 -7.12 8.34
N HIS A 435 36.02 -6.35 9.43
CA HIS A 435 34.85 -5.57 9.79
C HIS A 435 33.67 -6.49 10.03
N PRO A 436 33.70 -7.32 11.07
CA PRO A 436 32.57 -8.20 11.35
C PRO A 436 31.34 -7.42 11.75
N ALA A 437 30.18 -7.99 11.43
CA ALA A 437 28.89 -7.40 11.80
C ALA A 437 28.44 -8.06 13.10
N ILE A 438 28.45 -7.28 14.19
CA ILE A 438 28.18 -7.82 15.52
C ILE A 438 26.72 -7.56 15.86
N ALA A 439 26.05 -8.60 16.37
CA ALA A 439 24.67 -8.48 16.84
C ALA A 439 24.47 -9.49 17.96
N ARG A 440 24.59 -9.02 19.20
CA ARG A 440 24.55 -9.87 20.38
C ARG A 440 23.14 -9.90 20.97
N LEU A 441 22.73 -11.09 21.42
CA LEU A 441 21.45 -11.29 22.05
C LEU A 441 21.61 -12.24 23.23
N THR A 442 20.60 -12.28 24.10
CA THR A 442 20.57 -13.17 25.24
C THR A 442 19.23 -13.86 25.31
N VAL A 443 19.26 -15.13 25.71
CA VAL A 443 18.06 -15.96 25.80
C VAL A 443 17.92 -16.44 27.25
N ALA A 444 16.74 -16.25 27.82
CA ALA A 444 16.51 -16.60 29.21
C ALA A 444 16.15 -18.07 29.34
N ALA A 445 16.76 -18.73 30.33
CA ALA A 445 16.47 -20.14 30.55
C ALA A 445 15.09 -20.32 31.16
N PRO A 446 14.38 -21.38 30.81
CA PRO A 446 13.09 -21.64 31.43
C PRO A 446 13.26 -21.83 32.93
N PRO A 447 12.24 -21.47 33.72
CA PRO A 447 12.39 -21.61 35.17
C PRO A 447 12.71 -23.04 35.56
N SER A 448 13.60 -23.17 36.55
CA SER A 448 14.02 -24.48 37.00
C SER A 448 12.94 -25.12 37.88
N GLY A 449 13.09 -26.41 38.13
CA GLY A 449 12.17 -27.15 38.96
C GLY A 449 10.95 -27.67 38.24
N GLY A 450 10.79 -27.38 36.95
CA GLY A 450 9.65 -27.86 36.21
C GLY A 450 9.88 -29.26 35.68
N PRO A 451 8.86 -29.81 35.04
CA PRO A 451 8.98 -31.14 34.44
C PRO A 451 9.97 -31.15 33.29
N GLY A 452 10.52 -32.33 33.03
CA GLY A 452 11.52 -32.49 32.00
C GLY A 452 11.11 -31.93 30.66
N PHE A 453 12.01 -31.19 30.02
CA PHE A 453 11.71 -30.53 28.76
C PHE A 453 11.77 -31.55 27.62
N LEU A 454 11.62 -31.05 26.39
CA LEU A 454 11.79 -31.86 25.20
C LEU A 454 12.67 -31.08 24.22
N SER A 455 13.42 -31.83 23.41
CA SER A 455 14.40 -31.25 22.50
C SER A 455 14.26 -31.88 21.12
N ILE A 456 13.64 -31.15 20.20
CA ILE A 456 13.58 -31.59 18.81
C ILE A 456 14.92 -31.27 18.16
N GLU A 457 15.27 -32.01 17.11
CA GLU A 457 16.50 -31.77 16.36
C GLU A 457 16.31 -32.16 14.90
N ARG A 458 16.85 -31.34 14.01
CA ARG A 458 16.87 -31.64 12.59
C ARG A 458 18.29 -31.96 12.16
N PRO A 459 18.61 -33.21 11.79
CA PRO A 459 20.00 -33.54 11.47
C PRO A 459 20.52 -32.81 10.24
N ASP A 460 19.80 -32.91 9.12
CA ASP A 460 20.29 -32.30 7.87
C ASP A 460 20.41 -30.79 7.98
N SER A 461 19.61 -30.17 8.84
CA SER A 461 19.63 -28.72 9.06
C SER A 461 19.49 -27.94 7.75
N ARG A 462 18.90 -28.56 6.73
CA ARG A 462 18.70 -27.94 5.43
C ARG A 462 17.24 -28.05 5.02
N PRO A 463 16.64 -26.97 4.52
CA PRO A 463 15.21 -27.02 4.17
C PRO A 463 14.94 -28.14 3.19
N PRO A 464 13.84 -28.88 3.37
CA PRO A 464 13.57 -30.02 2.49
C PRO A 464 12.84 -29.62 1.22
N ARG A 465 13.24 -30.24 0.11
CA ARG A 465 12.49 -30.12 -1.12
C ARG A 465 11.12 -30.78 -0.95
N VAL A 466 10.16 -30.33 -1.76
CA VAL A 466 8.83 -30.93 -1.74
C VAL A 466 8.94 -32.36 -2.28
N GLY A 467 8.58 -33.34 -1.44
CA GLY A 467 8.74 -34.73 -1.76
C GLY A 467 9.78 -35.44 -0.92
N ASP A 468 10.64 -34.71 -0.22
CA ASP A 468 11.62 -35.32 0.65
C ASP A 468 10.91 -35.96 1.85
N THR A 469 11.72 -36.54 2.75
CA THR A 469 11.22 -37.09 4.01
C THR A 469 12.24 -36.72 5.08
N LEU A 470 12.07 -35.54 5.69
CA LEU A 470 13.01 -35.11 6.70
C LEU A 470 12.89 -35.98 7.94
N ASN A 471 13.98 -36.04 8.70
CA ASN A 471 14.03 -36.82 9.92
C ASN A 471 14.16 -35.89 11.12
N LEU A 472 13.47 -36.24 12.20
CA LEU A 472 13.50 -35.45 13.42
C LEU A 472 13.67 -36.38 14.61
N ASN A 473 14.47 -35.95 15.58
CA ASN A 473 14.77 -36.74 16.77
C ASN A 473 14.25 -36.03 18.01
N LEU A 474 13.77 -36.80 18.96
CA LEU A 474 13.22 -36.29 20.20
C LEU A 474 13.88 -36.99 21.38
N ARG A 475 13.96 -36.31 22.51
CA ARG A 475 14.44 -36.95 23.73
C ARG A 475 14.05 -36.10 24.93
N ALA A 476 13.46 -36.72 25.94
CA ALA A 476 13.17 -36.04 27.18
C ALA A 476 14.47 -35.70 27.89
N VAL A 477 14.47 -34.59 28.63
CA VAL A 477 15.62 -34.14 29.40
C VAL A 477 15.23 -34.17 30.86
N GLY A 478 16.03 -34.86 31.67
CA GLY A 478 15.73 -35.06 33.08
C GLY A 478 15.13 -36.43 33.34
N SER A 479 14.88 -36.69 34.62
CA SER A 479 14.35 -37.98 35.05
C SER A 479 12.83 -37.98 34.86
N GLY A 480 12.42 -38.08 33.59
CA GLY A 480 11.02 -38.09 33.24
C GLY A 480 10.64 -39.32 32.43
N ALA A 481 11.20 -40.47 32.79
CA ALA A 481 10.98 -41.70 32.05
C ALA A 481 9.62 -42.33 32.32
N THR A 482 8.71 -41.61 32.98
CA THR A 482 7.39 -42.17 33.27
C THR A 482 6.62 -42.47 31.99
N PHE A 483 6.66 -41.55 31.02
CA PHE A 483 5.85 -41.69 29.82
C PHE A 483 6.31 -42.89 29.01
N SER A 484 5.48 -43.27 28.03
CA SER A 484 5.74 -44.43 27.19
C SER A 484 5.65 -44.13 25.70
N HIS A 485 5.12 -42.98 25.30
CA HIS A 485 4.97 -42.65 23.90
C HIS A 485 5.27 -41.17 23.67
N TYR A 486 5.67 -40.86 22.44
CA TYR A 486 5.95 -39.50 22.02
C TYR A 486 4.86 -39.04 21.08
N TYR A 487 4.31 -37.86 21.34
CA TYR A 487 3.21 -37.31 20.56
C TYR A 487 3.69 -36.14 19.72
N TYR A 488 3.15 -36.02 18.51
CA TYR A 488 3.52 -34.93 17.62
C TYR A 488 2.37 -34.67 16.67
N MET A 489 2.38 -33.48 16.05
CA MET A 489 1.34 -33.09 15.13
C MET A 489 1.88 -31.99 14.22
N ILE A 490 1.51 -32.07 12.94
CA ILE A 490 2.05 -31.21 11.90
C ILE A 490 1.02 -30.14 11.57
N LEU A 491 1.41 -28.87 11.69
CA LEU A 491 0.54 -27.74 11.44
C LEU A 491 1.03 -26.98 10.22
N SER A 492 0.10 -26.59 9.36
CA SER A 492 0.46 -25.78 8.19
C SER A 492 -0.75 -24.95 7.79
N ARG A 493 -0.57 -23.63 7.74
CA ARG A 493 -1.64 -22.71 7.39
C ARG A 493 -2.78 -22.78 8.42
N GLY A 494 -2.40 -22.97 9.68
CA GLY A 494 -3.39 -22.98 10.75
C GLY A 494 -4.38 -24.12 10.69
N GLN A 495 -3.93 -25.30 10.24
CA GLN A 495 -4.82 -26.45 10.12
C GLN A 495 -4.01 -27.70 10.39
N ILE A 496 -4.41 -28.46 11.41
CA ILE A 496 -3.67 -29.65 11.79
C ILE A 496 -3.87 -30.70 10.71
N VAL A 497 -2.92 -30.82 9.79
CA VAL A 497 -3.08 -31.71 8.64
C VAL A 497 -2.50 -33.09 8.89
N PHE A 498 -1.94 -33.34 10.07
CA PHE A 498 -1.43 -34.67 10.40
C PHE A 498 -1.19 -34.74 11.89
N MET A 499 -1.73 -35.77 12.51
CA MET A 499 -1.59 -36.00 13.95
C MET A 499 -1.32 -37.48 14.16
N ASN A 500 -0.32 -37.79 14.98
CA ASN A 500 0.13 -39.17 15.11
C ASN A 500 0.76 -39.40 16.47
N ARG A 501 0.92 -40.66 16.80
CA ARG A 501 1.49 -41.10 18.08
C ARG A 501 2.77 -41.87 17.80
N GLU A 502 3.77 -41.70 18.67
CA GLU A 502 5.03 -42.39 18.46
C GLU A 502 5.49 -43.07 19.76
N PRO A 503 6.07 -44.27 19.66
CA PRO A 503 6.58 -44.92 20.87
C PRO A 503 7.95 -44.43 21.27
N LYS A 504 8.25 -44.56 22.56
CA LYS A 504 9.51 -44.12 23.12
C LYS A 504 10.54 -45.24 23.05
N ARG A 505 11.77 -44.89 22.71
CA ARG A 505 12.86 -45.85 22.65
C ARG A 505 14.15 -45.10 22.99
N THR A 506 15.29 -45.75 22.75
CA THR A 506 16.57 -45.06 22.91
C THR A 506 16.66 -43.86 21.96
N LEU A 507 16.23 -44.04 20.72
CA LEU A 507 16.15 -42.96 19.75
C LEU A 507 14.76 -42.98 19.14
N THR A 508 14.18 -41.78 18.98
CA THR A 508 12.84 -41.61 18.42
C THR A 508 12.97 -40.78 17.16
N SER A 509 13.01 -41.45 16.01
CA SER A 509 13.14 -40.78 14.71
C SER A 509 11.75 -40.68 14.09
N VAL A 510 11.17 -39.49 14.14
CA VAL A 510 9.84 -39.23 13.58
C VAL A 510 10.04 -38.66 12.19
N SER A 511 9.44 -39.31 11.20
CA SER A 511 9.62 -38.93 9.81
C SER A 511 8.39 -38.16 9.32
N VAL A 512 8.63 -37.09 8.57
CA VAL A 512 7.58 -36.26 8.00
C VAL A 512 7.76 -36.25 6.50
N PHE A 513 6.75 -36.72 5.78
CA PHE A 513 6.78 -36.74 4.31
C PHE A 513 6.25 -35.41 3.81
N VAL A 514 7.15 -34.45 3.57
CA VAL A 514 6.74 -33.09 3.23
C VAL A 514 6.03 -33.14 1.89
N ASP A 515 4.71 -32.90 1.90
CA ASP A 515 3.89 -32.85 0.71
C ASP A 515 3.46 -31.40 0.46
N HIS A 516 2.83 -31.19 -0.69
CA HIS A 516 2.46 -29.83 -1.07
C HIS A 516 1.64 -29.15 0.00
N HIS A 517 0.86 -29.92 0.76
CA HIS A 517 0.04 -29.38 1.82
C HIS A 517 0.86 -28.74 2.93
N LEU A 518 2.16 -29.01 2.98
CA LEU A 518 3.08 -28.42 3.95
C LEU A 518 3.99 -27.46 3.20
N ALA A 519 3.55 -26.22 3.06
CA ALA A 519 4.34 -25.19 2.41
C ALA A 519 3.70 -23.83 2.69
N PRO A 520 4.49 -22.75 2.78
CA PRO A 520 5.95 -22.73 2.62
C PRO A 520 6.69 -23.05 3.91
N SER A 521 5.95 -23.20 5.01
CA SER A 521 6.57 -23.50 6.29
C SER A 521 5.54 -24.13 7.21
N PHE A 522 5.75 -25.38 7.56
CA PHE A 522 4.84 -26.12 8.43
C PHE A 522 5.47 -26.27 9.80
N TYR A 523 4.71 -25.94 10.85
CA TYR A 523 5.18 -26.15 12.19
C TYR A 523 5.27 -27.64 12.49
N PHE A 524 5.78 -27.96 13.67
CA PHE A 524 5.88 -29.35 14.10
C PHE A 524 5.88 -29.33 15.63
N VAL A 525 4.72 -29.60 16.23
CA VAL A 525 4.56 -29.57 17.67
C VAL A 525 4.61 -31.00 18.19
N ALA A 526 5.40 -31.23 19.22
CA ALA A 526 5.49 -32.54 19.85
C ALA A 526 5.50 -32.37 21.36
N PHE A 527 4.92 -33.35 22.04
CA PHE A 527 4.75 -33.24 23.49
C PHE A 527 4.62 -34.64 24.09
N TYR A 528 4.82 -34.70 25.40
CA TYR A 528 4.60 -35.91 26.18
C TYR A 528 4.31 -35.47 27.60
N TYR A 529 3.72 -36.36 28.38
CA TYR A 529 3.28 -36.03 29.72
C TYR A 529 4.23 -36.60 30.76
N HIS A 530 4.75 -35.73 31.62
CA HIS A 530 5.55 -36.18 32.75
C HIS A 530 4.63 -36.65 33.86
N GLY A 531 3.79 -37.64 33.56
CA GLY A 531 2.81 -38.09 34.52
C GLY A 531 1.51 -37.32 34.42
N ASP A 532 1.54 -36.05 34.78
CA ASP A 532 0.37 -35.19 34.72
C ASP A 532 0.60 -33.91 33.92
N HIS A 533 1.75 -33.25 34.09
CA HIS A 533 2.01 -32.03 33.35
C HIS A 533 2.41 -32.35 31.92
N PRO A 534 2.09 -31.47 30.97
CA PRO A 534 2.63 -31.61 29.61
C PRO A 534 3.91 -30.82 29.43
N VAL A 535 4.75 -31.33 28.54
CA VAL A 535 5.99 -30.66 28.14
C VAL A 535 6.14 -30.81 26.64
N ALA A 536 6.52 -29.73 25.97
CA ALA A 536 6.51 -29.72 24.52
C ALA A 536 7.54 -28.74 24.01
N ASN A 537 7.91 -28.90 22.74
CA ASN A 537 8.84 -27.97 22.09
C ASN A 537 8.61 -28.08 20.58
N SER A 538 7.86 -27.13 20.04
CA SER A 538 7.57 -27.13 18.62
C SER A 538 8.84 -26.81 17.83
N LEU A 539 8.69 -26.70 16.51
CA LEU A 539 9.84 -26.42 15.65
C LEU A 539 9.34 -25.89 14.31
N ARG A 540 9.57 -24.60 14.04
CA ARG A 540 9.28 -24.08 12.72
C ARG A 540 10.19 -24.75 11.70
N VAL A 541 9.58 -25.38 10.71
CA VAL A 541 10.33 -26.02 9.63
C VAL A 541 9.89 -25.38 8.34
N ASP A 542 10.84 -24.84 7.59
CA ASP A 542 10.54 -24.25 6.30
C ASP A 542 10.47 -25.33 5.23
N VAL A 543 9.87 -24.98 4.09
CA VAL A 543 9.78 -25.86 2.95
C VAL A 543 10.16 -25.06 1.71
N GLN A 544 11.00 -25.65 0.86
CA GLN A 544 11.47 -24.94 -0.32
C GLN A 544 10.31 -24.68 -1.29
N ALA A 545 10.40 -23.55 -1.99
CA ALA A 545 9.33 -23.15 -2.88
C ALA A 545 9.04 -24.21 -3.94
N GLY A 546 10.03 -25.03 -4.28
CA GLY A 546 9.80 -26.07 -5.25
C GLY A 546 9.33 -25.50 -6.57
N ALA A 547 8.26 -26.08 -7.11
CA ALA A 547 7.74 -25.66 -8.41
C ALA A 547 6.22 -25.83 -8.40
N CYS A 548 5.61 -25.54 -9.53
CA CYS A 548 4.18 -25.76 -9.68
C CYS A 548 3.77 -27.19 -9.32
N GLU A 549 2.48 -27.34 -9.08
CA GLU A 549 1.79 -28.61 -9.26
C GLU A 549 0.88 -28.58 -10.48
N GLY A 550 0.49 -27.39 -10.93
CA GLY A 550 -0.32 -27.29 -12.14
C GLY A 550 0.50 -27.30 -13.42
N LYS A 551 1.77 -26.88 -13.34
CA LYS A 551 2.71 -26.94 -14.44
C LYS A 551 2.21 -26.14 -15.65
N LEU A 552 2.16 -24.81 -15.45
CA LEU A 552 1.91 -23.88 -16.56
C LEU A 552 3.27 -23.45 -17.12
N GLU A 553 3.59 -23.94 -18.31
CA GLU A 553 4.90 -23.71 -18.93
C GLU A 553 4.69 -22.93 -20.22
N LEU A 554 4.92 -21.61 -20.16
CA LEU A 554 4.87 -20.77 -21.35
C LEU A 554 6.19 -20.87 -22.12
N SER A 555 6.09 -20.93 -23.44
CA SER A 555 7.27 -21.07 -24.29
C SER A 555 6.94 -20.54 -25.67
N VAL A 556 7.99 -20.38 -26.49
CA VAL A 556 7.86 -19.89 -27.84
C VAL A 556 8.66 -20.79 -28.77
N ASP A 557 8.55 -20.51 -30.07
CA ASP A 557 9.24 -21.28 -31.10
C ASP A 557 10.68 -20.78 -31.20
N GLY A 558 11.50 -21.20 -30.24
CA GLY A 558 12.88 -20.78 -30.23
C GLY A 558 13.01 -19.28 -30.04
N ALA A 559 14.07 -18.71 -30.61
CA ALA A 559 14.34 -17.28 -30.54
C ALA A 559 14.63 -16.79 -31.96
N LYS A 560 13.60 -16.44 -32.70
CA LYS A 560 13.74 -15.92 -34.05
C LYS A 560 13.76 -14.40 -34.10
N GLN A 561 13.45 -13.72 -32.99
CA GLN A 561 13.39 -12.26 -32.97
C GLN A 561 12.36 -11.75 -33.98
N TYR A 562 11.11 -12.10 -33.71
CA TYR A 562 10.04 -11.83 -34.67
C TYR A 562 9.96 -10.35 -34.97
N ARG A 563 9.82 -10.01 -36.25
CA ARG A 563 9.61 -8.62 -36.65
C ARG A 563 8.17 -8.21 -36.36
N ASN A 564 7.97 -6.91 -36.23
CA ASN A 564 6.64 -6.39 -35.93
C ASN A 564 5.65 -6.81 -37.00
N GLY A 565 4.43 -7.16 -36.57
CA GLY A 565 3.41 -7.65 -37.47
C GLY A 565 3.49 -9.11 -37.80
N GLU A 566 4.45 -9.84 -37.23
CA GLU A 566 4.63 -11.25 -37.51
C GLU A 566 3.81 -12.10 -36.53
N SER A 567 3.63 -13.37 -36.90
CA SER A 567 2.79 -14.29 -36.16
C SER A 567 3.66 -15.26 -35.38
N VAL A 568 3.36 -15.43 -34.09
CA VAL A 568 4.10 -16.33 -33.22
C VAL A 568 3.15 -17.41 -32.73
N LYS A 569 3.65 -18.65 -32.71
CA LYS A 569 2.89 -19.80 -32.22
C LYS A 569 3.32 -20.07 -30.79
N LEU A 570 2.58 -19.53 -29.82
CA LEU A 570 2.89 -19.74 -28.42
C LEU A 570 2.57 -21.18 -28.04
N HIS A 571 3.46 -21.82 -27.30
CA HIS A 571 3.27 -23.16 -26.78
C HIS A 571 3.12 -23.09 -25.26
N LEU A 572 2.01 -23.60 -24.76
CA LEU A 572 1.75 -23.63 -23.32
C LEU A 572 1.27 -25.02 -22.93
N GLU A 573 1.63 -25.42 -21.71
CA GLU A 573 1.36 -26.76 -21.21
C GLU A 573 0.75 -26.68 -19.82
N THR A 574 -0.15 -27.61 -19.53
CA THR A 574 -0.76 -27.67 -18.21
C THR A 574 -0.96 -29.13 -17.81
N ASP A 575 -0.72 -29.42 -16.52
CA ASP A 575 -0.85 -30.79 -16.04
C ASP A 575 -2.30 -31.25 -16.01
N SER A 576 -3.23 -30.35 -15.72
CA SER A 576 -4.64 -30.69 -15.60
C SER A 576 -5.45 -29.73 -16.46
N LEU A 577 -6.74 -30.01 -16.60
CA LEU A 577 -7.64 -29.08 -17.25
C LEU A 577 -7.67 -27.78 -16.45
N ALA A 578 -7.35 -26.68 -17.11
CA ALA A 578 -7.20 -25.40 -16.42
C ALA A 578 -7.54 -24.27 -17.36
N LEU A 579 -7.88 -23.12 -16.77
CA LEU A 579 -8.07 -21.89 -17.50
C LEU A 579 -6.83 -21.02 -17.32
N VAL A 580 -6.15 -20.73 -18.43
CA VAL A 580 -4.91 -19.98 -18.39
C VAL A 580 -5.23 -18.49 -18.54
N ALA A 581 -4.67 -17.68 -17.65
CA ALA A 581 -4.92 -16.24 -17.64
C ALA A 581 -3.78 -15.51 -18.36
N LEU A 582 -3.71 -15.72 -19.67
CA LEU A 582 -2.65 -15.12 -20.46
C LEU A 582 -2.74 -13.60 -20.41
N GLY A 583 -1.60 -12.96 -20.22
CA GLY A 583 -1.52 -11.50 -20.24
C GLY A 583 -0.19 -11.00 -20.76
N ALA A 584 -0.22 -10.19 -21.81
CA ALA A 584 0.99 -9.65 -22.42
C ALA A 584 1.14 -8.19 -22.02
N LEU A 585 2.29 -7.85 -21.45
CA LEU A 585 2.55 -6.52 -20.91
C LEU A 585 3.79 -5.95 -21.55
N ASP A 586 3.66 -4.78 -22.17
CA ASP A 586 4.83 -4.07 -22.68
C ASP A 586 5.80 -3.80 -21.53
N THR A 587 7.08 -4.09 -21.77
CA THR A 587 8.08 -3.94 -20.72
C THR A 587 8.43 -2.49 -20.46
N ALA A 588 8.32 -1.61 -21.46
CA ALA A 588 8.68 -0.22 -21.25
C ALA A 588 7.90 0.41 -20.11
N LEU A 589 6.70 -0.12 -19.81
CA LEU A 589 5.91 0.41 -18.71
C LEU A 589 6.66 0.31 -17.39
N TYR A 590 7.49 -0.71 -17.22
CA TYR A 590 8.35 -0.75 -16.04
C TYR A 590 9.31 0.43 -16.04
N ALA A 591 9.81 0.81 -17.22
CA ALA A 591 10.68 1.97 -17.31
C ALA A 591 9.95 3.24 -16.93
N ALA A 592 8.68 3.36 -17.33
CA ALA A 592 7.91 4.55 -16.99
C ALA A 592 7.92 4.76 -15.48
N GLY A 593 8.08 6.01 -15.07
CA GLY A 593 8.31 6.32 -13.67
C GLY A 593 7.31 5.62 -12.75
N SER A 594 7.80 4.65 -11.99
CA SER A 594 6.94 3.88 -11.11
C SER A 594 7.83 3.14 -10.11
N LYS A 595 7.20 2.63 -9.07
CA LYS A 595 7.91 1.84 -8.06
C LYS A 595 8.42 0.52 -8.61
N SER A 596 7.99 0.12 -9.80
CA SER A 596 8.40 -1.15 -10.41
C SER A 596 7.93 -2.32 -9.55
N HIS A 597 6.66 -2.25 -9.14
CA HIS A 597 6.13 -3.24 -8.21
C HIS A 597 6.16 -4.63 -8.82
N LYS A 598 6.41 -5.62 -7.98
CA LYS A 598 6.46 -7.00 -8.46
C LYS A 598 5.08 -7.42 -8.97
N PRO A 599 5.02 -8.13 -10.10
CA PRO A 599 3.72 -8.61 -10.57
C PRO A 599 3.21 -9.72 -9.68
N LEU A 600 2.14 -10.38 -10.10
CA LEU A 600 1.66 -11.56 -9.38
C LEU A 600 2.62 -12.71 -9.66
N ASN A 601 3.51 -12.98 -8.71
CA ASN A 601 4.48 -14.06 -8.83
C ASN A 601 4.40 -14.94 -7.59
N MET A 602 5.13 -16.06 -7.64
CA MET A 602 5.05 -17.04 -6.56
C MET A 602 5.43 -16.46 -5.21
N GLY A 603 6.20 -15.37 -5.18
CA GLY A 603 6.53 -14.76 -3.91
C GLY A 603 5.28 -14.37 -3.14
N LYS A 604 4.29 -13.84 -3.84
CA LYS A 604 3.05 -13.45 -3.19
C LYS A 604 2.10 -14.63 -2.97
N VAL A 605 2.04 -15.57 -3.92
CA VAL A 605 1.13 -16.70 -3.78
C VAL A 605 1.45 -17.46 -2.51
N PHE A 606 2.72 -17.82 -2.31
CA PHE A 606 3.13 -18.51 -1.09
C PHE A 606 3.02 -17.60 0.12
N GLU A 607 3.31 -16.31 -0.04
CA GLU A 607 3.08 -15.36 1.03
C GLU A 607 1.60 -15.30 1.37
N ALA A 608 0.74 -15.33 0.35
CA ALA A 608 -0.70 -15.33 0.59
C ALA A 608 -1.13 -16.59 1.35
N MET A 609 -0.64 -17.75 0.92
CA MET A 609 -0.99 -18.99 1.61
C MET A 609 -0.58 -18.92 3.07
N ASN A 610 0.68 -18.58 3.32
CA ASN A 610 1.17 -18.54 4.70
C ASN A 610 0.62 -17.37 5.50
N SER A 611 -0.03 -16.41 4.85
CA SER A 611 -0.63 -15.31 5.59
C SER A 611 -1.67 -15.83 6.58
N TYR A 612 -2.21 -17.03 6.35
CA TYR A 612 -3.12 -17.66 7.28
C TYR A 612 -2.42 -18.26 8.48
N ASP A 613 -1.11 -18.44 8.42
CA ASP A 613 -0.39 -19.03 9.54
C ASP A 613 -0.58 -18.18 10.78
N LEU A 614 -1.15 -18.77 11.82
CA LEU A 614 -1.50 -18.03 13.02
C LEU A 614 -0.36 -17.92 14.01
N GLY A 615 0.37 -19.01 14.24
CA GLY A 615 1.52 -18.94 15.10
C GLY A 615 2.64 -18.14 14.50
N CYS A 616 3.44 -17.52 15.37
CA CYS A 616 4.57 -16.73 14.94
C CYS A 616 5.73 -16.96 15.89
N GLY A 617 6.93 -16.70 15.41
CA GLY A 617 8.13 -17.02 16.13
C GLY A 617 8.61 -18.40 15.75
N PRO A 618 9.92 -18.62 15.82
CA PRO A 618 10.48 -19.89 15.33
C PRO A 618 10.07 -21.10 16.14
N GLY A 619 9.61 -20.93 17.38
CA GLY A 619 9.08 -22.02 18.17
C GLY A 619 9.70 -22.06 19.55
N GLY A 620 9.32 -23.09 20.30
CA GLY A 620 9.87 -23.31 21.62
C GLY A 620 9.31 -22.34 22.64
N GLY A 621 9.06 -22.84 23.85
CA GLY A 621 8.51 -21.99 24.90
C GLY A 621 8.84 -22.54 26.27
N ASP A 622 8.79 -21.66 27.25
CA ASP A 622 9.11 -22.06 28.63
C ASP A 622 8.16 -23.14 29.11
N SER A 623 6.86 -22.90 29.02
CA SER A 623 5.84 -23.80 29.51
C SER A 623 5.05 -24.38 28.34
N ALA A 624 4.50 -25.57 28.55
CA ALA A 624 3.74 -26.22 27.50
C ALA A 624 2.64 -25.32 26.96
N LEU A 625 2.03 -24.50 27.82
CA LEU A 625 1.01 -23.59 27.34
C LEU A 625 1.59 -22.57 26.37
N GLN A 626 2.75 -22.00 26.70
CA GLN A 626 3.32 -20.95 25.87
C GLN A 626 3.69 -21.46 24.48
N VAL A 627 4.29 -22.65 24.41
CA VAL A 627 4.66 -23.21 23.11
C VAL A 627 3.42 -23.45 22.26
N PHE A 628 2.34 -23.92 22.87
CA PHE A 628 1.13 -24.20 22.11
C PHE A 628 0.45 -22.91 21.67
N GLN A 629 0.67 -21.81 22.40
CA GLN A 629 0.22 -20.52 21.91
C GLN A 629 1.02 -20.08 20.70
N ALA A 630 2.34 -20.22 20.77
CA ALA A 630 3.22 -19.73 19.70
C ALA A 630 2.99 -20.45 18.39
N ALA A 631 2.63 -21.73 18.41
CA ALA A 631 2.40 -22.49 17.20
C ALA A 631 1.05 -22.19 16.57
N GLY A 632 0.22 -21.38 17.21
CA GLY A 632 -1.11 -21.11 16.71
C GLY A 632 -2.07 -22.24 17.03
N LEU A 633 -2.18 -22.57 18.32
CA LEU A 633 -2.97 -23.70 18.76
C LEU A 633 -3.73 -23.33 20.03
N ALA A 634 -4.85 -24.03 20.23
CA ALA A 634 -5.61 -23.96 21.47
C ALA A 634 -5.53 -25.32 22.13
N PHE A 635 -5.09 -25.34 23.39
CA PHE A 635 -4.85 -26.57 24.12
C PHE A 635 -5.56 -26.52 25.46
N SER A 636 -6.35 -27.55 25.75
CA SER A 636 -7.04 -27.65 27.02
C SER A 636 -7.16 -29.12 27.40
N ASP A 637 -6.57 -29.48 28.55
CA ASP A 637 -6.60 -30.84 29.06
C ASP A 637 -7.49 -30.97 30.28
N GLY A 638 -8.31 -29.98 30.55
CA GLY A 638 -9.15 -29.99 31.74
C GLY A 638 -8.54 -29.27 32.92
N ASP A 639 -7.23 -29.44 33.11
CA ASP A 639 -6.53 -28.78 34.21
C ASP A 639 -5.76 -27.55 33.76
N GLN A 640 -5.24 -27.55 32.54
CA GLN A 640 -4.57 -26.39 31.97
C GLN A 640 -5.20 -26.09 30.61
N TRP A 641 -5.43 -24.82 30.34
CA TRP A 641 -6.13 -24.39 29.14
C TRP A 641 -5.41 -23.21 28.50
N THR A 642 -5.62 -23.05 27.20
CA THR A 642 -4.91 -22.05 26.42
C THR A 642 -5.69 -20.73 26.41
N LEU A 643 -5.00 -19.64 26.71
CA LEU A 643 -5.62 -18.33 26.64
C LEU A 643 -5.94 -17.98 25.19
N SER A 644 -7.06 -17.28 25.00
CA SER A 644 -7.47 -16.90 23.67
C SER A 644 -6.54 -15.82 23.11
N ARG A 645 -6.50 -15.71 21.78
CA ARG A 645 -5.65 -14.72 21.15
C ARG A 645 -6.12 -13.32 21.47
N LYS A 646 -5.17 -12.43 21.77
CA LYS A 646 -5.53 -11.05 22.07
C LYS A 646 -5.87 -10.29 20.79
N ARG A 647 -5.30 -10.69 19.65
CA ARG A 647 -5.59 -10.06 18.38
C ARG A 647 -5.14 -10.99 17.25
N LEU A 648 -5.70 -10.77 16.06
CA LEU A 648 -5.52 -11.73 14.98
C LEU A 648 -4.05 -11.90 14.61
N SER A 649 -3.30 -10.81 14.53
CA SER A 649 -1.89 -10.85 14.17
C SER A 649 -1.05 -10.46 15.37
N CYS A 650 -0.08 -11.30 15.70
CA CYS A 650 0.80 -11.04 16.84
C CYS A 650 1.70 -9.83 16.57
N ASP B 89 8.54 3.31 -52.94
CA ASP B 89 7.10 3.38 -53.17
C ASP B 89 6.36 3.72 -51.89
N GLU B 90 5.41 4.66 -51.99
CA GLU B 90 4.67 5.10 -50.81
C GLU B 90 3.70 4.03 -50.33
N ASP B 91 2.98 3.40 -51.24
CA ASP B 91 1.96 2.41 -50.86
C ASP B 91 2.58 1.12 -50.34
N ASP B 92 3.70 0.69 -50.91
CA ASP B 92 4.29 -0.59 -50.54
C ASP B 92 4.68 -0.64 -49.07
N ILE B 93 5.01 0.50 -48.48
CA ILE B 93 5.52 0.50 -47.10
C ILE B 93 4.39 0.11 -46.15
N PRO B 94 4.61 -0.84 -45.23
CA PRO B 94 3.51 -1.32 -44.38
C PRO B 94 3.23 -0.42 -43.18
N VAL B 95 2.39 0.61 -43.39
CA VAL B 95 2.04 1.51 -42.30
C VAL B 95 1.72 0.71 -41.04
N ARG B 96 2.25 1.16 -39.91
CA ARG B 96 2.03 0.52 -38.62
C ARG B 96 1.13 1.41 -37.79
N SER B 97 0.02 0.85 -37.30
CA SER B 97 -0.98 1.63 -36.57
C SER B 97 -1.38 1.04 -35.24
N PHE B 98 -1.19 -0.26 -35.02
CA PHE B 98 -1.60 -0.92 -33.79
C PHE B 98 -0.50 -0.77 -32.75
N PHE B 99 -0.70 0.10 -31.77
CA PHE B 99 0.32 0.39 -30.75
C PHE B 99 -0.29 0.28 -29.36
N PRO B 100 -0.81 -0.89 -29.00
CA PRO B 100 -1.38 -1.07 -27.67
C PRO B 100 -0.29 -1.26 -26.63
N GLU B 101 -0.70 -1.18 -25.37
CA GLU B 101 0.17 -1.44 -24.23
C GLU B 101 -0.09 -2.80 -23.60
N ASN B 102 -1.16 -3.48 -24.00
CA ASN B 102 -1.47 -4.80 -23.46
C ASN B 102 -2.50 -5.43 -24.40
N TRP B 103 -2.14 -6.54 -25.03
CA TRP B 103 -2.93 -7.11 -26.11
C TRP B 103 -3.41 -8.52 -25.86
N LEU B 104 -2.54 -9.42 -25.37
CA LEU B 104 -2.92 -10.80 -25.16
C LEU B 104 -3.59 -10.95 -23.79
N TRP B 105 -4.75 -10.31 -23.68
CA TRP B 105 -5.57 -10.36 -22.46
C TRP B 105 -6.79 -11.22 -22.76
N ARG B 106 -6.74 -12.48 -22.33
CA ARG B 106 -7.83 -13.41 -22.56
C ARG B 106 -7.70 -14.54 -21.55
N VAL B 107 -8.54 -15.55 -21.72
CA VAL B 107 -8.52 -16.73 -20.85
C VAL B 107 -9.07 -17.89 -21.65
N GLU B 108 -8.44 -19.07 -21.51
CA GLU B 108 -8.79 -20.21 -22.34
C GLU B 108 -8.41 -21.49 -21.63
N THR B 109 -8.98 -22.60 -22.10
CA THR B 109 -8.75 -23.90 -21.50
C THR B 109 -7.45 -24.51 -22.03
N VAL B 110 -7.05 -25.62 -21.40
CA VAL B 110 -5.82 -26.32 -21.75
C VAL B 110 -6.07 -27.82 -21.71
N ASP B 111 -5.52 -28.52 -22.70
CA ASP B 111 -5.60 -29.98 -22.80
C ASP B 111 -4.24 -30.55 -23.16
N ARG B 112 -3.19 -30.03 -22.53
CA ARG B 112 -1.81 -30.47 -22.72
C ARG B 112 -1.24 -30.02 -24.07
N PHE B 113 -2.06 -29.43 -24.93
CA PHE B 113 -1.58 -29.05 -26.25
C PHE B 113 -2.58 -28.12 -26.90
N GLN B 114 -2.15 -26.89 -27.18
CA GLN B 114 -2.91 -26.00 -28.05
C GLN B 114 -1.94 -25.03 -28.70
N ILE B 115 -2.14 -24.80 -29.98
CA ILE B 115 -1.28 -23.94 -30.79
C ILE B 115 -2.09 -22.69 -31.09
N LEU B 116 -1.96 -21.67 -30.24
CA LEU B 116 -2.61 -20.39 -30.46
C LEU B 116 -1.65 -19.45 -31.18
N THR B 117 -2.10 -18.90 -32.29
CA THR B 117 -1.29 -17.99 -33.09
C THR B 117 -1.53 -16.57 -32.61
N LEU B 118 -0.47 -15.91 -32.16
CA LEU B 118 -0.52 -14.51 -31.74
C LEU B 118 0.10 -13.66 -32.82
N TRP B 119 -0.64 -12.65 -33.26
CA TRP B 119 -0.12 -11.68 -34.23
C TRP B 119 0.49 -10.52 -33.45
N LEU B 120 1.80 -10.38 -33.53
CA LEU B 120 2.48 -9.40 -32.70
C LEU B 120 1.98 -8.00 -33.05
N PRO B 121 1.60 -7.19 -32.06
CA PRO B 121 1.19 -5.82 -32.36
C PRO B 121 2.35 -5.04 -32.96
N ASP B 122 2.01 -4.08 -33.82
CA ASP B 122 3.01 -3.35 -34.59
C ASP B 122 3.73 -2.33 -33.72
N SER B 123 4.38 -2.85 -32.69
CA SER B 123 5.20 -2.06 -31.77
C SER B 123 6.54 -2.75 -31.62
N LEU B 124 7.58 -1.96 -31.38
CA LEU B 124 8.95 -2.47 -31.23
C LEU B 124 9.35 -2.38 -29.77
N THR B 125 9.30 -3.52 -29.09
CA THR B 125 9.59 -3.62 -27.66
C THR B 125 9.77 -5.10 -27.35
N THR B 126 10.12 -5.40 -26.10
CA THR B 126 10.12 -6.76 -25.60
C THR B 126 8.96 -6.93 -24.64
N TRP B 127 8.15 -7.95 -24.89
CA TRP B 127 6.87 -8.15 -24.20
C TRP B 127 7.03 -9.14 -23.06
N GLU B 128 6.52 -8.77 -21.89
CA GLU B 128 6.63 -9.59 -20.69
C GLU B 128 5.40 -10.49 -20.56
N ILE B 129 5.25 -11.37 -21.55
CA ILE B 129 4.11 -12.28 -21.58
C ILE B 129 4.17 -13.19 -20.37
N HIS B 130 3.01 -13.41 -19.74
CA HIS B 130 2.91 -14.36 -18.65
C HIS B 130 1.49 -14.90 -18.61
N GLY B 131 1.22 -15.77 -17.65
CA GLY B 131 -0.10 -16.35 -17.50
C GLY B 131 -0.22 -17.10 -16.19
N LEU B 132 -1.47 -17.36 -15.80
CA LEU B 132 -1.78 -18.13 -14.60
C LEU B 132 -2.72 -19.25 -14.96
N SER B 133 -2.41 -20.47 -14.50
CA SER B 133 -3.26 -21.62 -14.71
C SER B 133 -4.22 -21.76 -13.53
N LEU B 134 -5.51 -21.88 -13.84
CA LEU B 134 -6.55 -22.04 -12.82
C LEU B 134 -7.23 -23.37 -13.09
N SER B 135 -6.84 -24.41 -12.35
CA SER B 135 -7.33 -25.76 -12.55
C SER B 135 -8.20 -26.19 -11.38
N LYS B 136 -9.24 -26.97 -11.68
CA LYS B 136 -10.11 -27.49 -10.63
C LYS B 136 -9.39 -28.53 -9.77
N THR B 137 -8.54 -29.34 -10.40
CA THR B 137 -7.88 -30.43 -9.67
C THR B 137 -6.66 -29.93 -8.92
N LYS B 138 -5.65 -29.43 -9.65
CA LYS B 138 -4.40 -29.04 -9.03
C LYS B 138 -4.53 -27.68 -8.34
N GLY B 139 -4.83 -26.64 -9.10
CA GLY B 139 -4.98 -25.31 -8.57
C GLY B 139 -4.08 -24.33 -9.29
N LEU B 140 -3.76 -23.24 -8.61
CA LEU B 140 -3.02 -22.14 -9.23
C LEU B 140 -1.52 -22.30 -9.04
N CYS B 141 -0.77 -21.97 -10.09
CA CYS B 141 0.66 -21.71 -9.93
C CYS B 141 1.01 -20.64 -10.96
N VAL B 142 1.75 -19.63 -10.56
CA VAL B 142 2.13 -18.55 -11.47
C VAL B 142 3.17 -19.08 -12.45
N ALA B 143 2.94 -18.87 -13.73
CA ALA B 143 3.87 -19.33 -14.75
C ALA B 143 5.13 -18.48 -14.72
N THR B 144 6.17 -18.98 -15.38
CA THR B 144 7.39 -18.21 -15.53
C THR B 144 7.23 -17.23 -16.69
N PRO B 145 7.38 -15.93 -16.47
CA PRO B 145 7.16 -14.98 -17.57
C PRO B 145 8.08 -15.27 -18.74
N VAL B 146 7.55 -15.05 -19.94
CA VAL B 146 8.30 -15.24 -21.18
C VAL B 146 8.59 -13.87 -21.77
N GLN B 147 9.87 -13.60 -22.04
CA GLN B 147 10.31 -12.30 -22.54
C GLN B 147 10.42 -12.33 -24.05
N LEU B 148 9.25 -12.34 -24.71
CA LEU B 148 9.23 -12.24 -26.16
C LEU B 148 9.78 -10.90 -26.60
N ARG B 149 10.50 -10.90 -27.73
CA ARG B 149 11.12 -9.69 -28.23
C ARG B 149 10.75 -9.50 -29.70
N VAL B 150 10.27 -8.32 -30.03
CA VAL B 150 9.93 -7.95 -31.40
C VAL B 150 10.72 -6.69 -31.75
N PHE B 151 11.36 -6.70 -32.91
CA PHE B 151 12.22 -5.60 -33.31
C PHE B 151 12.47 -5.67 -34.81
N ARG B 152 12.59 -4.49 -35.43
CA ARG B 152 12.86 -4.36 -36.86
C ARG B 152 14.21 -3.69 -37.07
N GLU B 153 14.95 -4.15 -38.07
CA GLU B 153 16.32 -3.68 -38.24
C GLU B 153 16.38 -2.18 -38.50
N PHE B 154 15.46 -1.65 -39.30
CA PHE B 154 15.43 -0.22 -39.64
C PHE B 154 14.02 0.29 -39.41
N HIS B 155 13.84 1.04 -38.32
CA HIS B 155 12.52 1.48 -37.90
C HIS B 155 12.53 2.98 -37.67
N LEU B 156 11.33 3.51 -37.37
CA LEU B 156 11.11 4.94 -37.19
C LEU B 156 10.31 5.12 -35.91
N HIS B 157 10.91 5.75 -34.90
CA HIS B 157 10.28 5.96 -33.61
C HIS B 157 9.77 7.40 -33.55
N LEU B 158 8.45 7.55 -33.60
CA LEU B 158 7.79 8.84 -33.53
C LEU B 158 7.01 8.94 -32.24
N ARG B 159 7.40 9.87 -31.37
CA ARG B 159 6.88 9.98 -30.01
C ARG B 159 6.17 11.31 -29.86
N LEU B 160 4.85 11.30 -30.08
CA LEU B 160 4.07 12.53 -30.01
C LEU B 160 3.95 13.01 -28.57
N PRO B 161 4.07 14.31 -28.32
CA PRO B 161 3.79 14.82 -26.98
C PRO B 161 2.33 14.61 -26.62
N MET B 162 2.06 14.47 -25.32
CA MET B 162 0.71 14.12 -24.88
C MET B 162 -0.24 15.29 -25.03
N SER B 163 0.17 16.49 -24.62
CA SER B 163 -0.69 17.67 -24.66
C SER B 163 -0.18 18.62 -25.74
N VAL B 164 -0.96 18.78 -26.80
CA VAL B 164 -0.59 19.59 -27.96
C VAL B 164 -1.67 20.65 -28.13
N ARG B 165 -1.48 21.81 -27.51
CA ARG B 165 -2.46 22.89 -27.61
C ARG B 165 -2.52 23.40 -29.04
N ARG B 166 -3.69 23.93 -29.41
CA ARG B 166 -3.82 24.54 -30.73
C ARG B 166 -3.29 25.97 -30.70
N PHE B 167 -3.02 26.50 -31.90
CA PHE B 167 -2.50 27.86 -32.05
C PHE B 167 -1.09 27.95 -31.50
N GLU B 168 -0.50 26.81 -31.15
CA GLU B 168 0.85 26.74 -30.59
C GLU B 168 1.74 25.95 -31.52
N GLN B 169 2.96 26.44 -31.71
CA GLN B 169 3.91 25.76 -32.59
C GLN B 169 4.31 24.43 -31.96
N LEU B 170 4.37 23.39 -32.78
CA LEU B 170 4.67 22.05 -32.32
C LEU B 170 5.97 21.56 -32.94
N GLU B 171 6.69 20.73 -32.18
CA GLU B 171 7.95 20.16 -32.62
C GLU B 171 7.83 18.63 -32.59
N LEU B 172 7.74 18.03 -33.77
CA LEU B 172 7.69 16.58 -33.91
C LEU B 172 9.02 16.11 -34.49
N ARG B 173 9.60 15.06 -33.87
CA ARG B 173 10.92 14.56 -34.22
C ARG B 173 10.84 13.05 -34.47
N PRO B 174 10.58 12.63 -35.70
CA PRO B 174 10.72 11.21 -36.02
C PRO B 174 12.18 10.81 -36.11
N VAL B 175 12.68 10.08 -35.12
CA VAL B 175 14.10 9.71 -35.08
C VAL B 175 14.28 8.45 -35.91
N LEU B 176 14.75 8.61 -37.14
CA LEU B 176 15.09 7.44 -37.94
C LEU B 176 16.10 6.59 -37.19
N TYR B 177 15.90 5.28 -37.24
CA TYR B 177 16.82 4.31 -36.66
C TYR B 177 17.26 3.37 -37.76
N ASN B 178 18.58 3.19 -37.90
CA ASN B 178 19.14 2.39 -38.98
C ASN B 178 20.24 1.51 -38.39
N TYR B 179 19.91 0.25 -38.12
CA TYR B 179 20.86 -0.73 -37.61
C TYR B 179 21.43 -1.61 -38.71
N LEU B 180 21.12 -1.32 -39.98
CA LEU B 180 21.63 -2.10 -41.09
C LEU B 180 23.14 -1.86 -41.24
N ASP B 181 23.73 -2.53 -42.22
CA ASP B 181 25.15 -2.41 -42.51
C ASP B 181 25.43 -1.54 -43.74
N LYS B 182 24.43 -0.84 -44.25
CA LYS B 182 24.57 -0.02 -45.45
C LYS B 182 24.17 1.42 -45.14
N ASN B 183 25.01 2.36 -45.57
CA ASN B 183 24.63 3.76 -45.51
C ASN B 183 23.41 3.98 -46.39
N LEU B 184 22.36 4.56 -45.84
CA LEU B 184 21.10 4.76 -46.57
C LEU B 184 20.74 6.23 -46.53
N THR B 185 20.29 6.74 -47.68
CA THR B 185 19.80 8.11 -47.81
C THR B 185 18.29 8.03 -47.98
N VAL B 186 17.57 8.11 -46.87
CA VAL B 186 16.14 7.91 -46.86
C VAL B 186 15.45 9.28 -46.80
N SER B 187 14.14 9.26 -47.00
CA SER B 187 13.33 10.47 -47.04
C SER B 187 12.21 10.37 -46.00
N VAL B 188 12.08 11.41 -45.18
CA VAL B 188 11.04 11.50 -44.17
C VAL B 188 10.06 12.58 -44.59
N HIS B 189 8.77 12.25 -44.62
CA HIS B 189 7.77 13.24 -45.01
C HIS B 189 6.41 12.84 -44.45
N VAL B 190 5.83 13.70 -43.63
CA VAL B 190 4.48 13.48 -43.16
C VAL B 190 3.51 13.61 -44.33
N SER B 191 2.69 12.58 -44.54
CA SER B 191 1.77 12.60 -45.66
C SER B 191 0.75 13.73 -45.47
N PRO B 192 0.31 14.37 -46.55
CA PRO B 192 -0.65 15.48 -46.40
C PRO B 192 -1.91 15.01 -45.69
N VAL B 193 -2.19 15.63 -44.56
CA VAL B 193 -3.34 15.30 -43.73
C VAL B 193 -4.17 16.55 -43.50
N GLU B 194 -5.47 16.45 -43.74
CA GLU B 194 -6.35 17.58 -43.52
C GLU B 194 -6.43 17.90 -42.03
N GLY B 195 -6.68 19.19 -41.74
CA GLY B 195 -6.74 19.66 -40.37
C GLY B 195 -5.42 20.04 -39.77
N LEU B 196 -4.32 19.93 -40.51
CA LEU B 196 -2.99 20.27 -40.04
C LEU B 196 -2.33 21.25 -41.01
N CYS B 197 -1.26 21.88 -40.53
CA CYS B 197 -0.44 22.80 -41.31
C CYS B 197 0.94 22.17 -41.51
N LEU B 198 1.18 21.65 -42.71
CA LEU B 198 2.51 21.18 -43.05
C LEU B 198 3.44 22.35 -43.28
N ALA B 199 4.63 22.30 -42.68
CA ALA B 199 5.58 23.38 -42.84
C ALA B 199 5.92 23.59 -44.31
N GLY B 200 6.06 22.52 -45.06
CA GLY B 200 6.27 22.59 -46.49
C GLY B 200 5.01 22.71 -47.31
N GLY B 201 3.86 22.79 -46.66
CA GLY B 201 2.59 22.84 -47.36
C GLY B 201 2.04 21.48 -47.75
N GLY B 202 2.73 20.39 -47.41
CA GLY B 202 2.25 19.07 -47.75
C GLY B 202 3.34 18.02 -47.77
N GLY B 203 3.32 17.14 -48.77
CA GLY B 203 4.28 16.07 -48.86
C GLY B 203 5.57 16.49 -49.53
N LEU B 204 6.41 17.23 -48.81
CA LEU B 204 7.72 17.64 -49.31
C LEU B 204 8.77 16.73 -48.70
N ALA B 205 9.40 15.91 -49.53
CA ALA B 205 10.43 15.00 -49.06
C ALA B 205 11.64 15.76 -48.57
N GLN B 206 12.21 15.30 -47.46
CA GLN B 206 13.43 15.88 -46.89
C GLN B 206 14.50 14.80 -46.94
N GLN B 207 15.23 14.73 -48.04
CA GLN B 207 16.28 13.73 -48.17
C GLN B 207 17.26 13.85 -47.02
N VAL B 208 17.59 12.73 -46.39
CA VAL B 208 18.53 12.69 -45.28
C VAL B 208 19.40 11.45 -45.42
N LEU B 209 20.68 11.59 -45.09
CA LEU B 209 21.62 10.49 -45.14
C LEU B 209 21.85 9.96 -43.72
N VAL B 210 21.64 8.66 -43.53
CA VAL B 210 21.71 8.04 -42.22
C VAL B 210 22.94 7.12 -42.21
N PRO B 211 24.04 7.51 -41.58
CA PRO B 211 25.14 6.55 -41.40
C PRO B 211 24.66 5.35 -40.62
N ALA B 212 25.12 4.17 -41.04
CA ALA B 212 24.62 2.93 -40.46
C ALA B 212 24.87 2.91 -38.95
N GLY B 213 23.95 2.30 -38.22
CA GLY B 213 24.05 2.24 -36.78
C GLY B 213 23.96 3.61 -36.12
N SER B 214 23.05 4.46 -36.59
CA SER B 214 22.95 5.82 -36.07
C SER B 214 21.58 6.38 -36.42
N ALA B 215 21.21 7.45 -35.73
CA ALA B 215 19.90 8.08 -35.86
C ALA B 215 20.04 9.49 -36.42
N ARG B 216 19.09 9.88 -37.26
CA ARG B 216 19.10 11.20 -37.91
C ARG B 216 17.72 11.82 -37.80
N PRO B 217 17.38 12.37 -36.64
CA PRO B 217 16.06 12.99 -36.49
C PRO B 217 15.86 14.08 -37.52
N VAL B 218 14.65 14.16 -38.05
CA VAL B 218 14.29 15.15 -39.07
C VAL B 218 13.18 15.99 -38.46
N ALA B 219 13.56 17.08 -37.78
CA ALA B 219 12.58 17.87 -37.06
C ALA B 219 11.47 18.31 -38.00
N PHE B 220 10.22 18.10 -37.58
CA PHE B 220 9.05 18.58 -38.29
C PHE B 220 8.21 19.40 -37.33
N SER B 221 7.81 20.60 -37.77
CA SER B 221 7.06 21.53 -36.94
C SER B 221 5.76 21.87 -37.67
N VAL B 222 4.67 21.25 -37.24
CA VAL B 222 3.34 21.50 -37.79
C VAL B 222 2.47 22.02 -36.67
N VAL B 223 1.79 23.13 -36.93
CA VAL B 223 0.90 23.75 -35.93
C VAL B 223 -0.46 23.07 -36.02
N PRO B 224 -1.03 22.60 -34.92
CA PRO B 224 -2.32 21.89 -34.99
C PRO B 224 -3.49 22.87 -35.03
N THR B 225 -4.35 22.71 -36.04
CA THR B 225 -5.53 23.55 -36.19
C THR B 225 -6.81 22.74 -36.33
N ALA B 226 -6.76 21.43 -36.10
CA ALA B 226 -7.94 20.59 -36.28
C ALA B 226 -8.88 20.79 -35.10
N ALA B 227 -9.88 19.92 -34.96
CA ALA B 227 -10.91 20.07 -33.94
C ALA B 227 -10.72 19.10 -32.77
N ALA B 228 -10.65 17.80 -33.03
CA ALA B 228 -10.59 16.80 -31.98
C ALA B 228 -9.28 16.03 -31.97
N ALA B 229 -8.91 15.42 -33.10
CA ALA B 229 -7.68 14.65 -33.17
C ALA B 229 -7.36 14.38 -34.63
N VAL B 230 -6.06 14.34 -34.93
CA VAL B 230 -5.57 14.12 -36.29
C VAL B 230 -4.55 12.99 -36.27
N SER B 231 -4.66 12.07 -37.21
CA SER B 231 -3.73 10.96 -37.35
C SER B 231 -2.78 11.27 -38.49
N LEU B 232 -1.51 11.48 -38.16
CA LEU B 232 -0.48 11.84 -39.12
C LEU B 232 0.50 10.69 -39.27
N LYS B 233 0.74 10.27 -40.51
CA LYS B 233 1.57 9.11 -40.80
C LYS B 233 2.90 9.57 -41.40
N VAL B 234 3.99 9.22 -40.76
CA VAL B 234 5.33 9.51 -41.27
C VAL B 234 5.83 8.31 -42.04
N VAL B 235 6.24 8.54 -43.29
CA VAL B 235 6.65 7.47 -44.18
C VAL B 235 8.11 7.67 -44.52
N ALA B 236 8.94 6.66 -44.24
CA ALA B 236 10.36 6.68 -44.52
C ALA B 236 10.62 5.74 -45.70
N ARG B 237 10.75 6.33 -46.89
CA ARG B 237 11.01 5.56 -48.11
C ARG B 237 12.48 5.70 -48.48
N GLY B 238 13.16 4.56 -48.62
CA GLY B 238 14.58 4.55 -48.88
C GLY B 238 14.91 4.52 -50.36
N SER B 239 16.19 4.74 -50.65
CA SER B 239 16.66 4.75 -52.03
C SER B 239 16.72 3.34 -52.59
N PHE B 240 16.91 3.26 -53.92
CA PHE B 240 16.94 1.97 -54.59
C PHE B 240 18.20 1.17 -54.30
N GLU B 241 19.19 1.77 -53.64
CA GLU B 241 20.40 1.03 -53.30
C GLU B 241 20.07 -0.14 -52.38
N PHE B 242 19.21 0.09 -51.38
CA PHE B 242 18.73 -1.00 -50.54
C PHE B 242 17.33 -0.62 -50.04
N PRO B 243 16.28 -0.93 -50.81
CA PRO B 243 14.96 -0.33 -50.53
C PRO B 243 14.23 -0.94 -49.34
N VAL B 244 14.49 -0.45 -48.15
CA VAL B 244 13.73 -0.80 -46.95
C VAL B 244 13.03 0.45 -46.44
N GLY B 245 11.70 0.37 -46.29
CA GLY B 245 10.93 1.50 -45.86
C GLY B 245 10.07 1.15 -44.66
N ASP B 246 9.74 2.19 -43.90
CA ASP B 246 8.96 2.08 -42.68
C ASP B 246 7.92 3.19 -42.67
N ALA B 247 6.83 2.96 -41.94
CA ALA B 247 5.75 3.94 -41.93
C ALA B 247 4.97 3.81 -40.62
N VAL B 248 5.01 4.85 -39.80
CA VAL B 248 4.32 4.88 -38.51
C VAL B 248 3.17 5.86 -38.63
N SER B 249 2.02 5.48 -38.07
CA SER B 249 0.81 6.31 -38.09
C SER B 249 0.25 6.36 -36.67
N LYS B 250 0.60 7.39 -35.92
CA LYS B 250 0.16 7.54 -34.54
C LYS B 250 -0.86 8.67 -34.45
N VAL B 251 -1.97 8.39 -33.76
CA VAL B 251 -3.08 9.33 -33.67
C VAL B 251 -2.72 10.43 -32.68
N LEU B 252 -2.76 11.67 -33.13
CA LEU B 252 -2.47 12.83 -32.30
C LEU B 252 -3.78 13.44 -31.84
N GLN B 253 -3.95 13.60 -30.53
CA GLN B 253 -5.13 14.22 -29.97
C GLN B 253 -4.78 15.62 -29.48
N ILE B 254 -5.60 16.59 -29.87
CA ILE B 254 -5.34 18.00 -29.62
C ILE B 254 -6.29 18.46 -28.52
N GLU B 255 -5.74 19.13 -27.51
CA GLU B 255 -6.55 19.54 -26.37
C GLU B 255 -7.41 20.75 -26.72
N LYS B 256 -8.42 20.99 -25.88
CA LYS B 256 -9.37 22.06 -26.11
C LYS B 256 -8.77 23.42 -25.74
N GLU B 257 -9.47 24.47 -26.12
CA GLU B 257 -8.95 25.82 -25.97
C GLU B 257 -8.67 26.13 -24.51
N GLY B 258 -7.52 26.77 -24.26
CA GLY B 258 -7.22 27.31 -22.95
C GLY B 258 -6.84 26.26 -21.95
N ALA B 259 -6.63 26.72 -20.71
CA ALA B 259 -6.24 25.86 -19.61
C ALA B 259 -7.48 25.21 -19.01
N ILE B 260 -7.31 24.57 -17.86
CA ILE B 260 -8.40 23.89 -17.16
C ILE B 260 -8.47 24.45 -15.75
N HIS B 261 -9.69 24.66 -15.26
CA HIS B 261 -9.93 25.30 -13.98
C HIS B 261 -10.66 24.34 -13.05
N ARG B 262 -10.39 24.48 -11.75
CA ARG B 262 -10.97 23.62 -10.73
C ARG B 262 -11.67 24.48 -9.68
N GLU B 263 -12.91 24.11 -9.35
CA GLU B 263 -13.66 24.76 -8.29
C GLU B 263 -13.92 23.74 -7.18
N GLU B 264 -13.44 24.05 -5.98
CA GLU B 264 -13.60 23.18 -4.82
C GLU B 264 -14.53 23.86 -3.82
N LEU B 265 -15.69 23.27 -3.60
CA LEU B 265 -16.72 23.85 -2.72
C LEU B 265 -16.81 23.00 -1.46
N VAL B 266 -15.96 23.32 -0.47
CA VAL B 266 -16.00 22.60 0.79
C VAL B 266 -17.22 23.04 1.59
N TYR B 267 -17.94 22.06 2.13
CA TYR B 267 -19.13 22.33 2.92
C TYR B 267 -19.18 21.33 4.06
N GLU B 268 -20.31 21.26 4.75
CA GLU B 268 -20.50 20.36 5.87
C GLU B 268 -21.85 19.69 5.74
N LEU B 269 -22.11 18.73 6.63
CA LEU B 269 -23.40 18.07 6.70
C LEU B 269 -23.75 17.82 8.15
N ASN B 270 -25.05 17.64 8.41
CA ASN B 270 -25.54 17.42 9.75
C ASN B 270 -26.93 16.79 9.65
N PRO B 271 -27.46 16.24 10.76
CA PRO B 271 -28.80 15.65 10.75
C PRO B 271 -29.86 16.61 10.21
N ARG B 275 -29.93 20.76 12.69
CA ARG B 275 -30.61 21.53 11.64
C ARG B 275 -29.68 21.74 10.45
N GLY B 276 -30.06 22.63 9.55
CA GLY B 276 -29.28 22.86 8.35
C GLY B 276 -29.27 21.64 7.46
N ARG B 277 -30.44 21.02 7.26
CA ARG B 277 -30.51 19.79 6.47
C ARG B 277 -30.31 20.09 4.99
N THR B 278 -31.22 20.85 4.40
CA THR B 278 -31.22 21.10 2.97
C THR B 278 -30.30 22.26 2.64
N LEU B 279 -29.37 22.05 1.72
CA LEU B 279 -28.47 23.09 1.24
C LEU B 279 -28.50 23.11 -0.28
N GLU B 280 -28.13 24.24 -0.85
CA GLU B 280 -28.13 24.44 -2.29
C GLU B 280 -26.76 24.91 -2.75
N ILE B 281 -26.29 24.34 -3.87
CA ILE B 281 -25.01 24.70 -4.46
C ILE B 281 -25.29 25.64 -5.62
N PRO B 282 -24.77 26.88 -5.60
CA PRO B 282 -25.04 27.79 -6.71
C PRO B 282 -24.51 27.23 -8.03
N GLY B 283 -25.26 27.48 -9.10
CA GLY B 283 -24.84 27.04 -10.41
C GLY B 283 -23.65 27.82 -10.92
N ASN B 284 -22.90 27.18 -11.82
CA ASN B 284 -21.73 27.82 -12.41
C ASN B 284 -22.13 29.09 -13.15
N SER B 285 -21.41 30.19 -12.87
CA SER B 285 -21.70 31.45 -13.54
C SER B 285 -20.43 32.24 -13.88
N ASP B 286 -19.27 31.60 -13.90
CA ASP B 286 -18.03 32.33 -14.15
C ASP B 286 -18.03 32.87 -15.58
N PRO B 287 -17.58 34.12 -15.80
CA PRO B 287 -17.54 34.65 -17.17
C PRO B 287 -16.41 34.08 -18.00
N ASN B 288 -15.38 33.50 -17.37
CA ASN B 288 -14.29 32.89 -18.10
C ASN B 288 -14.71 31.60 -18.82
N MET B 289 -15.92 31.11 -18.56
CA MET B 289 -16.41 29.91 -19.22
C MET B 289 -16.29 30.04 -20.73
N ILE B 290 -15.72 29.02 -21.36
CA ILE B 290 -15.82 28.94 -22.83
C ILE B 290 -17.22 28.45 -23.20
N PRO B 291 -17.93 29.13 -24.09
CA PRO B 291 -19.34 28.74 -24.33
C PRO B 291 -19.51 27.30 -24.72
N ASP B 292 -18.59 26.75 -25.51
CA ASP B 292 -18.59 25.34 -25.89
C ASP B 292 -17.34 24.69 -25.32
N GLY B 293 -17.51 23.63 -24.55
CA GLY B 293 -16.39 22.94 -23.97
C GLY B 293 -16.86 21.86 -23.03
N ASP B 294 -15.91 21.03 -22.61
CA ASP B 294 -16.22 19.92 -21.71
C ASP B 294 -16.43 20.45 -20.30
N PHE B 295 -17.57 20.09 -19.70
CA PHE B 295 -17.93 20.50 -18.35
C PHE B 295 -18.20 19.23 -17.55
N ASN B 296 -17.14 18.65 -17.00
CA ASN B 296 -17.24 17.43 -16.20
C ASN B 296 -17.12 17.79 -14.73
N SER B 297 -18.05 17.28 -13.92
CA SER B 297 -18.10 17.59 -12.50
C SER B 297 -18.20 16.29 -11.70
N TYR B 298 -17.65 16.31 -10.49
CA TYR B 298 -17.64 15.15 -9.62
C TYR B 298 -18.00 15.58 -8.20
N VAL B 299 -18.61 14.67 -7.45
CA VAL B 299 -19.00 14.94 -6.08
C VAL B 299 -18.07 14.17 -5.15
N ARG B 300 -17.89 14.68 -3.95
CA ARG B 300 -16.97 14.13 -2.97
C ARG B 300 -17.64 14.19 -1.61
N VAL B 301 -18.01 13.03 -1.05
CA VAL B 301 -18.67 12.96 0.23
C VAL B 301 -17.84 12.07 1.15
N THR B 302 -17.62 12.54 2.37
CA THR B 302 -16.78 11.84 3.35
C THR B 302 -17.59 11.58 4.60
N ALA B 303 -17.51 10.35 5.11
CA ALA B 303 -18.23 10.01 6.33
C ALA B 303 -17.70 10.80 7.52
N SER B 304 -16.38 10.92 7.64
CA SER B 304 -15.75 11.68 8.73
C SER B 304 -16.24 11.20 10.09
N ASP B 305 -16.27 9.88 10.27
CA ASP B 305 -16.64 9.32 11.56
C ASP B 305 -15.54 9.59 12.58
N PRO B 306 -15.87 9.60 13.88
CA PRO B 306 -14.85 9.86 14.90
C PRO B 306 -14.05 8.62 15.26
N ALA B 315 -16.56 -2.48 32.19
CA ALA B 315 -16.26 -3.90 32.26
C ALA B 315 -15.60 -4.24 33.58
N LEU B 316 -16.31 -4.98 34.43
CA LEU B 316 -15.77 -5.36 35.73
C LEU B 316 -14.87 -6.59 35.59
N SER B 317 -14.20 -6.92 36.68
CA SER B 317 -13.24 -8.03 36.67
C SER B 317 -13.96 -9.34 36.42
N PRO B 318 -13.61 -10.09 35.37
CA PRO B 318 -14.20 -11.42 35.18
C PRO B 318 -13.82 -12.44 36.24
N GLY B 319 -12.88 -12.11 37.12
CA GLY B 319 -12.46 -13.03 38.16
C GLY B 319 -13.33 -12.93 39.40
N GLY B 320 -13.47 -11.71 39.94
CA GLY B 320 -14.28 -11.54 41.13
C GLY B 320 -15.74 -11.89 40.90
N VAL B 321 -16.30 -11.43 39.78
CA VAL B 321 -17.71 -11.71 39.50
C VAL B 321 -17.93 -13.20 39.23
N ALA B 322 -17.00 -13.85 38.56
CA ALA B 322 -17.14 -15.28 38.30
C ALA B 322 -17.15 -16.09 39.58
N SER B 323 -16.59 -15.55 40.66
CA SER B 323 -16.63 -16.25 41.95
C SER B 323 -18.03 -16.28 42.56
N LEU B 324 -18.96 -15.47 42.05
CA LEU B 324 -20.30 -15.45 42.61
C LEU B 324 -21.08 -16.72 42.28
N LEU B 325 -20.65 -17.49 41.31
CA LEU B 325 -21.34 -18.73 40.94
C LEU B 325 -21.14 -19.75 42.07
N ARG B 326 -22.16 -19.91 42.90
CA ARG B 326 -22.12 -20.83 44.03
C ARG B 326 -23.29 -21.79 43.94
N LEU B 327 -23.09 -23.00 44.43
CA LEU B 327 -24.14 -24.00 44.42
C LEU B 327 -25.23 -23.61 45.42
N PRO B 328 -26.49 -23.47 45.00
CA PRO B 328 -27.52 -23.07 45.96
C PRO B 328 -27.67 -24.08 47.09
N ARG B 329 -27.88 -23.57 48.31
CA ARG B 329 -28.01 -24.40 49.48
C ARG B 329 -28.75 -23.63 50.56
N GLY B 330 -29.23 -24.35 51.56
CA GLY B 330 -29.94 -23.73 52.66
C GLY B 330 -31.44 -23.90 52.53
N CYS B 331 -32.15 -23.15 53.37
CA CYS B 331 -33.61 -23.22 53.42
C CYS B 331 -34.19 -22.44 52.24
N GLY B 332 -35.51 -22.25 52.26
CA GLY B 332 -36.17 -21.51 51.19
C GLY B 332 -35.78 -20.04 51.12
N GLU B 333 -35.12 -19.53 52.15
CA GLU B 333 -34.65 -18.15 52.14
C GLU B 333 -33.22 -18.05 51.63
N GLN B 334 -32.33 -18.91 52.14
CA GLN B 334 -30.93 -18.88 51.72
C GLN B 334 -30.74 -19.35 50.29
N THR B 335 -31.63 -20.19 49.77
CA THR B 335 -31.50 -20.66 48.39
C THR B 335 -31.53 -19.51 47.41
N MET B 336 -32.09 -18.35 47.79
CA MET B 336 -32.12 -17.20 46.91
C MET B 336 -30.86 -16.34 47.04
N ILE B 337 -30.24 -16.29 48.23
CA ILE B 337 -29.02 -15.52 48.37
C ILE B 337 -27.96 -16.03 47.42
N TYR B 338 -27.84 -17.34 47.29
CA TYR B 338 -26.87 -17.96 46.40
C TYR B 338 -27.37 -18.06 44.97
N LEU B 339 -28.65 -17.75 44.73
CA LEU B 339 -29.22 -17.82 43.39
C LEU B 339 -29.46 -16.47 42.75
N ALA B 340 -29.40 -15.38 43.53
CA ALA B 340 -29.49 -14.06 42.91
C ALA B 340 -28.19 -13.69 42.21
N PRO B 341 -27.04 -13.63 42.90
CA PRO B 341 -25.79 -13.40 42.18
C PRO B 341 -25.51 -14.45 41.13
N THR B 342 -25.85 -15.71 41.40
CA THR B 342 -25.59 -16.78 40.44
C THR B 342 -26.24 -16.48 39.10
N LEU B 343 -27.48 -16.00 39.11
CA LEU B 343 -28.11 -15.59 37.87
C LEU B 343 -27.58 -14.23 37.41
N ALA B 344 -27.34 -13.32 38.34
CA ALA B 344 -26.80 -12.01 37.96
C ALA B 344 -25.44 -12.16 37.31
N ALA B 345 -24.55 -12.94 37.93
CA ALA B 345 -23.23 -13.14 37.34
C ALA B 345 -23.33 -13.84 35.99
N SER B 346 -24.15 -14.88 35.90
CA SER B 346 -24.35 -15.56 34.63
C SER B 346 -24.93 -14.60 33.60
N ARG B 347 -25.89 -13.77 34.02
CA ARG B 347 -26.48 -12.81 33.10
C ARG B 347 -25.51 -11.68 32.79
N TYR B 348 -24.82 -11.15 33.82
CA TYR B 348 -23.96 -10.00 33.62
C TYR B 348 -22.83 -10.33 32.64
N LEU B 349 -22.23 -11.51 32.77
CA LEU B 349 -21.20 -11.93 31.83
C LEU B 349 -21.79 -12.39 30.50
N ASP B 350 -23.07 -12.76 30.48
CA ASP B 350 -23.72 -13.08 29.22
C ASP B 350 -23.85 -11.84 28.34
N LYS B 351 -24.29 -10.73 28.93
CA LYS B 351 -24.46 -9.49 28.16
C LYS B 351 -23.13 -8.82 27.87
N THR B 352 -22.19 -8.90 28.81
CA THR B 352 -20.89 -8.25 28.63
C THR B 352 -19.93 -9.05 27.77
N GLU B 353 -20.28 -10.29 27.42
CA GLU B 353 -19.43 -11.13 26.57
C GLU B 353 -18.08 -11.41 27.23
N GLN B 354 -18.12 -11.78 28.51
CA GLN B 354 -16.93 -12.11 29.27
C GLN B 354 -16.78 -13.60 29.52
N TRP B 355 -17.61 -14.44 28.88
CA TRP B 355 -17.48 -15.88 29.06
C TRP B 355 -16.16 -16.39 28.49
N SER B 356 -15.70 -15.82 27.37
CA SER B 356 -14.46 -16.28 26.77
C SER B 356 -13.28 -16.16 27.72
N THR B 357 -13.28 -15.12 28.57
CA THR B 357 -12.21 -14.97 29.55
C THR B 357 -12.17 -16.15 30.51
N LEU B 358 -13.33 -16.59 30.98
CA LEU B 358 -13.39 -17.77 31.83
C LEU B 358 -13.25 -19.03 30.98
N PRO B 359 -12.79 -20.13 31.59
CA PRO B 359 -12.73 -21.39 30.84
C PRO B 359 -14.11 -21.82 30.38
N PRO B 360 -14.23 -22.38 29.19
CA PRO B 360 -15.56 -22.71 28.66
C PRO B 360 -16.33 -23.72 29.50
N GLU B 361 -15.64 -24.57 30.27
CA GLU B 361 -16.36 -25.46 31.18
C GLU B 361 -17.12 -24.68 32.24
N THR B 362 -16.64 -23.47 32.58
CA THR B 362 -17.34 -22.66 33.59
C THR B 362 -18.72 -22.28 33.13
N LYS B 363 -18.87 -21.86 31.87
CA LYS B 363 -20.19 -21.51 31.37
C LYS B 363 -21.15 -22.68 31.52
N ASP B 364 -20.74 -23.86 31.07
CA ASP B 364 -21.56 -25.05 31.24
C ASP B 364 -21.59 -25.55 32.67
N HIS B 365 -20.69 -25.08 33.52
CA HIS B 365 -20.81 -25.35 34.95
C HIS B 365 -21.86 -24.46 35.59
N ALA B 366 -21.97 -23.21 35.14
CA ALA B 366 -22.96 -22.30 35.71
C ALA B 366 -24.35 -22.60 35.19
N VAL B 367 -24.49 -22.95 33.90
CA VAL B 367 -25.81 -23.23 33.36
C VAL B 367 -26.49 -24.33 34.13
N ASP B 368 -25.72 -25.15 34.86
CA ASP B 368 -26.29 -26.19 35.71
C ASP B 368 -26.55 -25.72 37.13
N LEU B 369 -25.81 -24.72 37.63
CA LEU B 369 -26.16 -24.14 38.92
C LEU B 369 -27.54 -23.49 38.88
N ILE B 370 -27.83 -22.75 37.81
CA ILE B 370 -29.16 -22.18 37.66
C ILE B 370 -30.19 -23.27 37.44
N GLN B 371 -29.88 -24.25 36.59
CA GLN B 371 -30.83 -25.33 36.32
C GLN B 371 -31.22 -26.05 37.60
N LYS B 372 -30.22 -26.44 38.40
CA LYS B 372 -30.53 -27.04 39.70
C LYS B 372 -31.11 -26.01 40.66
N GLY B 373 -30.63 -24.76 40.59
CA GLY B 373 -31.16 -23.74 41.46
C GLY B 373 -32.64 -23.49 41.24
N TYR B 374 -33.08 -23.52 39.99
CA TYR B 374 -34.50 -23.33 39.70
C TYR B 374 -35.33 -24.42 40.35
N MET B 375 -34.87 -25.67 40.26
CA MET B 375 -35.57 -26.76 40.94
C MET B 375 -35.55 -26.56 42.46
N ARG B 376 -34.41 -26.13 43.01
CA ARG B 376 -34.31 -26.00 44.45
C ARG B 376 -35.36 -25.04 45.00
N ILE B 377 -35.54 -23.90 44.33
CA ILE B 377 -36.54 -22.93 44.79
C ILE B 377 -37.95 -23.31 44.33
N GLN B 378 -38.08 -24.03 43.23
CA GLN B 378 -39.40 -24.37 42.73
C GLN B 378 -40.15 -25.23 43.74
N GLN B 379 -39.47 -26.20 44.34
CA GLN B 379 -40.13 -27.09 45.30
C GLN B 379 -40.63 -26.35 46.53
N PHE B 380 -40.15 -25.14 46.79
CA PHE B 380 -40.67 -24.31 47.87
C PHE B 380 -41.94 -23.56 47.48
N ARG B 381 -42.39 -23.71 46.24
CA ARG B 381 -43.62 -23.06 45.80
C ARG B 381 -44.81 -23.61 46.58
N LYS B 382 -45.69 -22.70 47.00
CA LYS B 382 -46.92 -23.09 47.68
C LYS B 382 -47.98 -23.42 46.63
N ALA B 383 -49.21 -23.65 47.08
CA ALA B 383 -50.30 -23.92 46.14
C ALA B 383 -50.55 -22.73 45.23
N ASP B 384 -50.47 -21.52 45.78
CA ASP B 384 -50.74 -20.29 45.04
C ASP B 384 -49.47 -19.56 44.63
N GLY B 385 -48.35 -20.27 44.53
CA GLY B 385 -47.12 -19.69 44.03
C GLY B 385 -46.56 -18.58 44.90
N SER B 386 -46.50 -18.81 46.21
CA SER B 386 -46.02 -17.77 47.11
C SER B 386 -44.50 -17.75 47.22
N TYR B 387 -43.84 -18.90 46.99
CA TYR B 387 -42.39 -19.00 47.12
C TYR B 387 -41.93 -18.55 48.51
N ALA B 388 -42.71 -18.92 49.53
CA ALA B 388 -42.43 -18.46 50.88
C ALA B 388 -41.12 -19.02 51.39
N ALA B 389 -40.69 -18.50 52.54
CA ALA B 389 -39.44 -18.97 53.14
C ALA B 389 -39.52 -20.45 53.50
N TRP B 390 -40.64 -20.87 54.07
CA TRP B 390 -40.86 -22.26 54.44
C TRP B 390 -42.25 -22.68 53.98
N LEU B 391 -42.42 -23.99 53.78
CA LEU B 391 -43.73 -24.51 53.42
C LEU B 391 -44.76 -24.21 54.50
N SER B 392 -44.39 -24.42 55.76
CA SER B 392 -45.31 -24.17 56.87
C SER B 392 -45.45 -22.69 57.19
N ARG B 393 -44.40 -21.91 57.00
CA ARG B 393 -44.44 -20.50 57.37
C ARG B 393 -45.34 -19.72 56.43
N ASP B 394 -45.90 -18.63 56.93
CA ASP B 394 -46.76 -17.78 56.13
C ASP B 394 -45.97 -17.14 54.99
N SER B 395 -46.69 -16.82 53.91
CA SER B 395 -46.06 -16.26 52.74
C SER B 395 -45.61 -14.83 53.00
N SER B 396 -44.72 -14.34 52.13
CA SER B 396 -44.24 -12.96 52.18
C SER B 396 -44.20 -12.42 50.76
N THR B 397 -44.96 -11.34 50.52
CA THR B 397 -45.03 -10.77 49.18
C THR B 397 -43.68 -10.28 48.68
N TRP B 398 -42.80 -9.84 49.57
CA TRP B 398 -41.49 -9.36 49.14
C TRP B 398 -40.72 -10.47 48.42
N LEU B 399 -40.60 -11.64 49.05
CA LEU B 399 -39.89 -12.74 48.44
C LEU B 399 -40.55 -13.20 47.15
N THR B 400 -41.89 -13.25 47.14
CA THR B 400 -42.60 -13.66 45.93
C THR B 400 -42.26 -12.73 44.77
N ALA B 401 -42.21 -11.43 45.05
CA ALA B 401 -41.80 -10.47 44.01
C ALA B 401 -40.36 -10.71 43.61
N PHE B 402 -39.46 -10.81 44.59
CA PHE B 402 -38.05 -11.02 44.30
C PHE B 402 -37.83 -12.32 43.55
N VAL B 403 -38.49 -13.40 43.97
CA VAL B 403 -38.34 -14.68 43.29
C VAL B 403 -38.93 -14.62 41.89
N LEU B 404 -40.02 -13.87 41.71
CA LEU B 404 -40.60 -13.72 40.38
C LEU B 404 -39.61 -13.06 39.43
N LYS B 405 -38.96 -11.98 39.87
CA LYS B 405 -38.01 -11.29 39.00
C LYS B 405 -36.87 -12.21 38.60
N VAL B 406 -36.24 -12.86 39.58
CA VAL B 406 -35.10 -13.73 39.29
C VAL B 406 -35.54 -14.91 38.44
N LEU B 407 -36.67 -15.53 38.79
CA LEU B 407 -37.10 -16.71 38.04
C LEU B 407 -37.60 -16.34 36.66
N SER B 408 -38.39 -15.26 36.55
CA SER B 408 -38.86 -14.83 35.25
C SER B 408 -37.68 -14.49 34.33
N LEU B 409 -36.67 -13.82 34.89
CA LEU B 409 -35.48 -13.50 34.12
C LEU B 409 -34.75 -14.77 33.68
N ALA B 410 -34.62 -15.74 34.59
CA ALA B 410 -33.98 -17.01 34.24
C ALA B 410 -34.86 -17.85 33.31
N GLN B 411 -36.14 -17.55 33.20
CA GLN B 411 -37.03 -18.33 32.35
C GLN B 411 -36.57 -18.35 30.89
N GLU B 412 -35.78 -17.35 30.48
CA GLU B 412 -35.26 -17.33 29.12
C GLU B 412 -34.31 -18.49 28.83
N GLN B 413 -33.85 -19.19 29.87
CA GLN B 413 -32.89 -20.28 29.71
C GLN B 413 -33.48 -21.62 30.11
N VAL B 414 -33.96 -21.75 31.33
CA VAL B 414 -34.51 -23.02 31.81
C VAL B 414 -35.88 -23.23 31.19
N GLY B 415 -36.10 -24.43 30.66
CA GLY B 415 -37.36 -24.74 30.00
C GLY B 415 -38.50 -24.94 30.98
N GLY B 416 -38.90 -23.87 31.65
CA GLY B 416 -39.98 -23.94 32.61
C GLY B 416 -41.34 -23.96 31.95
N SER B 417 -42.37 -24.02 32.81
CA SER B 417 -43.75 -24.06 32.35
C SER B 417 -44.35 -22.67 32.44
N PRO B 418 -44.73 -22.03 31.33
CA PRO B 418 -45.27 -20.66 31.42
C PRO B 418 -46.46 -20.55 32.34
N GLU B 419 -47.36 -21.54 32.35
CA GLU B 419 -48.54 -21.44 33.18
C GLU B 419 -48.20 -21.47 34.67
N LYS B 420 -47.15 -22.18 35.06
CA LYS B 420 -46.75 -22.19 36.47
C LYS B 420 -46.28 -20.81 36.94
N LEU B 421 -45.86 -19.94 36.00
CA LEU B 421 -45.46 -18.59 36.36
C LEU B 421 -46.61 -17.61 36.32
N GLN B 422 -47.58 -17.83 35.44
CA GLN B 422 -48.72 -16.93 35.36
C GLN B 422 -49.49 -16.89 36.67
N GLU B 423 -49.72 -18.06 37.28
CA GLU B 423 -50.43 -18.09 38.55
C GLU B 423 -49.67 -17.35 39.63
N THR B 424 -48.33 -17.42 39.61
CA THR B 424 -47.55 -16.72 40.62
C THR B 424 -47.82 -15.23 40.60
N SER B 425 -47.89 -14.64 39.41
CA SER B 425 -48.23 -13.23 39.32
C SER B 425 -49.62 -12.96 39.88
N ASN B 426 -50.54 -13.90 39.74
CA ASN B 426 -51.90 -13.69 40.23
C ASN B 426 -51.90 -13.46 41.74
N TRP B 427 -51.06 -14.19 42.48
CA TRP B 427 -51.02 -14.01 43.92
C TRP B 427 -50.59 -12.59 44.28
N LEU B 428 -49.59 -12.05 43.58
CA LEU B 428 -49.14 -10.70 43.88
C LEU B 428 -50.24 -9.69 43.65
N LEU B 429 -50.98 -9.82 42.55
CA LEU B 429 -52.05 -8.88 42.26
C LEU B 429 -53.10 -8.88 43.35
N SER B 430 -53.47 -10.07 43.83
CA SER B 430 -54.52 -10.18 44.84
C SER B 430 -54.15 -9.45 46.13
N GLN B 431 -52.86 -9.22 46.37
CA GLN B 431 -52.42 -8.53 47.57
C GLN B 431 -52.38 -7.01 47.42
N GLN B 432 -52.73 -6.49 46.25
CA GLN B 432 -52.78 -5.05 46.05
C GLN B 432 -53.89 -4.44 46.90
N GLN B 433 -53.58 -3.33 47.56
CA GLN B 433 -54.51 -2.68 48.45
C GLN B 433 -55.36 -1.68 47.68
N ALA B 434 -56.23 -0.95 48.38
CA ALA B 434 -57.15 -0.05 47.71
C ALA B 434 -56.41 1.02 46.93
N ASP B 435 -55.40 1.63 47.53
CA ASP B 435 -54.67 2.71 46.89
C ASP B 435 -53.57 2.22 45.96
N GLY B 436 -53.35 0.91 45.87
CA GLY B 436 -52.31 0.36 45.03
C GLY B 436 -51.06 -0.06 45.76
N SER B 437 -51.03 0.04 47.09
CA SER B 437 -49.86 -0.34 47.85
C SER B 437 -49.81 -1.86 48.04
N PHE B 438 -48.67 -2.34 48.53
CA PHE B 438 -48.49 -3.73 48.91
C PHE B 438 -48.03 -3.78 50.35
N GLN B 439 -48.67 -4.62 51.15
CA GLN B 439 -48.35 -4.77 52.56
C GLN B 439 -47.81 -6.18 52.81
N ASP B 440 -46.73 -6.26 53.59
CA ASP B 440 -46.14 -7.55 53.89
C ASP B 440 -47.06 -8.35 54.81
N PRO B 441 -47.53 -9.53 54.41
CA PRO B 441 -48.33 -10.34 55.33
C PRO B 441 -47.46 -11.01 56.38
N CYS B 442 -46.20 -11.27 56.03
CA CYS B 442 -45.25 -11.86 56.97
C CYS B 442 -43.84 -11.39 56.62
N PRO B 443 -43.17 -10.67 57.51
CA PRO B 443 -41.82 -10.19 57.17
C PRO B 443 -40.82 -11.32 57.11
N VAL B 444 -39.78 -11.13 56.30
CA VAL B 444 -38.75 -12.14 56.14
C VAL B 444 -38.02 -12.32 57.47
N LEU B 445 -37.58 -13.56 57.73
CA LEU B 445 -36.88 -13.85 58.98
C LEU B 445 -35.59 -13.03 59.09
N ASP B 446 -34.83 -12.97 58.02
CA ASP B 446 -33.58 -12.20 57.97
C ASP B 446 -33.83 -10.94 57.15
N ARG B 447 -33.73 -9.79 57.79
CA ARG B 447 -33.94 -8.51 57.12
C ARG B 447 -32.75 -8.08 56.28
N SER B 448 -31.61 -8.78 56.40
CA SER B 448 -30.39 -8.34 55.71
C SER B 448 -30.54 -8.40 54.20
N MET B 449 -31.21 -9.43 53.68
CA MET B 449 -31.37 -9.55 52.23
C MET B 449 -32.14 -8.39 51.63
N GLN B 450 -32.88 -7.64 52.45
CA GLN B 450 -33.71 -6.55 51.94
C GLN B 450 -32.90 -5.39 51.40
N GLY B 451 -31.59 -5.36 51.65
CA GLY B 451 -30.77 -4.28 51.12
C GLY B 451 -31.15 -2.96 51.76
N GLY B 452 -31.47 -1.98 50.93
CA GLY B 452 -31.79 -0.64 51.41
C GLY B 452 -33.28 -0.43 51.63
N LEU B 453 -34.03 -1.52 51.79
CA LEU B 453 -35.46 -1.40 52.03
C LEU B 453 -35.78 -1.01 53.47
N VAL B 454 -35.14 -1.66 54.44
CA VAL B 454 -35.39 -1.34 55.84
C VAL B 454 -35.12 0.14 56.06
N GLY B 455 -36.04 0.81 56.75
CA GLY B 455 -35.87 2.23 57.02
C GLY B 455 -37.18 2.84 57.48
N ASN B 456 -37.25 4.17 57.37
CA ASN B 456 -38.45 4.87 57.81
C ASN B 456 -39.67 4.47 57.00
N ASP B 457 -39.50 4.34 55.68
CA ASP B 457 -40.61 4.01 54.78
C ASP B 457 -40.32 2.72 54.04
N GLU B 458 -41.32 1.86 53.95
CA GLU B 458 -41.20 0.58 53.26
C GLU B 458 -42.22 0.40 52.15
N THR B 459 -43.46 0.83 52.36
CA THR B 459 -44.50 0.62 51.35
C THR B 459 -44.13 1.23 50.02
N VAL B 460 -43.47 2.40 50.04
CA VAL B 460 -43.04 3.02 48.79
C VAL B 460 -42.05 2.11 48.07
N ALA B 461 -41.03 1.65 48.78
CA ALA B 461 -40.05 0.76 48.17
C ALA B 461 -40.68 -0.55 47.73
N LEU B 462 -41.49 -1.16 48.59
CA LEU B 462 -42.18 -2.39 48.21
C LEU B 462 -42.97 -2.19 46.93
N THR B 463 -43.72 -1.10 46.86
CA THR B 463 -44.48 -0.82 45.65
C THR B 463 -43.57 -0.66 44.45
N ALA B 464 -42.46 0.05 44.62
CA ALA B 464 -41.53 0.23 43.51
C ALA B 464 -40.86 -1.09 43.15
N PHE B 465 -40.31 -1.79 44.15
CA PHE B 465 -39.61 -3.03 43.87
C PHE B 465 -40.52 -4.07 43.24
N VAL B 466 -41.74 -4.23 43.77
CA VAL B 466 -42.65 -5.23 43.26
C VAL B 466 -43.03 -4.91 41.81
N THR B 467 -43.38 -3.65 41.54
CA THR B 467 -43.79 -3.27 40.19
C THR B 467 -42.67 -3.50 39.19
N ILE B 468 -41.43 -3.16 39.56
CA ILE B 468 -40.30 -3.45 38.69
C ILE B 468 -40.24 -4.94 38.39
N ALA B 469 -40.31 -5.75 39.43
CA ALA B 469 -40.36 -7.20 39.23
C ALA B 469 -41.64 -7.60 38.51
N LEU B 470 -42.76 -6.97 38.86
CA LEU B 470 -44.04 -7.39 38.30
C LEU B 470 -44.02 -7.26 36.78
N HIS B 471 -43.43 -6.18 36.25
CA HIS B 471 -43.31 -6.06 34.81
C HIS B 471 -42.42 -7.13 34.22
N HIS B 472 -41.34 -7.49 34.92
CA HIS B 472 -40.44 -8.50 34.39
C HIS B 472 -41.18 -9.78 34.06
N GLY B 473 -42.26 -10.08 34.78
CA GLY B 473 -43.06 -11.24 34.50
C GLY B 473 -43.98 -11.10 33.31
N LEU B 474 -44.19 -9.88 32.82
CA LEU B 474 -45.04 -9.70 31.65
C LEU B 474 -44.41 -10.34 30.42
N ALA B 475 -43.08 -10.26 30.30
CA ALA B 475 -42.41 -10.83 29.14
C ALA B 475 -42.60 -12.33 29.08
N VAL B 476 -42.55 -13.01 30.22
CA VAL B 476 -42.64 -14.47 30.24
C VAL B 476 -44.06 -14.99 30.02
N PHE B 477 -45.07 -14.12 30.10
CA PHE B 477 -46.43 -14.56 29.83
C PHE B 477 -46.57 -15.04 28.40
N GLN B 478 -47.36 -16.09 28.21
CA GLN B 478 -47.57 -16.64 26.89
C GLN B 478 -48.27 -15.61 25.99
N ASP B 479 -47.82 -15.53 24.75
CA ASP B 479 -48.45 -14.60 23.80
C ASP B 479 -49.88 -15.01 23.49
N GLU B 480 -50.19 -16.29 23.61
CA GLU B 480 -51.53 -16.81 23.35
C GLU B 480 -52.18 -17.22 24.65
N GLY B 481 -53.42 -16.80 24.86
CA GLY B 481 -54.14 -17.10 26.07
C GLY B 481 -53.83 -16.13 27.20
N ALA B 482 -54.55 -16.31 28.30
CA ALA B 482 -54.38 -15.48 29.50
C ALA B 482 -54.64 -14.00 29.20
N GLU B 483 -55.42 -13.72 28.16
CA GLU B 483 -55.74 -12.34 27.84
C GLU B 483 -56.50 -11.66 28.99
N PRO B 484 -57.55 -12.27 29.56
CA PRO B 484 -58.14 -11.66 30.76
C PRO B 484 -57.15 -11.51 31.89
N LEU B 485 -56.23 -12.46 32.05
CA LEU B 485 -55.22 -12.34 33.09
C LEU B 485 -54.30 -11.16 32.81
N LYS B 486 -53.82 -11.03 31.57
CA LYS B 486 -52.91 -9.94 31.25
C LYS B 486 -53.57 -8.60 31.49
N GLN B 487 -54.82 -8.43 31.05
CA GLN B 487 -55.45 -7.11 31.08
C GLN B 487 -55.47 -6.53 32.48
N ARG B 488 -55.86 -7.33 33.47
CA ARG B 488 -55.87 -6.83 34.84
C ARG B 488 -54.47 -6.51 35.35
N VAL B 489 -53.44 -7.06 34.72
CA VAL B 489 -52.07 -6.76 35.15
C VAL B 489 -51.74 -5.30 34.85
N GLU B 490 -52.05 -4.83 33.64
CA GLU B 490 -51.79 -3.43 33.32
C GLU B 490 -52.57 -2.50 34.25
N ALA B 491 -53.83 -2.84 34.55
CA ALA B 491 -54.59 -2.04 35.50
C ALA B 491 -53.94 -2.03 36.88
N SER B 492 -53.43 -3.18 37.31
CA SER B 492 -52.82 -3.27 38.63
C SER B 492 -51.58 -2.38 38.72
N ILE B 493 -50.72 -2.43 37.70
CA ILE B 493 -49.52 -1.60 37.71
C ILE B 493 -49.90 -0.13 37.55
N SER B 494 -50.90 0.16 36.71
CA SER B 494 -51.34 1.54 36.56
C SER B 494 -51.88 2.09 37.87
N LYS B 495 -52.66 1.29 38.60
CA LYS B 495 -53.08 1.70 39.94
C LYS B 495 -51.87 1.84 40.85
N ALA B 496 -50.94 0.89 40.78
CA ALA B 496 -49.73 0.97 41.60
C ALA B 496 -48.91 2.21 41.25
N ASN B 497 -48.76 2.50 39.95
CA ASN B 497 -47.96 3.65 39.55
C ASN B 497 -48.56 4.94 40.10
N SER B 498 -49.89 5.04 40.11
CA SER B 498 -50.52 6.27 40.58
C SER B 498 -50.15 6.55 42.02
N PHE B 499 -50.16 5.52 42.89
CA PHE B 499 -49.77 5.73 44.27
C PHE B 499 -48.31 6.15 44.36
N LEU B 500 -47.43 5.46 43.63
CA LEU B 500 -46.01 5.83 43.66
C LEU B 500 -45.81 7.25 43.17
N GLY B 501 -46.50 7.62 42.08
CA GLY B 501 -46.40 8.98 41.58
C GLY B 501 -46.86 10.01 42.60
N GLU B 502 -47.97 9.71 43.29
CA GLU B 502 -48.44 10.62 44.34
C GLU B 502 -47.40 10.74 45.44
N LYS B 503 -46.80 9.63 45.85
CA LYS B 503 -45.73 9.68 46.84
C LYS B 503 -44.47 10.32 46.25
N ALA B 504 -44.15 10.01 45.00
CA ALA B 504 -42.93 10.53 44.39
C ALA B 504 -42.95 12.05 44.33
N SER B 505 -44.07 12.63 43.92
CA SER B 505 -44.17 14.08 43.86
C SER B 505 -44.20 14.73 45.24
N ALA B 506 -44.64 13.98 46.26
CA ALA B 506 -44.72 14.55 47.61
C ALA B 506 -43.33 14.94 48.12
N GLY B 507 -42.33 14.11 47.86
CA GLY B 507 -40.99 14.39 48.34
C GLY B 507 -40.77 13.86 49.75
N LEU B 508 -39.84 14.53 50.45
CA LEU B 508 -39.47 14.18 51.82
C LEU B 508 -39.33 12.67 52.02
N LEU B 509 -38.85 11.98 50.99
CA LEU B 509 -38.63 10.55 51.03
C LEU B 509 -37.15 10.24 51.05
N GLY B 510 -36.82 9.01 51.46
CA GLY B 510 -35.44 8.61 51.59
C GLY B 510 -34.76 8.45 50.24
N ALA B 511 -33.42 8.39 50.28
CA ALA B 511 -32.64 8.28 49.07
C ALA B 511 -32.98 6.99 48.32
N HIS B 512 -33.02 5.86 49.04
CA HIS B 512 -33.33 4.60 48.39
C HIS B 512 -34.71 4.62 47.78
N ALA B 513 -35.69 5.17 48.49
CA ALA B 513 -37.02 5.31 47.93
C ALA B 513 -37.01 6.25 46.73
N ALA B 514 -36.24 7.33 46.82
CA ALA B 514 -36.19 8.29 45.71
C ALA B 514 -35.62 7.64 44.46
N ALA B 515 -34.53 6.89 44.59
CA ALA B 515 -33.91 6.27 43.42
C ALA B 515 -34.79 5.18 42.84
N ILE B 516 -35.29 4.27 43.69
CA ILE B 516 -36.11 3.17 43.19
C ILE B 516 -37.36 3.69 42.51
N THR B 517 -38.03 4.67 43.11
CA THR B 517 -39.24 5.21 42.51
C THR B 517 -38.96 5.72 41.10
N ALA B 518 -37.79 6.31 40.89
CA ALA B 518 -37.45 6.81 39.56
C ALA B 518 -37.42 5.69 38.54
N TYR B 519 -36.84 4.54 38.90
CA TYR B 519 -36.72 3.46 37.94
C TYR B 519 -38.07 2.79 37.68
N ALA B 520 -38.83 2.52 38.74
CA ALA B 520 -40.10 1.81 38.56
C ALA B 520 -41.02 2.56 37.63
N LEU B 521 -41.15 3.87 37.83
CA LEU B 521 -41.95 4.69 36.92
C LEU B 521 -41.36 4.67 35.52
N SER B 522 -40.04 4.73 35.42
CA SER B 522 -39.40 4.70 34.10
C SER B 522 -39.65 3.38 33.38
N LEU B 523 -39.56 2.26 34.11
CA LEU B 523 -39.69 0.96 33.47
C LEU B 523 -41.09 0.74 32.92
N THR B 524 -42.10 0.98 33.75
CA THR B 524 -43.49 0.72 33.38
C THR B 524 -44.13 1.87 32.61
N LYS B 525 -43.34 2.84 32.16
CA LYS B 525 -43.83 3.95 31.36
C LYS B 525 -44.95 4.70 32.10
N ALA B 526 -44.55 5.29 33.22
CA ALA B 526 -45.45 6.09 34.01
C ALA B 526 -45.83 7.37 33.25
N PRO B 527 -46.90 8.04 33.66
CA PRO B 527 -47.28 9.28 32.97
C PRO B 527 -46.14 10.28 32.96
N VAL B 528 -46.03 11.02 31.86
CA VAL B 528 -44.86 11.84 31.62
C VAL B 528 -44.66 12.86 32.74
N ASP B 529 -45.74 13.52 33.15
CA ASP B 529 -45.62 14.51 34.22
C ASP B 529 -45.07 13.86 35.49
N LEU B 530 -45.62 12.70 35.87
CA LEU B 530 -45.09 11.98 37.02
C LEU B 530 -43.66 11.54 36.76
N LEU B 531 -43.37 11.08 35.54
CA LEU B 531 -42.01 10.71 35.18
C LEU B 531 -41.08 11.91 35.31
N GLY B 532 -41.51 13.07 34.81
CA GLY B 532 -40.65 14.25 34.87
C GLY B 532 -40.37 14.70 36.29
N VAL B 533 -41.41 14.79 37.11
CA VAL B 533 -41.22 15.23 38.49
C VAL B 533 -40.39 14.20 39.26
N ALA B 534 -40.67 12.92 39.08
CA ALA B 534 -39.88 11.89 39.75
C ALA B 534 -38.42 11.97 39.35
N HIS B 535 -38.15 12.11 38.05
CA HIS B 535 -36.77 12.22 37.59
C HIS B 535 -36.09 13.46 38.17
N ASN B 536 -36.80 14.59 38.17
CA ASN B 536 -36.24 15.81 38.73
C ASN B 536 -35.95 15.65 40.22
N ASN B 537 -36.72 14.80 40.90
CA ASN B 537 -36.48 14.55 42.32
C ASN B 537 -35.15 13.83 42.53
N LEU B 538 -34.78 12.94 41.61
CA LEU B 538 -33.57 12.15 41.79
C LEU B 538 -32.32 13.04 41.67
N MET B 539 -32.26 13.87 40.63
CA MET B 539 -31.05 14.64 40.37
C MET B 539 -30.72 15.57 41.53
N ALA B 540 -31.73 16.25 42.06
CA ALA B 540 -31.50 17.15 43.18
C ALA B 540 -31.00 16.39 44.40
N MET B 541 -31.58 15.22 44.67
CA MET B 541 -31.15 14.42 45.82
C MET B 541 -29.77 13.82 45.60
N ALA B 542 -29.31 13.73 44.36
CA ALA B 542 -28.00 13.17 44.08
C ALA B 542 -26.92 13.94 44.85
N GLN B 543 -25.74 13.33 44.90
CA GLN B 543 -24.61 13.88 45.64
C GLN B 543 -23.37 13.84 44.77
N GLU B 544 -22.44 14.76 45.04
CA GLU B 544 -21.21 14.86 44.26
C GLU B 544 -20.01 15.09 45.17
N ASN B 548 -15.82 11.28 39.78
CA ASN B 548 -16.63 10.10 40.00
C ASN B 548 -17.03 9.96 41.46
N LEU B 549 -17.51 11.05 42.05
CA LEU B 549 -18.04 11.06 43.41
C LEU B 549 -19.56 11.13 43.30
N TYR B 550 -20.22 10.09 43.78
CA TYR B 550 -21.68 9.99 43.74
C TYR B 550 -22.18 9.29 44.98
N TRP B 551 -23.23 9.85 45.59
CA TRP B 551 -23.87 9.25 46.75
C TRP B 551 -22.85 8.79 47.79
N GLN B 577 -15.58 2.88 52.78
CA GLN B 577 -16.19 2.22 51.63
C GLN B 577 -17.68 2.52 51.58
N ALA B 578 -18.32 2.20 50.46
CA ALA B 578 -19.74 2.45 50.32
C ALA B 578 -20.52 1.42 51.13
N PRO B 579 -21.34 1.83 52.10
CA PRO B 579 -22.17 0.85 52.81
C PRO B 579 -23.19 0.20 51.89
N ALA B 580 -23.97 -0.73 52.42
CA ALA B 580 -24.93 -1.46 51.58
C ALA B 580 -25.99 -0.53 51.03
N LEU B 581 -26.35 0.53 51.75
CA LEU B 581 -27.44 1.39 51.29
C LEU B 581 -27.04 2.18 50.05
N TRP B 582 -25.87 2.81 50.08
CA TRP B 582 -25.47 3.68 48.98
C TRP B 582 -25.22 2.88 47.70
N ILE B 583 -24.62 1.70 47.83
CA ILE B 583 -24.29 0.91 46.65
C ILE B 583 -25.55 0.52 45.88
N GLU B 584 -26.60 0.09 46.59
CA GLU B 584 -27.80 -0.36 45.90
C GLU B 584 -28.49 0.80 45.19
N THR B 585 -28.73 1.89 45.92
CA THR B 585 -29.50 2.99 45.33
C THR B 585 -28.82 3.54 44.08
N THR B 586 -27.49 3.55 44.05
CA THR B 586 -26.80 4.01 42.85
C THR B 586 -27.16 3.13 41.67
N ALA B 587 -27.15 1.81 41.86
CA ALA B 587 -27.45 0.91 40.76
C ALA B 587 -28.83 1.15 40.19
N TYR B 588 -29.84 1.26 41.07
CA TYR B 588 -31.19 1.53 40.59
C TYR B 588 -31.27 2.88 39.90
N ALA B 589 -30.68 3.91 40.52
CA ALA B 589 -30.66 5.21 39.87
C ALA B 589 -29.91 5.15 38.55
N LEU B 590 -28.76 4.49 38.55
CA LEU B 590 -27.98 4.38 37.31
C LEU B 590 -28.83 3.81 36.20
N LEU B 591 -29.64 2.80 36.50
CA LEU B 591 -30.53 2.26 35.49
C LEU B 591 -31.51 3.33 34.99
N HIS B 592 -31.99 4.18 35.89
CA HIS B 592 -32.95 5.19 35.50
C HIS B 592 -32.34 6.16 34.49
N LEU B 593 -31.09 6.58 34.72
CA LEU B 593 -30.45 7.53 33.81
C LEU B 593 -30.34 6.95 32.42
N LEU B 594 -30.03 5.65 32.30
CA LEU B 594 -29.96 5.03 30.99
C LEU B 594 -31.28 5.11 30.25
N LEU B 595 -32.39 4.87 30.95
CA LEU B 595 -33.69 4.85 30.32
C LEU B 595 -34.31 6.24 30.17
N HIS B 596 -33.77 7.24 30.85
CA HIS B 596 -34.32 8.60 30.77
C HIS B 596 -33.64 9.39 29.66
N LYS B 599 -27.82 8.40 28.72
CA LYS B 599 -26.38 8.34 28.94
C LYS B 599 -25.68 9.54 28.32
N ALA B 600 -25.45 10.57 29.12
CA ALA B 600 -24.76 11.77 28.63
C ALA B 600 -24.02 12.37 29.82
N GLU B 601 -22.74 11.99 29.95
CA GLU B 601 -21.85 12.59 30.94
C GLU B 601 -22.31 12.36 32.37
N MET B 602 -23.41 11.64 32.55
CA MET B 602 -23.97 11.36 33.87
C MET B 602 -23.92 9.88 34.21
N ALA B 603 -24.47 9.03 33.35
CA ALA B 603 -24.29 7.60 33.53
C ALA B 603 -22.83 7.22 33.39
N ASP B 604 -22.13 7.80 32.42
CA ASP B 604 -20.70 7.52 32.25
C ASP B 604 -19.93 7.96 33.49
N GLN B 605 -20.29 9.10 34.07
CA GLN B 605 -19.68 9.51 35.32
C GLN B 605 -20.26 8.78 36.52
N ALA B 606 -21.39 8.09 36.35
CA ALA B 606 -21.96 7.30 37.43
C ALA B 606 -21.25 5.97 37.57
N SER B 607 -21.11 5.23 36.46
CA SER B 607 -20.46 3.93 36.52
C SER B 607 -19.07 4.03 37.12
N ALA B 608 -18.41 5.17 36.93
CA ALA B 608 -17.07 5.34 37.49
C ALA B 608 -17.07 5.23 39.01
N TRP B 609 -18.23 5.39 39.65
CA TRP B 609 -18.33 5.16 41.08
C TRP B 609 -18.77 3.75 41.41
N LEU B 610 -19.70 3.19 40.63
CA LEU B 610 -20.11 1.81 40.83
C LEU B 610 -18.95 0.85 40.57
N THR B 611 -18.33 0.97 39.39
CA THR B 611 -17.23 0.07 39.05
C THR B 611 -16.08 0.23 40.05
N ARG B 612 -15.74 1.48 40.38
CA ARG B 612 -14.70 1.71 41.37
C ARG B 612 -15.11 1.15 42.72
N GLN B 613 -16.39 1.28 43.08
CA GLN B 613 -16.86 0.73 44.34
C GLN B 613 -17.01 -0.78 44.26
N GLY B 614 -17.30 -1.32 43.08
CA GLY B 614 -17.43 -2.75 42.92
C GLY B 614 -16.13 -3.50 42.74
N SER B 615 -15.04 -2.80 42.41
CA SER B 615 -13.76 -3.44 42.17
C SER B 615 -13.00 -3.77 43.44
N PHE B 616 -13.47 -3.31 44.60
CA PHE B 616 -12.81 -3.62 45.85
C PHE B 616 -12.88 -5.12 46.13
N GLN B 617 -11.88 -5.63 46.83
CA GLN B 617 -11.85 -7.05 47.15
C GLN B 617 -13.11 -7.45 47.90
N GLY B 618 -13.73 -8.54 47.46
CA GLY B 618 -14.94 -9.01 48.11
C GLY B 618 -16.07 -8.00 48.07
N GLY B 619 -16.25 -7.31 46.95
CA GLY B 619 -17.25 -6.27 46.84
C GLY B 619 -18.65 -6.82 46.69
N PHE B 620 -19.62 -5.90 46.66
CA PHE B 620 -21.02 -6.24 46.55
C PHE B 620 -21.45 -7.13 47.71
N ARG B 621 -21.41 -6.53 48.90
CA ARG B 621 -21.57 -7.29 50.13
C ARG B 621 -22.92 -7.99 50.19
N SER B 622 -24.01 -7.24 50.00
CA SER B 622 -25.34 -7.77 50.21
C SER B 622 -25.79 -8.58 49.00
N THR B 623 -27.06 -8.95 48.98
CA THR B 623 -27.65 -9.70 47.87
C THR B 623 -28.40 -8.81 46.89
N GLN B 624 -29.19 -7.86 47.39
CA GLN B 624 -29.95 -6.99 46.49
C GLN B 624 -29.03 -6.09 45.69
N ASP B 625 -28.00 -5.54 46.32
CA ASP B 625 -27.05 -4.71 45.58
C ASP B 625 -26.31 -5.53 44.54
N THR B 626 -25.87 -6.73 44.90
CA THR B 626 -25.12 -7.55 43.96
C THR B 626 -25.95 -7.91 42.74
N VAL B 627 -27.21 -8.30 42.95
CA VAL B 627 -28.05 -8.69 41.82
C VAL B 627 -28.36 -7.49 40.94
N ILE B 628 -28.64 -6.34 41.54
CA ILE B 628 -29.03 -5.18 40.77
C ILE B 628 -27.82 -4.39 40.26
N ALA B 629 -26.76 -4.27 41.06
CA ALA B 629 -25.56 -3.59 40.58
C ALA B 629 -25.01 -4.27 39.33
N LEU B 630 -24.95 -5.60 39.35
CA LEU B 630 -24.55 -6.32 38.15
C LEU B 630 -25.47 -6.00 36.99
N ASP B 631 -26.75 -5.75 37.27
CA ASP B 631 -27.69 -5.42 36.20
C ASP B 631 -27.38 -4.07 35.59
N ALA B 632 -27.09 -3.06 36.41
CA ALA B 632 -26.84 -1.74 35.88
C ALA B 632 -25.59 -1.72 35.02
N LEU B 633 -24.49 -2.29 35.51
CA LEU B 633 -23.26 -2.32 34.72
C LEU B 633 -23.47 -3.09 33.42
N SER B 634 -24.22 -4.19 33.48
CA SER B 634 -24.58 -4.89 32.26
C SER B 634 -25.35 -3.97 31.32
N ALA B 635 -26.32 -3.23 31.85
CA ALA B 635 -27.08 -2.29 31.02
C ALA B 635 -26.19 -1.13 30.59
N TYR B 636 -25.39 -0.60 31.51
CA TYR B 636 -24.52 0.53 31.17
C TYR B 636 -23.50 0.13 30.11
N TRP B 637 -22.92 -1.05 30.23
CA TRP B 637 -21.90 -1.48 29.27
C TRP B 637 -22.48 -1.58 27.87
N ILE B 638 -23.66 -2.20 27.74
CA ILE B 638 -24.24 -2.37 26.41
C ILE B 638 -24.57 -1.01 25.81
N ALA B 639 -24.98 -0.04 26.63
CA ALA B 639 -25.24 1.29 26.10
C ALA B 639 -23.95 1.97 25.62
N SER B 640 -22.91 1.96 26.45
CA SER B 640 -21.69 2.68 26.10
C SER B 640 -21.03 2.08 24.87
N HIS B 641 -20.96 0.75 24.80
CA HIS B 641 -20.34 0.07 23.65
C HIS B 641 -21.44 -0.34 22.66
N THR B 642 -22.02 0.67 22.03
CA THR B 642 -23.09 0.48 21.07
C THR B 642 -22.78 1.27 19.80
N THR B 643 -23.07 0.67 18.65
CA THR B 643 -22.83 1.29 17.36
C THR B 643 -24.08 1.24 16.51
N GLU B 644 -24.30 2.29 15.72
CA GLU B 644 -25.43 2.40 14.83
C GLU B 644 -24.96 2.35 13.38
N GLU B 645 -25.92 2.50 12.46
CA GLU B 645 -25.60 2.48 11.04
C GLU B 645 -24.76 3.69 10.63
N ARG B 646 -24.96 4.84 11.28
CA ARG B 646 -24.24 6.07 10.94
C ARG B 646 -24.46 6.43 9.47
N GLY B 647 -25.69 6.27 8.99
CA GLY B 647 -25.98 6.56 7.60
C GLY B 647 -25.87 8.03 7.29
N LEU B 648 -25.50 8.33 6.04
CA LEU B 648 -25.30 9.72 5.63
C LEU B 648 -25.80 9.99 4.22
N ASN B 649 -26.57 9.09 3.61
CA ASN B 649 -26.79 9.17 2.17
C ASN B 649 -27.51 10.46 1.80
N VAL B 650 -27.02 11.11 0.74
CA VAL B 650 -27.56 12.38 0.27
C VAL B 650 -28.20 12.13 -1.09
N THR B 651 -28.84 13.18 -1.62
CA THR B 651 -29.47 13.12 -2.93
C THR B 651 -29.10 14.37 -3.72
N LEU B 652 -28.62 14.18 -4.94
CA LEU B 652 -28.26 15.27 -5.83
C LEU B 652 -29.22 15.24 -7.02
N SER B 653 -29.89 16.36 -7.27
CA SER B 653 -30.82 16.46 -8.38
C SER B 653 -30.82 17.88 -8.92
N SER B 654 -31.04 17.99 -10.24
CA SER B 654 -31.07 19.28 -10.90
C SER B 654 -31.79 19.13 -12.24
N THR B 655 -32.14 20.28 -12.82
CA THR B 655 -32.81 20.32 -14.12
C THR B 655 -31.76 20.66 -15.17
N GLY B 656 -31.08 19.63 -15.66
CA GLY B 656 -30.09 19.80 -16.71
C GLY B 656 -30.74 20.02 -18.05
N ARG B 657 -29.90 20.31 -19.05
CA ARG B 657 -30.41 20.52 -20.40
C ARG B 657 -31.07 19.25 -20.93
N ASN B 658 -30.47 18.10 -20.66
CA ASN B 658 -31.06 16.83 -21.09
C ASN B 658 -32.32 16.49 -20.30
N GLY B 659 -32.54 17.13 -19.16
CA GLY B 659 -33.73 16.87 -18.36
C GLY B 659 -33.48 16.88 -16.87
N PHE B 660 -34.11 15.98 -16.14
CA PHE B 660 -33.98 15.88 -14.69
C PHE B 660 -33.24 14.58 -14.35
N LYS B 661 -32.21 14.69 -13.52
CA LYS B 661 -31.41 13.55 -13.11
C LYS B 661 -31.24 13.58 -11.59
N SER B 662 -31.08 12.39 -11.01
CA SER B 662 -30.94 12.25 -9.57
C SER B 662 -29.80 11.28 -9.27
N HIS B 663 -29.23 11.43 -8.08
CA HIS B 663 -28.15 10.55 -7.64
C HIS B 663 -28.18 10.45 -6.12
N ALA B 664 -27.56 9.39 -5.61
CA ALA B 664 -27.47 9.14 -4.18
C ALA B 664 -26.13 8.53 -3.85
N LEU B 665 -25.69 8.70 -2.60
CA LEU B 665 -24.36 8.27 -2.17
C LEU B 665 -24.48 7.67 -0.77
N GLN B 666 -24.56 6.35 -0.69
CA GLN B 666 -24.72 5.66 0.59
C GLN B 666 -23.37 5.52 1.28
N LEU B 667 -23.33 5.90 2.57
CA LEU B 667 -22.10 5.87 3.37
C LEU B 667 -22.37 5.23 4.72
N ASN B 668 -23.05 4.07 4.73
CA ASN B 668 -23.34 3.41 5.99
C ASN B 668 -22.07 3.03 6.73
N ASN B 669 -21.13 2.39 6.04
CA ASN B 669 -19.87 1.95 6.64
C ASN B 669 -18.81 1.70 5.58
N LEU B 675 -16.81 4.19 4.90
CA LEU B 675 -15.98 4.53 3.75
C LEU B 675 -16.46 5.83 3.11
N GLU B 676 -15.82 6.23 2.02
CA GLU B 676 -16.11 7.47 1.32
C GLU B 676 -16.41 7.17 -0.13
N GLU B 677 -17.29 7.97 -0.73
CA GLU B 677 -17.77 7.73 -2.09
C GLU B 677 -17.66 9.00 -2.92
N GLU B 678 -17.48 8.80 -4.22
CA GLU B 678 -17.51 9.88 -5.20
C GLU B 678 -18.14 9.37 -6.47
N LEU B 679 -19.10 10.12 -7.01
CA LEU B 679 -19.93 9.66 -8.10
C LEU B 679 -19.92 10.67 -9.23
N GLN B 680 -19.83 10.18 -10.46
CA GLN B 680 -19.82 11.03 -11.64
C GLN B 680 -21.27 11.35 -12.01
N PHE B 681 -21.65 12.62 -11.87
CA PHE B 681 -23.02 13.05 -12.09
C PHE B 681 -23.06 14.11 -13.19
N SER B 682 -24.10 14.03 -14.03
CA SER B 682 -24.29 14.96 -15.15
C SER B 682 -25.35 15.97 -14.74
N LEU B 683 -24.91 17.00 -14.02
CA LEU B 683 -25.78 18.09 -13.58
C LEU B 683 -25.09 19.41 -13.89
N GLY B 684 -25.49 20.05 -14.97
CA GLY B 684 -24.89 21.30 -15.41
C GLY B 684 -25.53 22.55 -14.86
N SER B 685 -26.48 22.44 -13.95
CA SER B 685 -27.13 23.60 -13.35
C SER B 685 -27.14 23.50 -11.84
N LYS B 686 -27.82 24.42 -11.17
CA LYS B 686 -27.92 24.38 -9.72
C LYS B 686 -28.50 23.03 -9.28
N ILE B 687 -27.91 22.45 -8.24
CA ILE B 687 -28.27 21.11 -7.79
C ILE B 687 -28.97 21.22 -6.43
N ASN B 688 -29.74 20.18 -6.12
CA ASN B 688 -30.51 20.10 -4.89
C ASN B 688 -29.93 19.03 -3.99
N VAL B 689 -29.80 19.34 -2.71
CA VAL B 689 -29.23 18.43 -1.72
C VAL B 689 -30.27 18.18 -0.64
N LYS B 690 -30.46 16.90 -0.29
CA LYS B 690 -31.39 16.48 0.76
C LYS B 690 -30.71 15.50 1.70
N VAL B 691 -29.50 15.86 2.17
CA VAL B 691 -28.78 15.01 3.11
C VAL B 691 -29.70 14.55 4.22
N GLY B 692 -29.56 13.29 4.60
CA GLY B 692 -30.34 12.73 5.70
C GLY B 692 -29.55 11.64 6.40
N GLY B 693 -29.76 11.55 7.71
CA GLY B 693 -29.08 10.55 8.52
C GLY B 693 -28.44 11.15 9.75
N ASN B 694 -28.44 10.41 10.85
CA ASN B 694 -27.90 10.93 12.10
C ASN B 694 -26.42 11.26 11.97
N SER B 695 -25.71 10.61 11.06
CA SER B 695 -24.30 10.84 10.90
C SER B 695 -24.04 12.21 10.27
N LYS B 696 -22.84 12.73 10.51
CA LYS B 696 -22.41 14.01 9.98
C LYS B 696 -21.09 13.85 9.26
N GLY B 697 -20.94 14.54 8.13
CA GLY B 697 -19.73 14.44 7.34
C GLY B 697 -19.46 15.68 6.52
N THR B 698 -18.53 15.58 5.57
CA THR B 698 -18.14 16.69 4.71
C THR B 698 -18.46 16.33 3.27
N LEU B 699 -19.20 17.22 2.60
CA LEU B 699 -19.57 17.04 1.20
C LEU B 699 -19.01 18.20 0.39
N LYS B 700 -18.21 17.89 -0.63
CA LYS B 700 -17.68 18.90 -1.53
C LYS B 700 -17.85 18.42 -2.96
N VAL B 701 -18.13 19.36 -3.85
CA VAL B 701 -18.40 19.08 -5.26
C VAL B 701 -17.31 19.70 -6.10
N LEU B 702 -16.78 18.93 -7.04
CA LEU B 702 -15.71 19.37 -7.93
C LEU B 702 -16.27 19.59 -9.33
N ARG B 703 -15.98 20.77 -9.89
CA ARG B 703 -16.41 21.13 -11.23
C ARG B 703 -15.18 21.45 -12.07
N THR B 704 -15.15 20.93 -13.29
CA THR B 704 -14.02 21.09 -14.19
C THR B 704 -14.48 21.72 -15.50
N TYR B 705 -13.71 22.69 -15.98
CA TYR B 705 -14.05 23.39 -17.21
C TYR B 705 -12.80 24.08 -17.73
N ASN B 706 -12.93 24.65 -18.92
CA ASN B 706 -11.85 25.38 -19.57
C ASN B 706 -12.10 26.88 -19.44
N VAL B 707 -11.02 27.65 -19.40
CA VAL B 707 -11.11 29.11 -19.31
C VAL B 707 -10.26 29.71 -20.41
N LEU B 708 -10.26 31.05 -20.49
CA LEU B 708 -9.41 31.74 -21.46
C LEU B 708 -8.00 31.83 -20.91
N ASP B 709 -7.03 31.32 -21.67
CA ASP B 709 -5.65 31.27 -21.20
C ASP B 709 -5.02 32.65 -21.23
N MET B 710 -4.04 32.84 -20.34
CA MET B 710 -3.29 34.09 -20.28
C MET B 710 -1.80 33.88 -20.08
N LYS B 711 -1.31 32.64 -20.14
CA LYS B 711 0.09 32.37 -19.86
C LYS B 711 0.97 32.84 -21.01
N ASN B 712 2.03 33.56 -20.66
CA ASN B 712 2.97 34.06 -21.66
C ASN B 712 3.68 32.90 -22.36
N THR B 713 3.91 33.06 -23.66
CA THR B 713 4.63 32.06 -24.43
C THR B 713 6.14 32.17 -24.26
N THR B 714 6.64 33.35 -23.88
CA THR B 714 8.08 33.55 -23.75
C THR B 714 8.59 32.97 -22.44
N CYS B 715 9.75 32.33 -22.49
CA CYS B 715 10.35 31.76 -21.29
C CYS B 715 10.59 32.84 -20.25
N GLN B 716 10.35 32.51 -18.99
CA GLN B 716 10.45 33.50 -17.93
C GLN B 716 11.75 33.39 -17.15
N ASP B 717 12.23 32.17 -16.87
CA ASP B 717 13.42 31.98 -16.06
C ASP B 717 14.68 31.88 -16.92
N LEU B 718 14.73 30.89 -17.81
CA LEU B 718 15.90 30.65 -18.63
C LEU B 718 15.51 30.73 -20.10
N GLN B 719 16.34 31.35 -20.93
CA GLN B 719 16.01 31.60 -22.32
C GLN B 719 17.17 31.22 -23.23
N ILE B 720 16.84 30.88 -24.47
CA ILE B 720 17.83 30.65 -25.52
C ILE B 720 17.57 31.64 -26.64
N GLU B 721 18.65 32.15 -27.23
CA GLU B 721 18.58 32.96 -28.43
C GLU B 721 19.65 32.46 -29.39
N VAL B 722 19.22 31.87 -30.50
CA VAL B 722 20.12 31.29 -31.49
C VAL B 722 19.81 31.91 -32.84
N THR B 723 20.84 32.42 -33.51
CA THR B 723 20.69 33.05 -34.81
C THR B 723 21.61 32.37 -35.80
N VAL B 724 21.04 31.83 -36.88
CA VAL B 724 21.79 31.17 -37.92
C VAL B 724 22.04 32.18 -39.04
N LYS B 725 23.30 32.46 -39.31
CA LYS B 725 23.68 33.36 -40.38
C LYS B 725 24.57 32.62 -41.38
N GLY B 726 24.44 32.97 -42.64
CA GLY B 726 25.21 32.36 -43.71
C GLY B 726 24.31 32.02 -44.86
N HIS B 727 24.76 31.08 -45.69
CA HIS B 727 24.03 30.63 -46.86
C HIS B 727 23.59 29.19 -46.67
N VAL B 728 22.30 28.93 -46.84
CA VAL B 728 21.76 27.59 -46.83
C VAL B 728 21.13 27.34 -48.19
N GLU B 729 21.64 26.35 -48.91
CA GLU B 729 21.11 26.03 -50.23
C GLU B 729 19.81 25.26 -50.08
N TYR B 730 18.87 25.51 -50.98
CA TYR B 730 17.56 24.88 -50.96
C TYR B 730 17.25 24.25 -52.31
N THR B 731 16.68 23.04 -52.29
CA THR B 731 16.21 22.43 -53.52
C THR B 731 15.07 23.25 -54.14
N MET B 732 14.14 23.70 -53.30
CA MET B 732 13.05 24.54 -53.78
C MET B 732 12.63 25.46 -52.64
N GLU B 733 12.33 26.71 -53.00
CA GLU B 733 11.90 27.72 -52.04
C GLU B 733 10.75 28.51 -52.64
N ALA B 734 9.84 28.96 -51.78
CA ALA B 734 8.68 29.72 -52.21
C ALA B 734 9.10 30.94 -53.02
N ARG C 12 29.85 26.52 -43.66
CA ARG C 12 28.83 26.91 -44.61
C ARG C 12 27.64 27.56 -43.91
N VAL C 13 27.62 27.46 -42.59
CA VAL C 13 26.59 28.11 -41.78
C VAL C 13 27.15 28.33 -40.38
N HIS C 14 26.80 29.45 -39.78
CA HIS C 14 27.27 29.79 -38.45
C HIS C 14 26.13 29.71 -37.44
N TYR C 15 26.49 29.59 -36.17
CA TYR C 15 25.54 29.59 -35.07
C TYR C 15 26.06 30.46 -33.95
N THR C 16 25.14 30.98 -33.15
CA THR C 16 25.49 31.73 -31.96
C THR C 16 24.39 31.49 -30.93
N VAL C 17 24.59 30.49 -30.08
CA VAL C 17 23.59 30.15 -29.07
C VAL C 17 23.80 31.05 -27.86
N CYS C 18 22.72 31.68 -27.41
CA CYS C 18 22.82 32.62 -26.31
C CYS C 18 21.85 32.26 -25.20
N ILE C 19 22.36 32.20 -23.97
CA ILE C 19 21.60 31.76 -22.81
C ILE C 19 21.82 32.78 -21.69
N TRP C 20 20.77 33.06 -20.94
CA TRP C 20 20.89 33.89 -19.75
C TRP C 20 19.81 33.51 -18.75
N ARG C 21 20.05 33.85 -17.49
CA ARG C 21 19.18 33.50 -16.38
C ARG C 21 18.90 34.74 -15.55
N ASN C 22 17.65 34.93 -15.16
CA ASN C 22 17.30 36.07 -14.33
C ASN C 22 17.97 35.99 -12.96
N GLY C 23 17.94 34.82 -12.34
CA GLY C 23 18.64 34.60 -11.09
C GLY C 23 17.78 34.92 -9.88
N LYS C 24 18.35 34.62 -8.70
CA LYS C 24 17.70 34.88 -7.41
C LYS C 24 16.36 34.17 -7.30
N VAL C 25 16.13 33.14 -8.11
CA VAL C 25 14.90 32.38 -8.01
C VAL C 25 15.05 31.15 -7.12
N GLY C 26 16.28 30.77 -6.77
CA GLY C 26 16.54 29.58 -6.00
C GLY C 26 16.83 28.35 -6.84
N LEU C 27 16.55 28.39 -8.15
CA LEU C 27 16.83 27.30 -9.05
C LEU C 27 18.13 27.51 -9.82
N SER C 28 18.95 28.46 -9.39
CA SER C 28 20.20 28.74 -10.09
C SER C 28 21.04 27.48 -10.18
N GLY C 29 21.55 27.20 -11.37
CA GLY C 29 22.33 26.01 -11.58
C GLY C 29 22.83 25.95 -13.01
N MET C 30 23.52 24.87 -13.31
CA MET C 30 24.06 24.70 -14.65
C MET C 30 22.93 24.52 -15.65
N ALA C 31 23.29 24.60 -16.93
CA ALA C 31 22.33 24.46 -18.01
C ALA C 31 22.89 23.53 -19.08
N ILE C 32 21.99 22.87 -19.79
CA ILE C 32 22.35 21.95 -20.87
C ILE C 32 21.64 22.42 -22.12
N ALA C 33 22.35 23.09 -23.01
CA ALA C 33 21.76 23.44 -24.28
C ALA C 33 21.37 22.17 -25.03
N ASP C 34 20.34 22.28 -25.86
CA ASP C 34 19.86 21.18 -26.68
C ASP C 34 19.71 21.63 -28.12
N VAL C 35 20.67 22.43 -28.59
CA VAL C 35 20.52 23.06 -29.89
C VAL C 35 20.34 22.00 -30.96
N THR C 36 19.34 22.19 -31.80
CA THR C 36 19.09 21.31 -32.94
C THR C 36 19.29 22.10 -34.21
N LEU C 37 20.00 21.51 -35.17
CA LEU C 37 20.36 22.16 -36.40
C LEU C 37 19.34 21.83 -37.49
N LEU C 38 19.58 22.35 -38.69
CA LEU C 38 18.74 22.08 -39.84
C LEU C 38 19.08 20.69 -40.36
N SER C 39 18.53 20.32 -41.52
CA SER C 39 18.81 19.02 -42.11
C SER C 39 20.24 19.00 -42.63
N GLY C 40 20.99 17.95 -42.28
CA GLY C 40 22.33 17.79 -42.76
C GLY C 40 23.38 18.61 -42.08
N PHE C 41 23.05 19.27 -40.97
CA PHE C 41 23.99 20.14 -40.28
C PHE C 41 24.63 19.41 -39.10
N HIS C 42 25.93 19.59 -38.96
CA HIS C 42 26.65 19.04 -37.82
C HIS C 42 27.83 19.95 -37.49
N ALA C 43 27.87 20.43 -36.25
CA ALA C 43 28.90 21.38 -35.86
C ALA C 43 30.28 20.77 -36.02
N LEU C 44 31.25 21.60 -36.38
CA LEU C 44 32.62 21.14 -36.53
C LEU C 44 33.19 20.79 -35.17
N ARG C 45 33.60 19.54 -34.99
CA ARG C 45 34.22 19.13 -33.73
C ARG C 45 35.47 19.95 -33.45
N ALA C 46 36.13 20.46 -34.50
CA ALA C 46 37.29 21.31 -34.30
C ALA C 46 36.91 22.58 -33.56
N ASP C 47 35.79 23.21 -33.95
CA ASP C 47 35.40 24.46 -33.32
C ASP C 47 35.01 24.24 -31.87
N LEU C 48 34.13 23.27 -31.61
CA LEU C 48 33.70 23.01 -30.24
C LEU C 48 34.89 22.60 -29.37
N GLU C 49 35.75 21.74 -29.89
CA GLU C 49 36.92 21.33 -29.13
C GLU C 49 37.76 22.54 -28.73
N LYS C 50 37.84 23.55 -29.61
CA LYS C 50 38.57 24.76 -29.26
C LYS C 50 37.90 25.47 -28.09
N LEU C 51 36.57 25.44 -28.03
CA LEU C 51 35.86 26.12 -26.94
C LEU C 51 36.20 25.51 -25.60
N THR C 52 36.26 24.18 -25.53
CA THR C 52 36.48 23.50 -24.25
C THR C 52 37.92 23.62 -23.77
N SER C 53 38.89 23.47 -24.67
CA SER C 53 40.28 23.40 -24.25
C SER C 53 40.74 24.70 -23.58
N LEU C 54 40.14 25.82 -23.95
CA LEU C 54 40.63 27.11 -23.47
C LEU C 54 40.55 27.18 -21.95
N SER C 55 41.49 27.94 -21.36
CA SER C 55 41.41 28.20 -19.93
C SER C 55 40.12 28.94 -19.58
N ASP C 56 39.74 29.91 -20.41
CA ASP C 56 38.46 30.61 -20.25
C ASP C 56 37.41 29.82 -21.04
N ARG C 57 36.87 28.79 -20.39
CA ARG C 57 35.96 27.86 -21.03
C ARG C 57 34.54 28.12 -20.57
N TYR C 58 33.62 28.20 -21.53
CA TYR C 58 32.19 28.34 -21.27
C TYR C 58 31.43 27.05 -21.57
N VAL C 59 31.70 26.45 -22.72
CA VAL C 59 31.05 25.19 -23.11
C VAL C 59 31.86 24.06 -22.49
N SER C 60 31.59 23.76 -21.22
CA SER C 60 32.44 22.83 -20.48
C SER C 60 32.47 21.45 -21.12
N HIS C 61 31.30 20.94 -21.50
CA HIS C 61 31.17 19.62 -22.10
C HIS C 61 30.26 19.73 -23.30
N PHE C 62 30.69 19.18 -24.43
CA PHE C 62 29.90 19.21 -25.64
C PHE C 62 29.93 17.86 -26.31
N GLU C 63 28.79 17.45 -26.86
CA GLU C 63 28.71 16.27 -27.70
C GLU C 63 27.92 16.61 -28.95
N THR C 64 28.45 16.18 -30.10
CA THR C 64 27.87 16.49 -31.39
C THR C 64 27.76 15.22 -32.21
N GLU C 65 26.54 14.91 -32.65
CA GLU C 65 26.31 13.80 -33.57
C GLU C 65 25.19 14.24 -34.50
N GLY C 66 25.47 14.34 -35.78
CA GLY C 66 24.45 14.72 -36.74
C GLY C 66 23.80 16.03 -36.35
N PRO C 67 22.50 16.17 -36.63
CA PRO C 67 21.84 17.44 -36.31
C PRO C 67 21.99 17.86 -34.86
N HIS C 68 21.83 16.96 -33.91
CA HIS C 68 21.77 17.35 -32.51
C HIS C 68 23.11 17.83 -32.02
N VAL C 69 23.09 18.76 -31.07
CA VAL C 69 24.30 19.35 -30.49
C VAL C 69 24.01 19.70 -29.05
N LEU C 70 24.81 19.19 -28.12
CA LEU C 70 24.69 19.50 -26.70
C LEU C 70 25.87 20.35 -26.27
N LEU C 71 25.58 21.49 -25.67
CA LEU C 71 26.61 22.40 -25.17
C LEU C 71 26.35 22.66 -23.70
N TYR C 72 26.90 21.81 -22.84
CA TYR C 72 26.76 22.00 -21.41
C TYR C 72 27.46 23.29 -21.00
N PHE C 73 26.78 24.11 -20.20
CA PHE C 73 27.29 25.40 -19.77
C PHE C 73 27.49 25.37 -18.25
N ASP C 74 28.73 25.58 -17.81
CA ASP C 74 29.03 25.51 -16.38
C ASP C 74 28.41 26.68 -15.64
N SER C 75 28.49 27.88 -16.21
CA SER C 75 28.01 29.09 -15.57
C SER C 75 27.02 29.78 -16.51
N VAL C 76 25.86 30.15 -15.97
CA VAL C 76 24.85 30.89 -16.72
C VAL C 76 24.93 32.35 -16.30
N PRO C 77 25.33 33.26 -17.19
CA PRO C 77 25.45 34.66 -16.80
C PRO C 77 24.10 35.36 -16.83
N THR C 78 23.95 36.33 -15.92
CA THR C 78 22.70 37.08 -15.87
C THR C 78 22.47 37.84 -17.16
N SER C 79 23.52 38.45 -17.70
CA SER C 79 23.39 39.23 -18.93
C SER C 79 23.37 38.29 -20.13
N ARG C 80 23.26 38.88 -21.32
CA ARG C 80 23.25 38.12 -22.57
C ARG C 80 24.70 37.91 -23.03
N GLU C 81 25.45 37.19 -22.19
CA GLU C 81 26.81 36.78 -22.52
C GLU C 81 26.77 35.35 -23.02
N CYS C 82 27.23 35.14 -24.26
CA CYS C 82 26.95 33.88 -24.92
C CYS C 82 28.07 33.53 -25.90
N VAL C 83 28.06 32.26 -26.30
CA VAL C 83 29.10 31.68 -27.15
C VAL C 83 28.50 31.36 -28.51
N GLY C 84 29.37 31.09 -29.48
CA GLY C 84 28.95 30.69 -30.80
C GLY C 84 29.76 29.50 -31.29
N PHE C 85 29.48 29.09 -32.52
CA PHE C 85 30.26 28.06 -33.18
C PHE C 85 29.85 27.97 -34.64
N GLU C 86 30.54 27.13 -35.39
CA GLU C 86 30.30 26.99 -36.82
C GLU C 86 29.65 25.64 -37.11
N ALA C 87 29.03 25.54 -38.27
CA ALA C 87 28.44 24.28 -38.70
C ALA C 87 28.54 24.17 -40.22
N VAL C 88 28.49 22.92 -40.69
CA VAL C 88 28.59 22.61 -42.11
C VAL C 88 27.36 21.82 -42.51
N GLN C 89 27.07 21.80 -43.81
CA GLN C 89 25.93 21.07 -44.35
C GLN C 89 26.40 20.19 -45.50
N GLU C 90 25.75 19.04 -45.64
CA GLU C 90 26.05 18.11 -46.74
C GLU C 90 24.85 17.87 -47.65
N VAL C 91 23.68 17.62 -47.10
CA VAL C 91 22.49 17.30 -47.89
C VAL C 91 21.64 18.57 -47.98
N PRO C 92 21.23 19.00 -49.17
CA PRO C 92 20.37 20.19 -49.27
C PRO C 92 19.10 20.01 -48.46
N VAL C 93 18.68 21.09 -47.80
CA VAL C 93 17.43 21.05 -47.04
C VAL C 93 16.26 21.09 -48.01
N GLY C 94 15.34 20.16 -47.85
CA GLY C 94 14.26 19.98 -48.81
C GLY C 94 13.02 20.80 -48.53
N LEU C 95 12.91 21.36 -47.34
CA LEU C 95 11.74 22.15 -46.95
C LEU C 95 12.16 23.28 -46.03
N VAL C 96 11.31 24.30 -45.96
CA VAL C 96 11.55 25.50 -45.16
C VAL C 96 10.73 25.40 -43.89
N GLN C 97 11.38 25.63 -42.74
CA GLN C 97 10.70 25.50 -41.47
C GLN C 97 11.59 26.04 -40.36
N PRO C 98 11.06 26.24 -39.16
CA PRO C 98 11.92 26.61 -38.04
C PRO C 98 12.39 25.39 -37.27
N ALA C 99 13.69 25.26 -37.06
CA ALA C 99 14.22 24.22 -36.20
C ALA C 99 13.98 24.64 -34.75
N SER C 100 14.60 23.97 -33.80
CA SER C 100 14.28 24.18 -32.40
C SER C 100 15.55 24.42 -31.58
N ALA C 101 15.34 24.49 -30.27
CA ALA C 101 16.40 24.58 -29.27
C ALA C 101 15.73 24.38 -27.93
N THR C 102 16.54 24.17 -26.89
CA THR C 102 15.97 23.95 -25.57
C THR C 102 17.07 24.02 -24.53
N LEU C 103 16.80 24.72 -23.44
CA LEU C 103 17.74 24.87 -22.33
C LEU C 103 17.18 24.13 -21.13
N TYR C 104 17.68 22.93 -20.89
CA TYR C 104 17.30 22.17 -19.72
C TYR C 104 18.12 22.63 -18.52
N ASP C 105 17.43 22.91 -17.42
CA ASP C 105 18.14 23.12 -16.17
C ASP C 105 18.78 21.82 -15.73
N TYR C 106 20.08 21.86 -15.45
CA TYR C 106 20.84 20.63 -15.25
C TYR C 106 20.35 19.87 -14.02
N TYR C 107 19.79 20.58 -13.04
CA TYR C 107 19.28 19.93 -11.83
C TYR C 107 17.80 19.61 -11.89
N ASN C 108 17.09 20.03 -12.92
CA ASN C 108 15.66 19.73 -13.00
C ASN C 108 15.19 19.94 -14.43
N PRO C 109 15.44 18.98 -15.32
CA PRO C 109 15.12 19.18 -16.73
C PRO C 109 13.65 19.43 -17.03
N GLU C 110 12.75 19.34 -16.05
CA GLU C 110 11.35 19.62 -16.29
C GLU C 110 11.05 21.10 -16.44
N ARG C 111 11.93 22.00 -15.99
CA ARG C 111 11.77 23.43 -16.25
C ARG C 111 12.62 23.86 -17.45
N ARG C 112 12.32 23.26 -18.60
CA ARG C 112 13.06 23.52 -19.81
C ARG C 112 12.67 24.90 -20.35
N CYS C 113 13.14 25.20 -21.56
CA CYS C 113 12.74 26.42 -22.26
C CYS C 113 12.85 26.16 -23.76
N SER C 114 11.74 25.76 -24.38
CA SER C 114 11.73 25.52 -25.82
C SER C 114 11.73 26.85 -26.55
N VAL C 115 12.61 26.97 -27.54
CA VAL C 115 12.72 28.16 -28.35
C VAL C 115 12.82 27.72 -29.81
N PHE C 116 12.67 28.69 -30.71
CA PHE C 116 12.75 28.41 -32.13
C PHE C 116 13.75 29.33 -32.80
N TYR C 117 14.03 29.02 -34.06
CA TYR C 117 14.83 29.86 -34.95
C TYR C 117 14.57 29.37 -36.36
N GLY C 118 15.24 29.98 -37.32
CA GLY C 118 15.05 29.57 -38.70
C GLY C 118 16.22 29.90 -39.60
N ALA C 119 15.99 29.82 -40.90
CA ALA C 119 17.01 30.20 -41.86
C ALA C 119 17.32 31.69 -41.72
N PRO C 120 18.49 32.13 -42.18
CA PRO C 120 18.89 33.52 -41.91
C PRO C 120 17.87 34.55 -42.35
N SER C 121 17.23 34.35 -43.49
CA SER C 121 16.25 35.31 -44.00
C SER C 121 14.84 35.03 -43.52
N LYS C 122 14.60 33.90 -42.88
CA LYS C 122 13.26 33.50 -42.49
C LYS C 122 13.01 33.88 -41.02
N SER C 123 11.86 33.45 -40.50
CA SER C 123 11.40 33.81 -39.17
C SER C 123 11.35 32.57 -38.30
N ARG C 124 10.97 32.78 -37.03
CA ARG C 124 10.89 31.72 -36.04
C ARG C 124 9.50 31.13 -35.92
N LEU C 125 8.59 31.44 -36.85
CA LEU C 125 7.24 30.91 -36.83
C LEU C 125 6.75 30.75 -38.26
N LEU C 126 5.59 30.11 -38.41
CA LEU C 126 4.94 29.97 -39.69
C LEU C 126 3.85 31.02 -39.84
N ALA C 127 3.35 31.14 -41.07
CA ALA C 127 2.36 32.17 -41.40
C ALA C 127 0.96 31.62 -41.15
N THR C 128 0.28 32.18 -40.15
CA THR C 128 -1.10 31.83 -39.84
C THR C 128 -1.97 33.08 -39.90
N LEU C 129 -3.10 32.96 -40.58
CA LEU C 129 -4.13 34.00 -40.58
C LEU C 129 -5.03 33.87 -39.34
N CYS C 130 -4.51 33.25 -38.27
CA CYS C 130 -5.37 32.75 -37.21
C CYS C 130 -6.13 33.86 -36.49
N SER C 131 -5.44 34.60 -35.62
CA SER C 131 -5.89 35.90 -35.10
C SER C 131 -7.40 35.97 -34.89
N ALA C 132 -8.03 34.84 -34.53
CA ALA C 132 -9.47 34.82 -34.40
C ALA C 132 -10.01 33.47 -33.91
N GLU C 133 -11.34 33.37 -33.78
CA GLU C 133 -11.96 32.07 -33.54
C GLU C 133 -11.73 31.13 -34.71
N VAL C 134 -12.03 31.58 -35.92
CA VAL C 134 -11.58 30.89 -37.12
C VAL C 134 -10.06 30.97 -37.18
N CYS C 135 -9.43 29.95 -37.75
CA CYS C 135 -7.97 29.87 -37.73
C CYS C 135 -7.50 29.05 -38.91
N GLN C 136 -6.75 29.69 -39.81
CA GLN C 136 -6.23 29.04 -41.01
C GLN C 136 -4.81 29.50 -41.25
N CYS C 137 -3.99 28.63 -41.82
CA CYS C 137 -2.60 28.91 -42.14
C CYS C 137 -2.40 28.92 -43.65
N ALA C 138 -1.33 29.60 -44.08
CA ALA C 138 -1.09 29.89 -45.48
C ALA C 138 0.34 29.53 -45.87
N GLU C 139 0.76 28.32 -45.53
CA GLU C 139 2.07 27.81 -45.93
C GLU C 139 1.96 27.23 -47.34
N GLY C 140 2.62 27.88 -48.30
CA GLY C 140 2.59 27.43 -49.68
C GLY C 140 3.03 28.51 -50.66
N VAL D 2 48.01 35.32 -24.61
CA VAL D 2 47.11 35.69 -25.68
C VAL D 2 47.34 37.14 -26.06
N GLN D 3 48.34 37.38 -26.91
CA GLN D 3 48.70 38.71 -27.34
C GLN D 3 48.63 38.79 -28.86
N LEU D 4 48.39 40.00 -29.36
CA LEU D 4 48.23 40.25 -30.78
C LEU D 4 49.39 41.10 -31.27
N VAL D 5 49.95 40.73 -32.43
CA VAL D 5 51.05 41.46 -33.05
C VAL D 5 50.67 41.76 -34.49
N GLU D 6 50.85 43.02 -34.89
CA GLU D 6 50.51 43.47 -36.23
C GLU D 6 51.69 44.21 -36.84
N SER D 7 51.91 43.99 -38.14
CA SER D 7 52.97 44.68 -38.86
C SER D 7 52.61 44.70 -40.34
N GLY D 8 53.23 45.62 -41.06
CA GLY D 8 53.01 45.75 -42.49
C GLY D 8 52.87 47.20 -42.94
N VAL D 12 50.98 54.81 -48.61
CA VAL D 12 50.81 54.21 -49.93
C VAL D 12 49.93 55.09 -50.80
N GLN D 13 50.37 55.32 -52.03
CA GLN D 13 49.63 56.19 -52.94
C GLN D 13 48.26 55.59 -53.26
N ALA D 14 47.30 56.49 -53.48
CA ALA D 14 45.91 56.07 -53.69
C ALA D 14 45.81 55.20 -54.94
N GLY D 15 44.93 54.21 -54.89
CA GLY D 15 44.80 53.24 -55.94
C GLY D 15 45.75 52.07 -55.86
N GLY D 16 46.59 52.01 -54.83
CA GLY D 16 47.51 50.93 -54.64
C GLY D 16 46.89 49.75 -53.93
N SER D 17 47.73 48.97 -53.28
CA SER D 17 47.29 47.79 -52.55
C SER D 17 48.22 47.54 -51.39
N LEU D 18 47.73 46.79 -50.40
CA LEU D 18 48.54 46.40 -49.25
C LEU D 18 48.06 45.05 -48.76
N ARG D 19 48.96 44.34 -48.09
CA ARG D 19 48.69 43.02 -47.51
C ARG D 19 49.11 43.04 -46.04
N LEU D 20 48.17 43.47 -45.19
CA LEU D 20 48.42 43.50 -43.75
C LEU D 20 48.28 42.10 -43.18
N SER D 21 49.13 41.77 -42.22
CA SER D 21 49.11 40.46 -41.56
C SER D 21 49.24 40.63 -40.06
N CYS D 22 48.33 40.00 -39.32
CA CYS D 22 48.36 39.98 -37.86
C CYS D 22 48.62 38.55 -37.41
N VAL D 23 49.56 38.39 -36.49
CA VAL D 23 49.97 37.06 -36.02
C VAL D 23 49.56 36.93 -34.56
N ALA D 24 48.89 35.82 -34.25
CA ALA D 24 48.49 35.51 -32.89
C ALA D 24 48.96 34.10 -32.55
N SER D 25 49.57 33.97 -31.37
CA SER D 25 50.06 32.66 -30.94
C SER D 25 48.95 31.61 -30.99
N GLU D 26 47.81 31.93 -30.38
CA GLU D 26 46.66 31.02 -30.40
C GLU D 26 45.92 31.17 -31.72
N ARG D 27 45.42 30.05 -32.24
CA ARG D 27 44.76 30.00 -33.54
C ARG D 27 43.27 30.22 -33.34
N THR D 28 42.76 31.36 -33.78
CA THR D 28 41.35 31.70 -33.62
C THR D 28 40.92 32.61 -34.78
N TYR D 29 39.79 33.28 -34.58
CA TYR D 29 39.02 33.96 -35.63
C TYR D 29 39.30 35.45 -35.69
N MET D 30 40.43 35.92 -35.18
CA MET D 30 40.64 37.35 -35.03
C MET D 30 40.22 38.12 -36.28
N ALA D 31 39.51 39.22 -36.07
CA ALA D 31 38.98 40.06 -37.14
C ALA D 31 39.78 41.35 -37.22
N TRP D 32 39.36 42.23 -38.13
CA TRP D 32 40.03 43.50 -38.38
C TRP D 32 39.12 44.65 -38.00
N PHE D 33 39.68 45.63 -37.29
CA PHE D 33 38.98 46.87 -36.96
C PHE D 33 39.86 48.04 -37.37
N ARG D 34 39.23 49.15 -37.73
CA ARG D 34 39.95 50.37 -38.07
C ARG D 34 39.40 51.52 -37.23
N GLN D 35 40.31 52.43 -36.85
CA GLN D 35 39.95 53.59 -36.06
C GLN D 35 40.55 54.83 -36.70
N ALA D 36 39.71 55.83 -36.93
CA ALA D 36 40.20 57.10 -37.44
C ALA D 36 40.14 58.16 -36.35
N PRO D 37 41.04 59.13 -36.36
CA PRO D 37 41.08 60.11 -35.27
C PRO D 37 39.78 60.89 -35.17
N GLY D 38 39.34 61.12 -33.94
CA GLY D 38 38.15 61.91 -33.67
C GLY D 38 36.85 61.15 -33.81
N LYS D 39 36.88 59.88 -34.19
CA LYS D 39 35.66 59.10 -34.37
C LYS D 39 35.90 57.66 -33.93
N GLU D 40 34.81 56.99 -33.57
CA GLU D 40 34.89 55.67 -32.96
C GLU D 40 35.20 54.61 -34.02
N ARG D 41 35.97 53.61 -33.61
CA ARG D 41 36.45 52.58 -34.52
C ARG D 41 35.29 51.77 -35.10
N GLU D 42 35.43 51.38 -36.37
CA GLU D 42 34.42 50.60 -37.06
C GLU D 42 35.08 49.42 -37.77
N PHE D 43 34.35 48.32 -37.85
CA PHE D 43 34.91 47.07 -38.37
C PHE D 43 35.08 47.14 -39.88
N VAL D 44 36.02 46.37 -40.39
CA VAL D 44 36.25 46.26 -41.82
C VAL D 44 35.89 44.86 -42.33
N ALA D 45 36.18 43.83 -41.57
CA ALA D 45 35.90 42.45 -41.99
C ALA D 45 36.25 41.53 -40.82
N ALA D 46 35.96 40.24 -40.99
CA ALA D 46 36.26 39.23 -39.99
C ALA D 46 36.33 37.88 -40.68
N ILE D 47 36.96 36.92 -39.99
CA ILE D 47 37.12 35.56 -40.50
C ILE D 47 37.03 34.59 -39.34
N THR D 48 36.38 33.46 -39.56
CA THR D 48 36.21 32.44 -38.54
C THR D 48 37.48 31.60 -38.40
N SER D 49 37.45 30.69 -37.44
CA SER D 49 38.64 29.89 -37.15
C SER D 49 39.05 29.06 -38.36
N SER D 50 38.10 28.37 -38.99
CA SER D 50 38.42 27.56 -40.15
C SER D 50 38.58 28.38 -41.42
N GLY D 51 38.08 29.61 -41.44
CA GLY D 51 38.20 30.46 -42.60
C GLY D 51 37.26 30.14 -43.75
N MET D 52 36.31 29.23 -43.56
CA MET D 52 35.37 28.92 -44.63
C MET D 52 34.52 30.12 -44.98
N MET D 53 34.06 30.87 -43.98
CA MET D 53 33.14 31.99 -44.17
C MET D 53 33.74 33.27 -43.61
N THR D 54 33.57 34.36 -44.35
CA THR D 54 34.07 35.67 -43.96
C THR D 54 33.05 36.72 -44.34
N GLU D 55 33.06 37.84 -43.61
CA GLU D 55 32.23 38.99 -43.94
C GLU D 55 33.11 40.23 -44.05
N TYR D 56 32.71 41.16 -44.91
CA TYR D 56 33.42 42.42 -45.10
C TYR D 56 32.48 43.58 -44.77
N ALA D 57 33.07 44.70 -44.39
CA ALA D 57 32.29 45.90 -44.15
C ALA D 57 31.58 46.30 -45.45
N PRO D 58 30.37 46.86 -45.35
CA PRO D 58 29.63 47.19 -46.58
C PRO D 58 30.36 48.15 -47.49
N SER D 59 31.26 48.99 -46.95
CA SER D 59 31.99 49.92 -47.78
C SER D 59 33.05 49.23 -48.65
N VAL D 60 33.43 48.01 -48.30
CA VAL D 60 34.51 47.32 -49.01
C VAL D 60 34.03 45.97 -49.54
N LYS D 61 32.75 45.89 -49.92
CA LYS D 61 32.25 44.70 -50.60
C LYS D 61 33.08 44.40 -51.84
N GLY D 62 33.48 43.13 -51.97
CA GLY D 62 34.20 42.66 -53.14
C GLY D 62 35.58 43.25 -53.33
N ARG D 63 36.12 43.96 -52.36
CA ARG D 63 37.39 44.66 -52.51
C ARG D 63 38.46 44.14 -51.56
N PHE D 64 38.12 43.86 -50.31
CA PHE D 64 39.06 43.37 -49.32
C PHE D 64 38.71 41.93 -48.97
N THR D 65 39.72 41.06 -49.04
CA THR D 65 39.55 39.64 -48.78
C THR D 65 40.53 39.20 -47.71
N ILE D 66 40.10 38.22 -46.91
CA ILE D 66 40.87 37.72 -45.79
C ILE D 66 41.21 36.26 -46.04
N SER D 67 42.45 35.88 -45.71
CA SER D 67 42.89 34.49 -45.76
C SER D 67 43.76 34.23 -44.55
N ARG D 68 43.95 32.95 -44.22
CA ARG D 68 44.72 32.55 -43.05
C ARG D 68 45.71 31.46 -43.43
N ASP D 69 46.79 31.40 -42.66
CA ASP D 69 47.83 30.39 -42.82
C ASP D 69 47.67 29.35 -41.73
N ASN D 70 47.56 28.08 -42.12
CA ASN D 70 47.40 27.01 -41.15
C ASN D 70 48.70 26.65 -40.43
N ALA D 71 49.84 27.04 -40.98
CA ALA D 71 51.13 26.71 -40.38
C ALA D 71 51.54 27.71 -39.30
N LYS D 72 51.65 28.99 -39.67
CA LYS D 72 52.01 30.02 -38.70
C LYS D 72 50.78 30.67 -38.07
N ASN D 73 49.58 30.31 -38.53
CA ASN D 73 48.34 30.68 -37.85
C ASN D 73 48.20 32.20 -37.74
N THR D 74 48.11 32.85 -38.90
CA THR D 74 47.96 34.30 -38.98
C THR D 74 46.70 34.62 -39.75
N VAL D 75 46.50 35.90 -40.02
CA VAL D 75 45.45 36.39 -40.91
C VAL D 75 46.10 37.22 -42.01
N TYR D 76 45.76 36.91 -43.24
CA TYR D 76 46.30 37.60 -44.42
C TYR D 76 45.20 38.47 -44.99
N LEU D 77 45.39 39.79 -44.91
CA LEU D 77 44.40 40.76 -45.36
C LEU D 77 45.00 41.58 -46.49
N GLN D 78 44.65 41.22 -47.73
CA GLN D 78 45.06 41.98 -48.91
C GLN D 78 44.04 43.06 -49.18
N MET D 79 44.51 44.21 -49.68
CA MET D 79 43.71 45.43 -49.77
C MET D 79 43.82 46.03 -51.17
N ASN D 80 43.61 45.22 -52.19
CA ASN D 80 43.74 45.69 -53.55
C ASN D 80 42.78 46.85 -53.83
N SER D 81 43.22 47.76 -54.69
CA SER D 81 42.42 48.92 -55.12
C SER D 81 42.04 49.78 -53.90
N LEU D 82 43.07 50.34 -53.28
CA LEU D 82 42.87 51.18 -52.11
C LEU D 82 42.06 52.42 -52.48
N LYS D 83 41.18 52.82 -51.56
CA LYS D 83 40.31 53.97 -51.75
C LYS D 83 40.82 55.12 -50.91
N PRO D 84 41.06 56.30 -51.50
CA PRO D 84 42.05 57.23 -50.92
C PRO D 84 41.78 57.69 -49.50
N GLU D 85 40.53 57.95 -49.10
CA GLU D 85 40.26 58.51 -47.78
C GLU D 85 39.92 57.43 -46.76
N ASP D 86 40.52 56.25 -46.91
CA ASP D 86 40.34 55.16 -45.96
C ASP D 86 41.42 55.14 -44.88
N THR D 87 42.27 56.16 -44.85
CA THR D 87 43.38 56.18 -43.90
C THR D 87 42.86 56.04 -42.47
N ALA D 88 43.48 55.15 -41.71
CA ALA D 88 43.10 54.91 -40.32
C ALA D 88 44.06 53.88 -39.74
N VAL D 89 44.03 53.75 -38.41
CA VAL D 89 44.82 52.75 -37.71
C VAL D 89 43.99 51.48 -37.58
N TYR D 90 44.55 50.37 -38.02
CA TYR D 90 43.84 49.10 -38.11
C TYR D 90 44.23 48.21 -36.93
N TYR D 91 43.22 47.65 -36.26
CA TYR D 91 43.42 46.82 -35.08
C TYR D 91 42.95 45.41 -35.35
N CYS D 92 43.79 44.43 -35.05
CA CYS D 92 43.42 43.03 -35.08
C CYS D 92 43.17 42.56 -33.65
N ALA D 93 41.95 42.10 -33.38
CA ALA D 93 41.58 41.67 -32.04
C ALA D 93 40.65 40.48 -32.15
N ALA D 94 40.43 39.80 -31.02
CA ALA D 94 39.63 38.59 -31.01
C ALA D 94 39.10 38.35 -29.61
N ASP D 95 38.15 37.43 -29.52
CA ASP D 95 37.70 36.88 -28.24
C ASP D 95 37.86 35.37 -28.29
N LEU D 96 37.53 34.73 -27.17
CA LEU D 96 37.71 33.28 -27.04
C LEU D 96 36.42 32.50 -27.22
N ARG D 97 35.34 33.15 -27.66
CA ARG D 97 34.03 32.52 -27.75
C ARG D 97 33.50 32.45 -29.18
N GLN D 98 34.34 32.71 -30.18
CA GLN D 98 33.95 32.53 -31.58
C GLN D 98 32.57 33.12 -31.84
N ARG D 99 32.41 34.42 -31.60
CA ARG D 99 31.18 35.13 -31.92
C ARG D 99 31.35 35.82 -33.28
N PHE D 100 31.35 35.00 -34.33
CA PHE D 100 31.61 35.50 -35.67
C PHE D 100 30.63 36.60 -36.02
N GLY D 101 31.13 37.62 -36.70
CA GLY D 101 30.28 38.70 -37.16
C GLY D 101 29.81 39.63 -36.07
N GLU D 102 30.37 39.53 -34.87
CA GLU D 102 29.97 40.40 -33.78
C GLU D 102 30.49 41.80 -34.03
N ARG D 103 29.70 42.60 -34.75
CA ARG D 103 30.17 43.90 -35.23
C ARG D 103 30.58 44.80 -34.07
N VAL D 104 29.68 44.98 -33.10
CA VAL D 104 29.93 45.92 -32.02
C VAL D 104 31.14 45.47 -31.22
N THR D 105 31.77 46.42 -30.53
CA THR D 105 33.04 46.17 -29.85
C THR D 105 32.77 45.38 -28.57
N GLU D 106 32.80 44.06 -28.71
CA GLU D 106 32.81 43.14 -27.57
C GLU D 106 33.96 42.16 -27.70
N TYR D 107 35.06 42.62 -28.27
CA TYR D 107 36.29 41.85 -28.36
C TYR D 107 37.20 42.24 -27.22
N ASP D 108 37.81 41.26 -26.57
CA ASP D 108 38.70 41.52 -25.45
C ASP D 108 40.16 41.39 -25.89
N TYR D 109 41.06 41.82 -25.02
CA TYR D 109 42.50 41.82 -25.29
C TYR D 109 42.79 42.37 -26.69
N TRP D 110 42.45 43.65 -26.85
CA TRP D 110 42.65 44.31 -28.13
C TRP D 110 44.12 44.37 -28.49
N GLY D 111 44.40 44.29 -29.79
CA GLY D 111 45.75 44.46 -30.28
C GLY D 111 46.16 45.93 -30.33
N GLN D 112 47.39 46.15 -30.77
CA GLN D 112 47.92 47.50 -30.85
C GLN D 112 47.68 48.14 -32.22
N GLY D 113 47.74 47.34 -33.28
CA GLY D 113 47.52 47.86 -34.62
C GLY D 113 48.75 48.51 -35.21
N THR D 114 48.60 48.98 -36.44
CA THR D 114 49.68 49.63 -37.16
C THR D 114 49.13 50.81 -37.94
N GLN D 115 49.90 51.91 -37.98
CA GLN D 115 49.49 53.09 -38.70
C GLN D 115 49.70 52.90 -40.19
N VAL D 116 48.68 53.24 -40.98
CA VAL D 116 48.76 53.20 -42.43
C VAL D 116 48.10 54.47 -42.97
N THR D 117 48.73 55.07 -43.96
CA THR D 117 48.23 56.30 -44.57
C THR D 117 48.13 56.11 -46.08
N VAL D 118 47.12 56.74 -46.68
CA VAL D 118 46.90 56.71 -48.12
C VAL D 118 46.95 58.13 -48.65
N SER D 119 47.76 58.34 -49.67
CA SER D 119 47.95 59.65 -50.27
C SER D 119 47.36 59.66 -51.67
N SER D 120 46.56 60.67 -51.98
CA SER D 120 45.94 60.81 -53.29
C SER D 120 47.00 60.97 -54.37
#